data_2JX2
#
_entry.id   2JX2
#
_entity_poly.entity_id   1
_entity_poly.type   'polypeptide(L)'
_entity_poly.pdbx_seq_one_letter_code
;MGSSHHHHHHSSGLVPRGSHMGPFRRSDSFPERRAPRKGNTLYVYGEDMTPTLLRGAFSPFGNIIDLSMDPPRNCAFVTY
EKMESADQAVAELNGTQVESVQLKVNIARKQPMLDAATGKS
;
_entity_poly.pdbx_strand_id   A
#
# COMPACT_ATOMS: atom_id res chain seq x y z
N ALA A 35 6.32 -1.40 -19.47
CA ALA A 35 5.05 -0.67 -19.21
C ALA A 35 5.36 0.74 -18.71
N PRO A 36 4.96 1.75 -19.49
CA PRO A 36 5.20 3.17 -19.14
C PRO A 36 4.35 3.61 -17.94
N ARG A 37 3.33 2.85 -17.62
CA ARG A 37 2.47 3.23 -16.46
C ARG A 37 2.34 2.04 -15.50
N LYS A 38 2.21 2.32 -14.24
CA LYS A 38 2.09 1.20 -13.24
C LYS A 38 1.25 1.68 -12.07
N GLY A 39 1.21 0.92 -11.00
CA GLY A 39 0.40 1.33 -9.82
C GLY A 39 -0.08 0.10 -9.06
N ASN A 40 0.72 -0.42 -8.17
CA ASN A 40 0.30 -1.63 -7.40
C ASN A 40 -0.44 -1.19 -6.14
N THR A 41 -1.75 -1.28 -6.14
CA THR A 41 -2.53 -0.86 -4.95
C THR A 41 -2.30 -1.87 -3.82
N LEU A 42 -2.06 -1.38 -2.63
CA LEU A 42 -1.83 -2.30 -1.48
C LEU A 42 -2.95 -2.13 -0.46
N TYR A 43 -3.32 -3.18 0.22
CA TYR A 43 -4.40 -3.07 1.24
C TYR A 43 -3.79 -2.92 2.62
N VAL A 44 -4.15 -1.88 3.33
CA VAL A 44 -3.60 -1.66 4.68
C VAL A 44 -4.74 -1.62 5.71
N TYR A 45 -4.59 -2.31 6.80
CA TYR A 45 -5.67 -2.30 7.84
C TYR A 45 -5.10 -1.85 9.18
N GLY A 46 -5.81 -1.01 9.88
CA GLY A 46 -5.31 -0.53 11.20
C GLY A 46 -6.34 0.40 11.84
N GLU A 47 -6.04 0.95 12.98
CA GLU A 47 -7.01 1.87 13.64
C GLU A 47 -6.38 3.26 13.78
N ASP A 48 -7.19 4.27 13.87
CA ASP A 48 -6.65 5.66 14.01
C ASP A 48 -5.48 5.84 13.04
N MET A 49 -5.67 5.46 11.80
CA MET A 49 -4.57 5.63 10.80
C MET A 49 -4.73 6.96 10.07
N THR A 50 -3.64 7.61 9.76
CA THR A 50 -3.73 8.92 9.05
C THR A 50 -3.03 8.81 7.69
N PRO A 51 -3.26 9.79 6.81
CA PRO A 51 -2.67 9.83 5.48
C PRO A 51 -1.16 10.09 5.53
N THR A 52 -0.75 11.11 6.24
CA THR A 52 0.70 11.42 6.33
C THR A 52 1.44 10.22 6.92
N LEU A 53 0.89 9.59 7.93
CA LEU A 53 1.56 8.41 8.53
C LEU A 53 1.71 7.31 7.49
N LEU A 54 0.64 6.97 6.81
CA LEU A 54 0.72 5.90 5.77
C LEU A 54 1.72 6.31 4.69
N ARG A 55 1.69 7.55 4.29
CA ARG A 55 2.64 8.02 3.23
C ARG A 55 4.07 7.77 3.71
N GLY A 56 4.32 7.87 4.98
CA GLY A 56 5.70 7.64 5.50
C GLY A 56 5.99 6.13 5.51
N ALA A 57 4.99 5.33 5.75
CA ALA A 57 5.21 3.86 5.78
C ALA A 57 5.43 3.34 4.36
N PHE A 58 5.00 4.10 3.38
CA PHE A 58 5.17 3.66 1.97
C PHE A 58 6.00 4.71 1.21
N SER A 59 6.47 5.72 1.88
CA SER A 59 7.26 6.77 1.20
C SER A 59 8.65 6.22 0.84
N PRO A 60 9.39 5.73 1.84
CA PRO A 60 10.73 5.18 1.63
C PRO A 60 10.69 3.85 0.87
N PHE A 61 9.65 3.09 1.05
CA PHE A 61 9.54 1.78 0.34
C PHE A 61 9.52 2.02 -1.17
N GLY A 62 8.93 3.10 -1.59
CA GLY A 62 8.87 3.40 -3.05
C GLY A 62 8.00 4.63 -3.29
N ASN A 63 7.76 4.98 -4.52
CA ASN A 63 6.92 6.17 -4.81
C ASN A 63 5.45 5.74 -4.97
N ILE A 64 4.54 6.52 -4.48
CA ILE A 64 3.09 6.17 -4.60
C ILE A 64 2.45 7.01 -5.70
N ILE A 65 1.75 6.39 -6.61
CA ILE A 65 1.09 7.15 -7.71
C ILE A 65 -0.35 7.47 -7.31
N ASP A 66 -0.91 6.71 -6.41
CA ASP A 66 -2.31 6.97 -5.99
C ASP A 66 -2.56 6.33 -4.62
N LEU A 67 -2.71 7.14 -3.61
CA LEU A 67 -2.95 6.58 -2.24
C LEU A 67 -4.38 6.94 -1.80
N SER A 68 -5.17 5.95 -1.49
CA SER A 68 -6.57 6.22 -1.06
C SER A 68 -6.77 5.72 0.38
N MET A 69 -7.64 6.34 1.12
CA MET A 69 -7.89 5.90 2.52
C MET A 69 -9.37 5.59 2.70
N ASP A 70 -9.68 4.60 3.49
CA ASP A 70 -11.11 4.23 3.71
C ASP A 70 -11.44 4.30 5.20
N PRO A 71 -12.16 5.34 5.61
CA PRO A 71 -12.54 5.51 7.02
C PRO A 71 -13.66 4.56 7.49
N PRO A 72 -14.56 4.11 6.59
CA PRO A 72 -15.65 3.20 6.97
C PRO A 72 -15.14 1.78 7.22
N ARG A 73 -14.09 1.39 6.54
CA ARG A 73 -13.56 0.02 6.72
C ARG A 73 -12.24 0.07 7.49
N ASN A 74 -11.76 1.26 7.77
CA ASN A 74 -10.48 1.38 8.52
C ASN A 74 -9.35 0.75 7.71
N CYS A 75 -9.39 0.88 6.41
CA CYS A 75 -8.32 0.29 5.56
C CYS A 75 -7.80 1.34 4.58
N ALA A 76 -6.51 1.42 4.39
CA ALA A 76 -5.95 2.43 3.45
C ALA A 76 -5.39 1.71 2.22
N PHE A 77 -5.44 2.34 1.08
CA PHE A 77 -4.91 1.69 -0.16
C PHE A 77 -3.70 2.48 -0.66
N VAL A 78 -2.63 1.80 -0.97
CA VAL A 78 -1.41 2.51 -1.46
C VAL A 78 -1.02 1.94 -2.83
N THR A 79 -0.83 2.80 -3.80
CA THR A 79 -0.44 2.32 -5.15
C THR A 79 1.06 2.50 -5.36
N TYR A 80 1.74 1.48 -5.83
CA TYR A 80 3.21 1.61 -6.04
C TYR A 80 3.52 1.57 -7.55
N GLU A 81 4.51 2.30 -7.98
CA GLU A 81 4.85 2.30 -9.43
C GLU A 81 5.46 0.95 -9.81
N LYS A 82 6.11 0.30 -8.88
CA LYS A 82 6.72 -1.02 -9.19
C LYS A 82 6.20 -2.07 -8.20
N MET A 83 6.04 -3.29 -8.64
CA MET A 83 5.53 -4.35 -7.73
C MET A 83 6.55 -4.58 -6.61
N GLU A 84 7.78 -4.24 -6.84
CA GLU A 84 8.82 -4.45 -5.78
C GLU A 84 8.58 -3.47 -4.63
N SER A 85 8.17 -2.27 -4.93
CA SER A 85 7.91 -1.28 -3.84
C SER A 85 6.83 -1.81 -2.90
N ALA A 86 5.88 -2.54 -3.43
CA ALA A 86 4.80 -3.09 -2.57
C ALA A 86 5.30 -4.34 -1.85
N ASP A 87 6.23 -5.05 -2.43
CA ASP A 87 6.77 -6.26 -1.78
C ASP A 87 7.54 -5.88 -0.51
N GLN A 88 8.36 -4.87 -0.59
CA GLN A 88 9.14 -4.44 0.60
C GLN A 88 8.21 -3.77 1.60
N ALA A 89 7.27 -2.99 1.13
CA ALA A 89 6.33 -2.29 2.06
C ALA A 89 5.32 -3.30 2.61
N VAL A 90 4.77 -4.13 1.75
CA VAL A 90 3.77 -5.13 2.23
C VAL A 90 4.49 -6.20 3.06
N ALA A 91 5.69 -6.55 2.69
CA ALA A 91 6.42 -7.59 3.47
C ALA A 91 7.02 -6.96 4.73
N GLU A 92 7.53 -5.77 4.63
CA GLU A 92 8.12 -5.11 5.83
C GLU A 92 7.00 -4.57 6.72
N LEU A 93 6.01 -3.97 6.14
CA LEU A 93 4.88 -3.42 6.96
C LEU A 93 4.07 -4.57 7.55
N ASN A 94 3.83 -5.60 6.77
CA ASN A 94 3.05 -6.76 7.29
C ASN A 94 3.82 -7.43 8.43
N GLY A 95 3.17 -7.66 9.54
CA GLY A 95 3.86 -8.31 10.69
C GLY A 95 4.52 -7.24 11.57
N THR A 96 3.99 -6.04 11.56
CA THR A 96 4.59 -4.96 12.39
C THR A 96 3.52 -4.38 13.32
N GLN A 97 3.90 -4.01 14.51
CA GLN A 97 2.91 -3.44 15.46
C GLN A 97 3.32 -2.01 15.83
N VAL A 98 2.38 -1.13 15.98
CA VAL A 98 2.72 0.28 16.33
C VAL A 98 2.85 0.41 17.85
N GLU A 99 2.64 1.58 18.39
CA GLU A 99 2.76 1.75 19.86
C GLU A 99 1.77 0.82 20.57
N SER A 100 0.59 0.69 20.04
CA SER A 100 -0.41 -0.20 20.68
C SER A 100 -1.41 -0.70 19.62
N VAL A 101 -1.00 -0.72 18.39
CA VAL A 101 -1.93 -1.19 17.31
C VAL A 101 -1.16 -2.10 16.35
N GLN A 102 -1.86 -2.80 15.49
CA GLN A 102 -1.17 -3.70 14.53
C GLN A 102 -1.58 -3.31 13.10
N LEU A 103 -0.71 -3.52 12.15
CA LEU A 103 -1.05 -3.16 10.74
C LEU A 103 -0.99 -4.40 9.87
N LYS A 104 -2.08 -4.73 9.23
CA LYS A 104 -2.09 -5.94 8.34
C LYS A 104 -2.10 -5.50 6.88
N VAL A 105 -1.25 -6.05 6.07
CA VAL A 105 -1.21 -5.65 4.64
C VAL A 105 -1.71 -6.80 3.77
N ASN A 106 -2.48 -6.51 2.76
CA ASN A 106 -2.99 -7.60 1.87
C ASN A 106 -2.88 -7.15 0.41
N ILE A 107 -3.44 -7.90 -0.50
CA ILE A 107 -3.35 -7.51 -1.94
C ILE A 107 -4.72 -7.02 -2.41
N ALA A 108 -4.77 -5.89 -3.05
CA ALA A 108 -6.07 -5.36 -3.54
C ALA A 108 -6.22 -5.68 -5.03
N ARG A 109 -7.43 -5.81 -5.49
CA ARG A 109 -7.65 -6.13 -6.93
C ARG A 109 -8.00 -4.85 -7.68
N LYS A 110 -7.88 -3.71 -7.04
CA LYS A 110 -8.20 -2.42 -7.72
C LYS A 110 -6.98 -1.95 -8.51
N GLN A 111 -7.14 -0.92 -9.30
CA GLN A 111 -5.99 -0.41 -10.09
C GLN A 111 -5.73 -1.34 -11.27
N PRO A 112 -6.81 -1.72 -11.99
CA PRO A 112 -6.72 -2.60 -13.16
C PRO A 112 -6.11 -1.90 -14.37
N MET A 113 -6.10 -0.60 -14.36
CA MET A 113 -5.53 0.16 -15.51
C MET A 113 -4.20 -0.48 -15.93
N LEU A 114 -3.54 -1.14 -15.02
CA LEU A 114 -2.24 -1.79 -15.38
C LEU A 114 -1.96 -2.94 -14.43
N ASP A 115 -2.97 -3.43 -13.76
CA ASP A 115 -2.77 -4.56 -12.81
C ASP A 115 -1.48 -4.35 -12.03
N ALA A 116 -1.27 -3.17 -11.52
CA ALA A 116 -0.01 -2.88 -10.76
C ALA A 116 1.14 -2.67 -11.74
N ALA A 117 1.65 -3.72 -12.30
CA ALA A 117 2.77 -3.57 -13.26
C ALA A 117 2.95 -4.87 -14.05
N THR A 118 4.16 -5.19 -14.43
CA THR A 118 4.40 -6.44 -15.20
C THR A 118 5.51 -7.25 -14.52
N GLY A 119 5.52 -8.54 -14.72
CA GLY A 119 6.58 -9.38 -14.09
C GLY A 119 6.23 -10.86 -14.29
N LYS A 120 7.02 -11.74 -13.72
CA LYS A 120 6.73 -13.20 -13.88
C LYS A 120 5.32 -13.50 -13.39
N SER A 121 4.88 -12.83 -12.36
CA SER A 121 3.51 -13.08 -11.83
C SER A 121 3.39 -14.56 -11.43
N ALA A 35 3.47 5.00 -22.18
CA ALA A 35 1.99 5.15 -22.12
C ALA A 35 1.46 4.46 -20.87
N PRO A 36 1.72 3.14 -20.73
CA PRO A 36 1.28 2.35 -19.58
C PRO A 36 2.04 2.73 -18.31
N ARG A 37 1.40 2.67 -17.18
CA ARG A 37 2.08 3.03 -15.90
C ARG A 37 1.85 1.92 -14.87
N LYS A 38 2.88 1.51 -14.18
CA LYS A 38 2.72 0.44 -13.16
C LYS A 38 1.99 1.00 -11.95
N GLY A 39 1.93 0.25 -10.87
CA GLY A 39 1.22 0.75 -9.66
C GLY A 39 0.67 -0.43 -8.86
N ASN A 40 1.52 -1.09 -8.11
CA ASN A 40 1.03 -2.24 -7.30
C ASN A 40 0.23 -1.72 -6.12
N THR A 41 -1.02 -2.12 -6.01
CA THR A 41 -1.86 -1.64 -4.89
C THR A 41 -1.62 -2.52 -3.66
N LEU A 42 -1.59 -1.93 -2.49
CA LEU A 42 -1.37 -2.74 -1.25
C LEU A 42 -2.58 -2.59 -0.33
N TYR A 43 -2.89 -3.61 0.43
CA TYR A 43 -4.06 -3.53 1.35
C TYR A 43 -3.57 -3.27 2.79
N VAL A 44 -3.88 -2.13 3.32
CA VAL A 44 -3.43 -1.82 4.72
C VAL A 44 -4.65 -1.82 5.65
N TYR A 45 -4.50 -2.37 6.82
CA TYR A 45 -5.64 -2.41 7.78
C TYR A 45 -5.16 -1.99 9.17
N GLY A 46 -5.88 -1.11 9.81
CA GLY A 46 -5.47 -0.65 11.17
C GLY A 46 -6.54 0.29 11.74
N GLU A 47 -6.22 0.98 12.79
CA GLU A 47 -7.20 1.92 13.40
C GLU A 47 -6.66 3.35 13.31
N ASP A 48 -7.53 4.32 13.37
CA ASP A 48 -7.07 5.74 13.31
C ASP A 48 -6.03 5.87 12.20
N MET A 49 -6.25 5.25 11.07
CA MET A 49 -5.26 5.35 9.96
C MET A 49 -5.35 6.73 9.32
N THR A 50 -4.23 7.30 8.97
CA THR A 50 -4.25 8.65 8.35
C THR A 50 -3.47 8.61 7.03
N PRO A 51 -3.67 9.62 6.16
CA PRO A 51 -2.99 9.69 4.87
C PRO A 51 -1.50 10.01 5.03
N THR A 52 -1.17 11.03 5.78
CA THR A 52 0.26 11.38 5.98
C THR A 52 0.98 10.21 6.63
N LEU A 53 0.36 9.57 7.58
CA LEU A 53 1.02 8.42 8.26
C LEU A 53 1.19 7.27 7.26
N LEU A 54 0.16 6.96 6.53
CA LEU A 54 0.26 5.85 5.53
C LEU A 54 1.39 6.16 4.55
N ARG A 55 1.43 7.36 4.04
CA ARG A 55 2.51 7.73 3.08
C ARG A 55 3.87 7.48 3.71
N GLY A 56 4.00 7.73 4.98
CA GLY A 56 5.31 7.50 5.66
C GLY A 56 5.62 6.00 5.70
N ALA A 57 4.60 5.19 5.81
CA ALA A 57 4.84 3.72 5.86
C ALA A 57 5.21 3.21 4.47
N PHE A 58 4.83 3.93 3.45
CA PHE A 58 5.18 3.49 2.06
C PHE A 58 6.04 4.56 1.39
N SER A 59 6.47 5.55 2.13
CA SER A 59 7.31 6.62 1.54
C SER A 59 8.73 6.10 1.28
N PRO A 60 9.40 5.61 2.34
CA PRO A 60 10.76 5.08 2.24
C PRO A 60 10.81 3.76 1.46
N PHE A 61 9.78 2.97 1.57
CA PHE A 61 9.76 1.66 0.85
C PHE A 61 9.80 1.92 -0.66
N GLY A 62 9.22 3.00 -1.10
CA GLY A 62 9.22 3.30 -2.56
C GLY A 62 8.29 4.49 -2.84
N ASN A 63 8.14 4.85 -4.10
CA ASN A 63 7.26 5.99 -4.44
C ASN A 63 5.83 5.49 -4.66
N ILE A 64 4.86 6.28 -4.28
CA ILE A 64 3.44 5.85 -4.48
C ILE A 64 2.81 6.64 -5.63
N ILE A 65 2.17 5.97 -6.54
CA ILE A 65 1.53 6.69 -7.68
C ILE A 65 0.08 7.03 -7.33
N ASP A 66 -0.50 6.30 -6.41
CA ASP A 66 -1.91 6.59 -6.02
C ASP A 66 -2.11 6.21 -4.54
N LEU A 67 -2.40 7.19 -3.72
CA LEU A 67 -2.61 6.89 -2.27
C LEU A 67 -4.11 6.93 -1.95
N SER A 68 -4.67 5.81 -1.58
CA SER A 68 -6.13 5.78 -1.26
C SER A 68 -6.32 5.35 0.20
N MET A 69 -7.36 5.81 0.83
CA MET A 69 -7.60 5.42 2.25
C MET A 69 -9.04 4.91 2.40
N ASP A 70 -9.26 4.01 3.31
CA ASP A 70 -10.64 3.46 3.50
C ASP A 70 -11.02 3.57 4.97
N PRO A 71 -11.71 4.66 5.35
CA PRO A 71 -12.13 4.88 6.74
C PRO A 71 -13.32 4.00 7.16
N PRO A 72 -14.21 3.57 6.23
CA PRO A 72 -15.36 2.74 6.58
C PRO A 72 -14.94 1.29 6.85
N ARG A 73 -13.81 0.88 6.35
CA ARG A 73 -13.36 -0.53 6.58
C ARG A 73 -12.08 -0.52 7.41
N ASN A 74 -11.63 0.63 7.84
CA ASN A 74 -10.40 0.69 8.66
C ASN A 74 -9.23 0.13 7.85
N CYS A 75 -9.11 0.50 6.60
CA CYS A 75 -8.00 -0.02 5.77
C CYS A 75 -7.61 1.02 4.72
N ALA A 76 -6.39 1.00 4.27
CA ALA A 76 -5.95 2.00 3.25
C ALA A 76 -5.30 1.25 2.07
N PHE A 77 -5.24 1.88 0.92
CA PHE A 77 -4.62 1.20 -0.25
C PHE A 77 -3.44 2.04 -0.75
N VAL A 78 -2.34 1.41 -1.08
CA VAL A 78 -1.15 2.17 -1.57
C VAL A 78 -0.71 1.60 -2.92
N THR A 79 -0.42 2.46 -3.87
CA THR A 79 0.02 1.97 -5.20
C THR A 79 1.53 2.16 -5.34
N TYR A 80 2.23 1.12 -5.69
CA TYR A 80 3.72 1.24 -5.85
C TYR A 80 4.08 1.18 -7.34
N GLU A 81 5.02 1.98 -7.76
CA GLU A 81 5.41 1.95 -9.20
C GLU A 81 5.96 0.57 -9.55
N LYS A 82 6.46 -0.14 -8.58
CA LYS A 82 7.01 -1.49 -8.84
C LYS A 82 6.49 -2.47 -7.80
N MET A 83 6.24 -3.69 -8.18
CA MET A 83 5.72 -4.70 -7.21
C MET A 83 6.79 -4.96 -6.14
N GLU A 84 8.01 -4.62 -6.41
CA GLU A 84 9.10 -4.86 -5.42
C GLU A 84 8.92 -3.92 -4.23
N SER A 85 8.45 -2.73 -4.46
CA SER A 85 8.26 -1.77 -3.34
C SER A 85 7.13 -2.28 -2.42
N ALA A 86 6.18 -2.99 -2.97
CA ALA A 86 5.07 -3.51 -2.14
C ALA A 86 5.53 -4.76 -1.38
N ASP A 87 6.34 -5.58 -2.01
CA ASP A 87 6.82 -6.81 -1.33
C ASP A 87 7.64 -6.42 -0.10
N GLN A 88 8.54 -5.48 -0.24
CA GLN A 88 9.36 -5.06 0.92
C GLN A 88 8.48 -4.34 1.94
N ALA A 89 7.56 -3.54 1.48
CA ALA A 89 6.66 -2.81 2.42
C ALA A 89 5.68 -3.80 3.05
N VAL A 90 5.19 -4.73 2.28
CA VAL A 90 4.21 -5.72 2.83
C VAL A 90 4.90 -6.60 3.87
N ALA A 91 6.08 -7.07 3.58
CA ALA A 91 6.81 -7.93 4.56
C ALA A 91 7.29 -7.08 5.74
N GLU A 92 7.65 -5.85 5.50
CA GLU A 92 8.13 -4.98 6.60
C GLU A 92 6.92 -4.36 7.32
N LEU A 93 6.00 -3.81 6.59
CA LEU A 93 4.80 -3.19 7.23
C LEU A 93 3.97 -4.28 7.90
N ASN A 94 3.92 -5.45 7.32
CA ASN A 94 3.11 -6.54 7.92
C ASN A 94 3.82 -7.05 9.18
N GLY A 95 3.10 -7.17 10.28
CA GLY A 95 3.73 -7.66 11.53
C GLY A 95 4.34 -6.48 12.29
N THR A 96 3.77 -5.32 12.16
CA THR A 96 4.33 -4.13 12.87
C THR A 96 3.24 -3.52 13.77
N GLN A 97 3.63 -2.95 14.88
CA GLN A 97 2.63 -2.34 15.80
C GLN A 97 2.90 -0.85 15.93
N VAL A 98 1.87 -0.05 16.02
CA VAL A 98 2.08 1.42 16.16
C VAL A 98 2.11 1.80 17.65
N GLU A 99 1.66 2.98 17.98
CA GLU A 99 1.67 3.39 19.41
C GLU A 99 0.85 2.39 20.24
N SER A 100 -0.22 1.90 19.68
CA SER A 100 -1.05 0.92 20.43
C SER A 100 -2.02 0.23 19.46
N VAL A 101 -1.63 0.08 18.23
CA VAL A 101 -2.53 -0.57 17.23
C VAL A 101 -1.71 -1.53 16.37
N GLN A 102 -2.37 -2.36 15.59
CA GLN A 102 -1.64 -3.31 14.72
C GLN A 102 -1.93 -2.99 13.26
N LEU A 103 -0.97 -3.17 12.40
CA LEU A 103 -1.21 -2.86 10.96
C LEU A 103 -0.97 -4.10 10.11
N LYS A 104 -1.85 -4.38 9.19
CA LYS A 104 -1.66 -5.57 8.32
C LYS A 104 -1.52 -5.13 6.86
N VAL A 105 -0.48 -5.55 6.20
CA VAL A 105 -0.29 -5.14 4.77
C VAL A 105 -0.50 -6.34 3.86
N ASN A 106 -1.10 -6.14 2.71
CA ASN A 106 -1.34 -7.27 1.78
C ASN A 106 -1.41 -6.73 0.35
N ILE A 107 -1.84 -7.54 -0.58
CA ILE A 107 -1.94 -7.06 -1.99
C ILE A 107 -3.41 -6.83 -2.35
N ALA A 108 -3.71 -5.72 -2.96
CA ALA A 108 -5.13 -5.43 -3.32
C ALA A 108 -5.22 -5.16 -4.83
N ARG A 109 -6.35 -5.41 -5.43
CA ARG A 109 -6.50 -5.18 -6.89
C ARG A 109 -7.22 -3.84 -7.12
N LYS A 110 -6.99 -2.88 -6.26
CA LYS A 110 -7.66 -1.56 -6.44
C LYS A 110 -7.04 -0.82 -7.61
N GLN A 111 -5.97 -1.34 -8.16
CA GLN A 111 -5.31 -0.67 -9.30
C GLN A 111 -5.23 -1.64 -10.48
N PRO A 112 -6.37 -1.92 -11.12
CA PRO A 112 -6.45 -2.82 -12.26
C PRO A 112 -6.09 -2.12 -13.57
N MET A 113 -6.14 -0.81 -13.59
CA MET A 113 -5.80 -0.07 -14.84
C MET A 113 -4.57 -0.69 -15.49
N LEU A 114 -3.63 -1.13 -14.72
CA LEU A 114 -2.41 -1.77 -15.29
C LEU A 114 -2.08 -3.05 -14.54
N ASP A 115 -3.07 -3.67 -13.95
CA ASP A 115 -2.81 -4.92 -13.19
C ASP A 115 -1.60 -4.71 -12.27
N ALA A 116 -1.55 -3.62 -11.58
CA ALA A 116 -0.40 -3.36 -10.67
C ALA A 116 0.85 -3.08 -11.49
N ALA A 117 1.52 -4.12 -11.92
CA ALA A 117 2.75 -3.92 -12.73
C ALA A 117 3.11 -5.22 -13.45
N THR A 118 2.14 -6.07 -13.67
CA THR A 118 2.43 -7.36 -14.36
C THR A 118 2.72 -7.08 -15.83
N GLY A 119 2.07 -6.11 -16.42
CA GLY A 119 2.31 -5.79 -17.85
C GLY A 119 1.54 -6.80 -18.72
N LYS A 120 1.81 -6.80 -20.00
CA LYS A 120 1.09 -7.74 -20.90
C LYS A 120 -0.41 -7.48 -20.84
N SER A 121 -0.81 -6.24 -20.92
CA SER A 121 -2.26 -5.91 -20.87
C SER A 121 -2.86 -6.48 -19.58
N ALA A 35 8.91 4.86 -20.09
CA ALA A 35 7.62 5.30 -20.71
C ALA A 35 6.46 4.64 -19.96
N PRO A 36 6.42 3.30 -19.96
CA PRO A 36 5.35 2.54 -19.29
C PRO A 36 5.46 2.64 -17.76
N ARG A 37 4.36 2.59 -17.07
CA ARG A 37 4.40 2.68 -15.58
C ARG A 37 3.34 1.74 -14.99
N LYS A 38 3.51 1.34 -13.76
CA LYS A 38 2.52 0.44 -13.13
C LYS A 38 1.98 1.07 -11.85
N GLY A 39 1.46 0.29 -10.95
CA GLY A 39 0.92 0.86 -9.68
C GLY A 39 0.28 -0.25 -8.86
N ASN A 40 1.06 -1.08 -8.23
CA ASN A 40 0.49 -2.18 -7.41
C ASN A 40 -0.20 -1.59 -6.17
N THR A 41 -1.49 -1.78 -6.06
CA THR A 41 -2.22 -1.24 -4.88
C THR A 41 -2.04 -2.17 -3.69
N LEU A 42 -1.92 -1.63 -2.51
CA LEU A 42 -1.75 -2.49 -1.30
C LEU A 42 -2.95 -2.33 -0.38
N TYR A 43 -3.33 -3.37 0.31
CA TYR A 43 -4.49 -3.28 1.23
C TYR A 43 -4.00 -3.25 2.68
N VAL A 44 -4.18 -2.15 3.36
CA VAL A 44 -3.72 -2.05 4.78
C VAL A 44 -4.93 -2.00 5.70
N TYR A 45 -4.80 -2.49 6.90
CA TYR A 45 -5.95 -2.46 7.85
C TYR A 45 -5.44 -2.16 9.26
N GLY A 46 -6.14 -1.34 9.99
CA GLY A 46 -5.69 -1.02 11.37
C GLY A 46 -6.64 0.01 12.00
N GLU A 47 -6.27 0.59 13.10
CA GLU A 47 -7.15 1.61 13.75
C GLU A 47 -6.46 2.96 13.74
N ASP A 48 -7.20 4.03 13.92
CA ASP A 48 -6.59 5.39 13.92
C ASP A 48 -5.58 5.49 12.77
N MET A 49 -5.92 4.96 11.62
CA MET A 49 -4.99 5.04 10.47
C MET A 49 -5.07 6.43 9.84
N THR A 50 -3.95 6.99 9.46
CA THR A 50 -3.96 8.34 8.85
C THR A 50 -3.22 8.30 7.51
N PRO A 51 -3.46 9.31 6.65
CA PRO A 51 -2.80 9.39 5.34
C PRO A 51 -1.31 9.72 5.45
N THR A 52 -0.98 10.75 6.18
CA THR A 52 0.45 11.12 6.34
C THR A 52 1.21 9.95 6.96
N LEU A 53 0.62 9.30 7.93
CA LEU A 53 1.31 8.14 8.58
C LEU A 53 1.48 7.02 7.57
N LEU A 54 0.46 6.72 6.81
CA LEU A 54 0.57 5.64 5.79
C LEU A 54 1.62 6.01 4.75
N ARG A 55 1.58 7.23 4.26
CA ARG A 55 2.58 7.66 3.24
C ARG A 55 3.99 7.34 3.75
N GLY A 56 4.24 7.57 5.01
CA GLY A 56 5.60 7.28 5.56
C GLY A 56 5.82 5.77 5.60
N ALA A 57 4.76 5.02 5.83
CA ALA A 57 4.91 3.54 5.88
C ALA A 57 5.18 3.00 4.47
N PHE A 58 4.79 3.73 3.47
CA PHE A 58 5.02 3.26 2.07
C PHE A 58 5.87 4.28 1.32
N SER A 59 6.42 5.24 2.03
CA SER A 59 7.26 6.28 1.36
C SER A 59 8.64 5.72 1.03
N PRO A 60 9.35 5.17 2.04
CA PRO A 60 10.69 4.62 1.84
C PRO A 60 10.68 3.32 1.03
N PHE A 61 9.67 2.51 1.19
CA PHE A 61 9.61 1.24 0.41
C PHE A 61 9.64 1.55 -1.09
N GLY A 62 8.95 2.59 -1.50
CA GLY A 62 8.94 2.93 -2.95
C GLY A 62 8.07 4.17 -3.17
N ASN A 63 8.04 4.67 -4.37
CA ASN A 63 7.20 5.87 -4.66
C ASN A 63 5.75 5.45 -4.84
N ILE A 64 4.82 6.23 -4.34
CA ILE A 64 3.38 5.87 -4.49
C ILE A 64 2.77 6.68 -5.62
N ILE A 65 2.07 6.03 -6.51
CA ILE A 65 1.44 6.77 -7.64
C ILE A 65 0.01 7.15 -7.28
N ASP A 66 -0.59 6.45 -6.36
CA ASP A 66 -1.99 6.78 -5.97
C ASP A 66 -2.21 6.40 -4.50
N LEU A 67 -2.42 7.38 -3.66
CA LEU A 67 -2.64 7.07 -2.21
C LEU A 67 -4.13 7.22 -1.89
N SER A 68 -4.78 6.17 -1.49
CA SER A 68 -6.23 6.26 -1.16
C SER A 68 -6.48 5.66 0.22
N MET A 69 -7.46 6.17 0.94
CA MET A 69 -7.75 5.64 2.30
C MET A 69 -9.22 5.21 2.36
N ASP A 70 -9.52 4.21 3.14
CA ASP A 70 -10.93 3.75 3.25
C ASP A 70 -11.40 3.85 4.71
N PRO A 71 -12.14 4.92 5.03
CA PRO A 71 -12.65 5.15 6.38
C PRO A 71 -13.84 4.23 6.76
N PRO A 72 -14.65 3.78 5.78
CA PRO A 72 -15.79 2.90 6.09
C PRO A 72 -15.35 1.47 6.40
N ARG A 73 -14.26 1.05 5.84
CA ARG A 73 -13.78 -0.34 6.11
C ARG A 73 -12.52 -0.29 6.99
N ASN A 74 -12.08 0.88 7.36
CA ASN A 74 -10.86 0.99 8.21
C ASN A 74 -9.67 0.39 7.47
N CYS A 75 -9.55 0.63 6.20
CA CYS A 75 -8.41 0.07 5.43
C CYS A 75 -7.91 1.11 4.42
N ALA A 76 -6.62 1.26 4.30
CA ALA A 76 -6.06 2.25 3.34
C ALA A 76 -5.51 1.52 2.12
N PHE A 77 -5.35 2.22 1.02
CA PHE A 77 -4.82 1.57 -0.21
C PHE A 77 -3.57 2.32 -0.68
N VAL A 78 -2.51 1.61 -0.95
CA VAL A 78 -1.26 2.29 -1.42
C VAL A 78 -0.85 1.71 -2.77
N THR A 79 -0.54 2.54 -3.71
CA THR A 79 -0.13 2.03 -5.06
C THR A 79 1.38 2.20 -5.23
N TYR A 80 2.04 1.20 -5.74
CA TYR A 80 3.52 1.32 -5.93
C TYR A 80 3.85 1.25 -7.42
N GLU A 81 4.68 2.15 -7.88
CA GLU A 81 5.04 2.15 -9.33
C GLU A 81 5.52 0.76 -9.73
N LYS A 82 6.03 -0.01 -8.80
CA LYS A 82 6.50 -1.38 -9.15
C LYS A 82 5.99 -2.38 -8.11
N MET A 83 5.46 -3.48 -8.54
CA MET A 83 4.94 -4.50 -7.59
C MET A 83 6.05 -4.92 -6.63
N GLU A 84 7.28 -4.68 -6.99
CA GLU A 84 8.42 -5.08 -6.11
C GLU A 84 8.36 -4.27 -4.81
N SER A 85 8.03 -3.00 -4.90
CA SER A 85 7.96 -2.16 -3.67
C SER A 85 6.86 -2.70 -2.75
N ALA A 86 5.75 -3.10 -3.31
CA ALA A 86 4.64 -3.62 -2.45
C ALA A 86 5.12 -4.87 -1.71
N ASP A 87 5.86 -5.72 -2.36
CA ASP A 87 6.35 -6.96 -1.68
C ASP A 87 7.27 -6.57 -0.51
N GLN A 88 8.16 -5.64 -0.73
CA GLN A 88 9.08 -5.23 0.37
C GLN A 88 8.28 -4.57 1.49
N ALA A 89 7.27 -3.81 1.15
CA ALA A 89 6.44 -3.15 2.20
C ALA A 89 5.52 -4.17 2.86
N VAL A 90 4.87 -4.98 2.07
CA VAL A 90 3.95 -6.00 2.66
C VAL A 90 4.72 -6.88 3.64
N ALA A 91 5.98 -7.11 3.39
CA ALA A 91 6.78 -7.96 4.30
C ALA A 91 7.22 -7.15 5.52
N GLU A 92 7.84 -6.03 5.31
CA GLU A 92 8.29 -5.19 6.46
C GLU A 92 7.08 -4.56 7.15
N LEU A 93 6.16 -4.04 6.39
CA LEU A 93 4.96 -3.41 7.01
C LEU A 93 4.15 -4.46 7.75
N ASN A 94 4.02 -5.63 7.18
CA ASN A 94 3.24 -6.71 7.87
C ASN A 94 3.99 -7.16 9.12
N GLY A 95 3.35 -7.14 10.25
CA GLY A 95 4.01 -7.57 11.51
C GLY A 95 4.61 -6.36 12.22
N THR A 96 4.09 -5.19 11.94
CA THR A 96 4.63 -3.97 12.60
C THR A 96 3.58 -3.41 13.57
N GLN A 97 4.00 -2.61 14.51
CA GLN A 97 3.03 -2.03 15.48
C GLN A 97 3.34 -0.54 15.69
N VAL A 98 2.34 0.24 15.96
CA VAL A 98 2.57 1.70 16.17
C VAL A 98 2.56 2.00 17.67
N GLU A 99 2.20 3.20 18.05
CA GLU A 99 2.16 3.55 19.50
C GLU A 99 1.44 2.44 20.27
N SER A 100 0.35 1.95 19.72
CA SER A 100 -0.41 0.87 20.43
C SER A 100 -1.40 0.23 19.46
N VAL A 101 -1.11 0.28 18.19
CA VAL A 101 -2.04 -0.32 17.19
C VAL A 101 -1.25 -1.23 16.24
N GLN A 102 -1.80 -2.36 15.89
CA GLN A 102 -1.09 -3.29 14.96
C GLN A 102 -1.40 -2.90 13.52
N LEU A 103 -0.43 -2.98 12.65
CA LEU A 103 -0.67 -2.60 11.23
C LEU A 103 -0.71 -3.87 10.36
N LYS A 104 -1.64 -3.93 9.45
CA LYS A 104 -1.75 -5.13 8.57
C LYS A 104 -1.55 -4.70 7.12
N VAL A 105 -0.78 -5.44 6.37
CA VAL A 105 -0.54 -5.07 4.94
C VAL A 105 -0.94 -6.25 4.03
N ASN A 106 -1.46 -5.96 2.87
CA ASN A 106 -1.86 -7.06 1.95
C ASN A 106 -1.69 -6.58 0.51
N ILE A 107 -2.16 -7.35 -0.44
CA ILE A 107 -2.02 -6.94 -1.87
C ILE A 107 -3.39 -6.60 -2.44
N ALA A 108 -3.54 -5.42 -3.00
CA ALA A 108 -4.85 -5.03 -3.57
C ALA A 108 -4.77 -5.05 -5.10
N ARG A 109 -5.79 -5.53 -5.76
CA ARG A 109 -5.76 -5.58 -7.25
C ARG A 109 -6.74 -4.54 -7.81
N LYS A 110 -7.13 -3.58 -7.00
CA LYS A 110 -8.08 -2.55 -7.48
C LYS A 110 -7.47 -1.80 -8.68
N GLN A 111 -6.26 -1.33 -8.53
CA GLN A 111 -5.61 -0.59 -9.64
C GLN A 111 -5.87 -1.31 -10.96
N PRO A 112 -6.87 -0.84 -11.73
CA PRO A 112 -7.23 -1.42 -13.01
C PRO A 112 -6.48 -0.78 -14.18
N MET A 113 -5.99 0.41 -13.99
CA MET A 113 -5.24 1.09 -15.08
C MET A 113 -4.19 0.14 -15.64
N LEU A 114 -3.60 -0.68 -14.81
CA LEU A 114 -2.57 -1.63 -15.30
C LEU A 114 -2.57 -2.88 -14.43
N ASP A 115 -3.69 -3.20 -13.84
CA ASP A 115 -3.75 -4.41 -12.97
C ASP A 115 -2.65 -4.33 -11.92
N ALA A 116 -2.48 -3.19 -11.32
CA ALA A 116 -1.42 -3.04 -10.27
C ALA A 116 -0.05 -3.03 -10.94
N ALA A 117 0.50 -4.19 -11.22
CA ALA A 117 1.82 -4.24 -11.87
C ALA A 117 2.12 -5.68 -12.33
N THR A 118 2.57 -5.85 -13.54
CA THR A 118 2.87 -7.22 -14.04
C THR A 118 4.27 -7.25 -14.65
N GLY A 119 4.79 -8.41 -14.93
CA GLY A 119 6.15 -8.49 -15.52
C GLY A 119 6.15 -7.79 -16.88
N LYS A 120 5.07 -7.89 -17.62
CA LYS A 120 5.02 -7.22 -18.95
C LYS A 120 4.07 -6.04 -18.88
N SER A 121 4.46 -4.91 -19.41
CA SER A 121 3.58 -3.72 -19.38
C SER A 121 2.17 -4.11 -19.86
N ALA A 35 -0.11 8.36 -21.58
CA ALA A 35 0.97 7.39 -21.22
C ALA A 35 0.53 6.55 -20.02
N PRO A 36 0.60 5.22 -20.14
CA PRO A 36 0.22 4.30 -19.06
C PRO A 36 1.20 4.36 -17.89
N ARG A 37 0.71 4.20 -16.69
CA ARG A 37 1.62 4.25 -15.51
C ARG A 37 1.33 3.05 -14.60
N LYS A 38 2.35 2.52 -13.97
CA LYS A 38 2.15 1.34 -13.07
C LYS A 38 1.36 1.79 -11.84
N GLY A 39 1.30 0.95 -10.83
CA GLY A 39 0.56 1.34 -9.60
C GLY A 39 -0.01 0.08 -8.92
N ASN A 40 0.66 -0.39 -7.90
CA ASN A 40 0.16 -1.61 -7.20
C ASN A 40 -0.59 -1.19 -5.93
N THR A 41 -1.90 -1.33 -5.94
CA THR A 41 -2.69 -0.93 -4.75
C THR A 41 -2.45 -1.92 -3.61
N LEU A 42 -2.21 -1.44 -2.42
CA LEU A 42 -1.98 -2.34 -1.28
C LEU A 42 -3.11 -2.20 -0.26
N TYR A 43 -3.49 -3.27 0.39
CA TYR A 43 -4.59 -3.19 1.39
C TYR A 43 -4.01 -3.11 2.79
N VAL A 44 -4.33 -2.07 3.53
CA VAL A 44 -3.80 -1.95 4.90
C VAL A 44 -4.96 -1.82 5.89
N TYR A 45 -4.89 -2.51 7.01
CA TYR A 45 -5.98 -2.43 8.00
C TYR A 45 -5.44 -1.90 9.33
N GLY A 46 -6.20 -1.10 10.02
CA GLY A 46 -5.71 -0.55 11.33
C GLY A 46 -6.72 0.47 11.86
N GLU A 47 -6.42 1.10 12.96
CA GLU A 47 -7.36 2.10 13.53
C GLU A 47 -6.67 3.46 13.60
N ASP A 48 -7.43 4.53 13.64
CA ASP A 48 -6.81 5.88 13.71
C ASP A 48 -5.62 5.96 12.75
N MET A 49 -5.84 5.61 11.51
CA MET A 49 -4.73 5.67 10.51
C MET A 49 -4.90 6.91 9.63
N THR A 50 -3.82 7.54 9.27
CA THR A 50 -3.92 8.75 8.40
C THR A 50 -3.10 8.53 7.14
N PRO A 51 -3.35 9.36 6.10
CA PRO A 51 -2.63 9.27 4.83
C PRO A 51 -1.16 9.69 4.96
N THR A 52 -0.92 10.85 5.50
CA THR A 52 0.49 11.31 5.66
C THR A 52 1.31 10.22 6.34
N LEU A 53 0.81 9.69 7.43
CA LEU A 53 1.56 8.61 8.14
C LEU A 53 1.75 7.42 7.20
N LEU A 54 0.71 7.00 6.53
CA LEU A 54 0.84 5.85 5.59
C LEU A 54 1.92 6.15 4.57
N ARG A 55 1.91 7.32 3.99
CA ARG A 55 2.95 7.67 2.98
C ARG A 55 4.33 7.40 3.57
N GLY A 56 4.53 7.73 4.81
CA GLY A 56 5.86 7.48 5.44
C GLY A 56 6.10 5.97 5.54
N ALA A 57 5.07 5.21 5.77
CA ALA A 57 5.24 3.73 5.87
C ALA A 57 5.55 3.16 4.48
N PHE A 58 5.11 3.82 3.44
CA PHE A 58 5.39 3.30 2.07
C PHE A 58 6.30 4.29 1.33
N SER A 59 6.81 5.27 2.03
CA SER A 59 7.71 6.26 1.37
C SER A 59 9.07 5.63 1.07
N PRO A 60 9.74 5.13 2.11
CA PRO A 60 11.07 4.50 1.96
C PRO A 60 10.98 3.15 1.23
N PHE A 61 9.87 2.48 1.33
CA PHE A 61 9.73 1.17 0.62
C PHE A 61 9.65 1.40 -0.89
N GLY A 62 9.09 2.51 -1.30
CA GLY A 62 8.98 2.79 -2.76
C GLY A 62 8.22 4.10 -2.97
N ASN A 63 7.89 4.42 -4.19
CA ASN A 63 7.14 5.68 -4.47
C ASN A 63 5.65 5.35 -4.64
N ILE A 64 4.80 6.15 -4.06
CA ILE A 64 3.34 5.89 -4.20
C ILE A 64 2.75 6.79 -5.29
N ILE A 65 1.98 6.24 -6.18
CA ILE A 65 1.38 7.07 -7.27
C ILE A 65 -0.05 7.45 -6.87
N ASP A 66 -0.65 6.71 -5.99
CA ASP A 66 -2.05 7.05 -5.58
C ASP A 66 -2.22 6.74 -4.09
N LEU A 67 -2.84 7.62 -3.36
CA LEU A 67 -3.05 7.38 -1.90
C LEU A 67 -4.55 7.42 -1.59
N SER A 68 -5.11 6.32 -1.17
CA SER A 68 -6.57 6.30 -0.86
C SER A 68 -6.78 5.69 0.52
N MET A 69 -7.76 6.18 1.25
CA MET A 69 -8.01 5.62 2.61
C MET A 69 -9.50 5.29 2.75
N ASP A 70 -9.83 4.24 3.44
CA ASP A 70 -11.26 3.86 3.61
C ASP A 70 -11.64 3.94 5.09
N PRO A 71 -12.41 4.97 5.47
CA PRO A 71 -12.85 5.15 6.85
C PRO A 71 -13.97 4.17 7.29
N PRO A 72 -14.82 3.69 6.36
CA PRO A 72 -15.89 2.76 6.71
C PRO A 72 -15.36 1.35 6.99
N ARG A 73 -14.29 0.97 6.35
CA ARG A 73 -13.72 -0.38 6.58
C ARG A 73 -12.44 -0.28 7.41
N ASN A 74 -12.06 0.91 7.80
CA ASN A 74 -10.83 1.07 8.60
C ASN A 74 -9.64 0.48 7.84
N CYS A 75 -9.59 0.69 6.55
CA CYS A 75 -8.46 0.15 5.75
C CYS A 75 -7.96 1.22 4.78
N ALA A 76 -6.67 1.32 4.60
CA ALA A 76 -6.13 2.35 3.66
C ALA A 76 -5.61 1.65 2.40
N PHE A 77 -5.61 2.34 1.29
CA PHE A 77 -5.11 1.72 0.03
C PHE A 77 -3.89 2.50 -0.47
N VAL A 78 -2.82 1.81 -0.78
CA VAL A 78 -1.61 2.52 -1.28
C VAL A 78 -1.19 1.92 -2.63
N THR A 79 -0.93 2.76 -3.59
CA THR A 79 -0.52 2.23 -4.93
C THR A 79 1.00 2.35 -5.08
N TYR A 80 1.65 1.32 -5.56
CA TYR A 80 3.13 1.37 -5.73
C TYR A 80 3.47 1.41 -7.22
N GLU A 81 4.49 2.13 -7.58
CA GLU A 81 4.88 2.19 -9.02
C GLU A 81 5.37 0.82 -9.49
N LYS A 82 5.95 0.06 -8.61
CA LYS A 82 6.45 -1.30 -8.99
C LYS A 82 5.91 -2.33 -8.02
N MET A 83 5.76 -3.55 -8.46
CA MET A 83 5.23 -4.62 -7.54
C MET A 83 6.30 -4.94 -6.48
N GLU A 84 7.53 -4.65 -6.76
CA GLU A 84 8.61 -4.95 -5.78
C GLU A 84 8.49 -3.99 -4.59
N SER A 85 8.06 -2.78 -4.83
CA SER A 85 7.94 -1.81 -3.71
C SER A 85 6.83 -2.26 -2.75
N ALA A 86 5.82 -2.92 -3.28
CA ALA A 86 4.71 -3.40 -2.40
C ALA A 86 5.14 -4.67 -1.67
N ASP A 87 5.93 -5.50 -2.31
CA ASP A 87 6.38 -6.76 -1.67
C ASP A 87 7.26 -6.43 -0.46
N GLN A 88 8.12 -5.45 -0.58
CA GLN A 88 9.00 -5.08 0.55
C GLN A 88 8.19 -4.35 1.62
N ALA A 89 7.28 -3.51 1.21
CA ALA A 89 6.46 -2.77 2.21
C ALA A 89 5.39 -3.70 2.79
N VAL A 90 4.78 -4.52 1.96
CA VAL A 90 3.73 -5.44 2.47
C VAL A 90 4.37 -6.47 3.41
N ALA A 91 5.53 -6.97 3.07
CA ALA A 91 6.19 -7.98 3.95
C ALA A 91 6.77 -7.28 5.19
N GLU A 92 7.32 -6.11 5.02
CA GLU A 92 7.90 -5.38 6.18
C GLU A 92 6.79 -4.74 7.01
N LEU A 93 5.92 -4.00 6.37
CA LEU A 93 4.81 -3.34 7.12
C LEU A 93 3.92 -4.40 7.76
N ASN A 94 3.73 -5.52 7.09
CA ASN A 94 2.87 -6.59 7.67
C ASN A 94 3.62 -7.30 8.80
N GLY A 95 3.01 -7.43 9.94
CA GLY A 95 3.69 -8.12 11.08
C GLY A 95 4.44 -7.09 11.93
N THR A 96 4.01 -5.86 11.88
CA THR A 96 4.70 -4.81 12.70
C THR A 96 3.68 -4.08 13.57
N GLN A 97 4.11 -3.54 14.67
CA GLN A 97 3.16 -2.81 15.56
C GLN A 97 3.57 -1.34 15.66
N VAL A 98 2.61 -0.46 15.64
CA VAL A 98 2.95 1.00 15.73
C VAL A 98 3.18 1.37 17.20
N GLU A 99 2.93 2.60 17.55
CA GLU A 99 3.14 3.02 18.97
C GLU A 99 2.24 2.20 19.89
N SER A 100 1.03 1.92 19.45
CA SER A 100 0.11 1.11 20.29
C SER A 100 -0.96 0.46 19.41
N VAL A 101 -0.67 0.29 18.14
CA VAL A 101 -1.67 -0.33 17.24
C VAL A 101 -0.96 -1.30 16.28
N GLN A 102 -1.65 -2.28 15.78
CA GLN A 102 -1.01 -3.25 14.85
C GLN A 102 -1.42 -2.91 13.41
N LEU A 103 -0.54 -3.10 12.48
CA LEU A 103 -0.89 -2.79 11.06
C LEU A 103 -0.98 -4.09 10.26
N LYS A 104 -1.95 -4.21 9.41
CA LYS A 104 -2.09 -5.46 8.59
C LYS A 104 -1.99 -5.11 7.11
N VAL A 105 -1.30 -5.91 6.34
CA VAL A 105 -1.17 -5.61 4.88
C VAL A 105 -1.69 -6.80 4.07
N ASN A 106 -2.44 -6.53 3.03
CA ASN A 106 -2.97 -7.65 2.19
C ASN A 106 -2.82 -7.28 0.72
N ILE A 107 -3.34 -8.09 -0.17
CA ILE A 107 -3.22 -7.78 -1.61
C ILE A 107 -4.57 -7.33 -2.16
N ALA A 108 -4.59 -6.28 -2.93
CA ALA A 108 -5.88 -5.78 -3.49
C ALA A 108 -5.91 -6.04 -5.01
N ARG A 109 -7.08 -6.22 -5.56
CA ARG A 109 -7.17 -6.47 -7.03
C ARG A 109 -7.57 -5.18 -7.76
N LYS A 110 -7.55 -4.07 -7.06
CA LYS A 110 -7.93 -2.79 -7.71
C LYS A 110 -6.73 -2.23 -8.49
N GLN A 111 -6.91 -1.14 -9.18
CA GLN A 111 -5.79 -0.56 -9.96
C GLN A 111 -5.55 -1.39 -11.22
N PRO A 112 -6.63 -1.71 -11.95
CA PRO A 112 -6.55 -2.50 -13.19
C PRO A 112 -5.93 -1.71 -14.34
N MET A 113 -5.94 -0.40 -14.25
CA MET A 113 -5.35 0.41 -15.35
C MET A 113 -4.02 -0.21 -15.80
N LEU A 114 -3.30 -0.81 -14.88
CA LEU A 114 -2.00 -1.43 -15.25
C LEU A 114 -1.75 -2.64 -14.36
N ASP A 115 -2.78 -3.13 -13.73
CA ASP A 115 -2.62 -4.32 -12.84
C ASP A 115 -1.31 -4.19 -12.05
N ALA A 116 -1.04 -3.03 -11.51
CA ALA A 116 0.23 -2.85 -10.74
C ALA A 116 1.40 -2.71 -11.72
N ALA A 117 1.70 -3.76 -12.43
CA ALA A 117 2.83 -3.69 -13.38
C ALA A 117 2.79 -4.88 -14.34
N THR A 118 3.39 -4.75 -15.49
CA THR A 118 3.38 -5.89 -16.45
C THR A 118 4.82 -6.24 -16.84
N GLY A 119 5.00 -7.36 -17.50
CA GLY A 119 6.38 -7.76 -17.90
C GLY A 119 7.01 -8.60 -16.79
N LYS A 120 6.24 -8.98 -15.81
CA LYS A 120 6.81 -9.80 -14.70
C LYS A 120 6.91 -11.26 -15.14
N SER A 121 7.94 -11.94 -14.72
CA SER A 121 8.09 -13.38 -15.11
C SER A 121 7.06 -14.22 -14.36
N ALA A 35 2.81 10.49 -17.52
CA ALA A 35 1.88 9.35 -17.78
C ALA A 35 2.03 8.31 -16.68
N PRO A 36 0.92 7.96 -16.02
CA PRO A 36 0.92 6.97 -14.93
C PRO A 36 1.19 5.55 -15.45
N ARG A 37 1.93 4.77 -14.71
CA ARG A 37 2.22 3.38 -15.17
C ARG A 37 2.31 2.46 -13.94
N LYS A 38 2.12 1.19 -14.13
CA LYS A 38 2.20 0.25 -12.98
C LYS A 38 1.42 0.83 -11.80
N GLY A 39 1.65 0.34 -10.62
CA GLY A 39 0.91 0.87 -9.44
C GLY A 39 0.31 -0.28 -8.64
N ASN A 40 1.11 -1.05 -7.97
CA ASN A 40 0.58 -2.19 -7.17
C ASN A 40 -0.18 -1.66 -5.96
N THR A 41 -1.44 -1.99 -5.85
CA THR A 41 -2.24 -1.49 -4.69
C THR A 41 -2.02 -2.41 -3.49
N LEU A 42 -1.92 -1.84 -2.31
CA LEU A 42 -1.70 -2.69 -1.10
C LEU A 42 -2.90 -2.55 -0.17
N TYR A 43 -3.29 -3.61 0.48
CA TYR A 43 -4.46 -3.54 1.40
C TYR A 43 -3.96 -3.37 2.85
N VAL A 44 -4.14 -2.20 3.40
CA VAL A 44 -3.68 -1.97 4.80
C VAL A 44 -4.89 -1.96 5.74
N TYR A 45 -4.78 -2.61 6.87
CA TYR A 45 -5.93 -2.62 7.82
C TYR A 45 -5.48 -2.09 9.18
N GLY A 46 -6.23 -1.17 9.74
CA GLY A 46 -5.85 -0.60 11.06
C GLY A 46 -6.88 0.43 11.50
N GLU A 47 -6.64 1.10 12.59
CA GLU A 47 -7.63 2.13 13.06
C GLU A 47 -6.94 3.49 13.14
N ASP A 48 -7.69 4.55 13.08
CA ASP A 48 -7.08 5.91 13.15
C ASP A 48 -5.87 5.97 12.22
N MET A 49 -6.03 5.60 10.98
CA MET A 49 -4.88 5.64 10.04
C MET A 49 -5.02 6.84 9.10
N THR A 50 -3.94 7.52 8.81
CA THR A 50 -4.02 8.71 7.92
C THR A 50 -3.11 8.48 6.70
N PRO A 51 -3.26 9.32 5.67
CA PRO A 51 -2.45 9.22 4.44
C PRO A 51 -1.00 9.63 4.69
N THR A 52 -0.79 10.81 5.19
CA THR A 52 0.62 11.26 5.45
C THR A 52 1.37 10.17 6.20
N LEU A 53 0.80 9.68 7.27
CA LEU A 53 1.48 8.60 8.05
C LEU A 53 1.75 7.41 7.13
N LEU A 54 0.75 6.95 6.43
CA LEU A 54 0.95 5.79 5.51
C LEU A 54 2.07 6.12 4.53
N ARG A 55 2.07 7.31 3.98
CA ARG A 55 3.14 7.68 3.01
C ARG A 55 4.50 7.40 3.63
N GLY A 56 4.64 7.66 4.90
CA GLY A 56 5.96 7.39 5.57
C GLY A 56 6.20 5.88 5.66
N ALA A 57 5.15 5.12 5.82
CA ALA A 57 5.33 3.65 5.91
C ALA A 57 5.60 3.07 4.52
N PHE A 58 5.18 3.77 3.49
CA PHE A 58 5.42 3.28 2.11
C PHE A 58 6.32 4.25 1.35
N SER A 59 6.86 5.22 2.05
CA SER A 59 7.74 6.23 1.37
C SER A 59 9.11 5.60 1.07
N PRO A 60 9.79 5.11 2.11
CA PRO A 60 11.12 4.50 1.97
C PRO A 60 11.06 3.16 1.23
N PHE A 61 9.94 2.49 1.27
CA PHE A 61 9.82 1.18 0.57
C PHE A 61 9.76 1.42 -0.95
N GLY A 62 9.28 2.56 -1.36
CA GLY A 62 9.20 2.85 -2.81
C GLY A 62 8.37 4.11 -3.04
N ASN A 63 8.13 4.46 -4.27
CA ASN A 63 7.33 5.68 -4.57
C ASN A 63 5.86 5.29 -4.75
N ILE A 64 4.96 6.08 -4.23
CA ILE A 64 3.51 5.75 -4.38
C ILE A 64 2.90 6.60 -5.50
N ILE A 65 2.16 5.99 -6.38
CA ILE A 65 1.55 6.76 -7.50
C ILE A 65 0.12 7.19 -7.11
N ASP A 66 -0.48 6.47 -6.20
CA ASP A 66 -1.86 6.83 -5.77
C ASP A 66 -2.06 6.47 -4.29
N LEU A 67 -2.68 7.34 -3.54
CA LEU A 67 -2.89 7.05 -2.09
C LEU A 67 -4.40 7.05 -1.81
N SER A 68 -4.94 5.92 -1.45
CA SER A 68 -6.40 5.86 -1.15
C SER A 68 -6.62 5.30 0.25
N MET A 69 -7.58 5.84 0.98
CA MET A 69 -7.83 5.34 2.35
C MET A 69 -9.32 5.04 2.51
N ASP A 70 -9.67 4.08 3.32
CA ASP A 70 -11.10 3.73 3.51
C ASP A 70 -11.45 3.80 4.99
N PRO A 71 -12.10 4.90 5.42
CA PRO A 71 -12.50 5.09 6.81
C PRO A 71 -13.70 4.22 7.24
N PRO A 72 -14.60 3.84 6.31
CA PRO A 72 -15.78 3.02 6.66
C PRO A 72 -15.38 1.56 6.89
N ARG A 73 -14.38 1.08 6.20
CA ARG A 73 -13.96 -0.34 6.38
C ARG A 73 -12.67 -0.38 7.21
N ASN A 74 -12.14 0.76 7.57
CA ASN A 74 -10.89 0.76 8.38
C ASN A 74 -9.77 0.11 7.57
N CYS A 75 -9.65 0.45 6.32
CA CYS A 75 -8.57 -0.16 5.49
C CYS A 75 -8.02 0.89 4.51
N ALA A 76 -6.73 0.99 4.39
CA ALA A 76 -6.15 1.99 3.45
C ALA A 76 -5.57 1.28 2.23
N PHE A 77 -5.38 1.98 1.15
CA PHE A 77 -4.82 1.34 -0.07
C PHE A 77 -3.62 2.14 -0.56
N VAL A 78 -2.52 1.48 -0.84
CA VAL A 78 -1.32 2.22 -1.32
C VAL A 78 -0.91 1.66 -2.69
N THR A 79 -0.61 2.53 -3.63
CA THR A 79 -0.21 2.06 -4.97
C THR A 79 1.31 2.19 -5.12
N TYR A 80 1.97 1.14 -5.56
CA TYR A 80 3.45 1.21 -5.72
C TYR A 80 3.80 1.18 -7.21
N GLU A 81 4.72 2.00 -7.63
CA GLU A 81 5.11 2.02 -9.06
C GLU A 81 5.51 0.61 -9.51
N LYS A 82 6.01 -0.18 -8.59
CA LYS A 82 6.42 -1.56 -8.96
C LYS A 82 5.93 -2.54 -7.89
N MET A 83 5.63 -3.75 -8.27
CA MET A 83 5.15 -4.75 -7.28
C MET A 83 6.28 -5.11 -6.32
N GLU A 84 7.51 -4.88 -6.72
CA GLU A 84 8.66 -5.19 -5.83
C GLU A 84 8.63 -4.28 -4.61
N SER A 85 8.34 -3.02 -4.80
CA SER A 85 8.30 -2.08 -3.64
C SER A 85 7.18 -2.49 -2.69
N ALA A 86 6.13 -3.07 -3.21
CA ALA A 86 5.00 -3.49 -2.32
C ALA A 86 5.41 -4.73 -1.53
N ASP A 87 6.26 -5.56 -2.10
CA ASP A 87 6.71 -6.78 -1.38
C ASP A 87 7.57 -6.39 -0.19
N GLN A 88 8.48 -5.47 -0.37
CA GLN A 88 9.35 -5.05 0.76
C GLN A 88 8.49 -4.39 1.84
N ALA A 89 7.53 -3.60 1.44
CA ALA A 89 6.66 -2.92 2.44
C ALA A 89 5.69 -3.93 3.04
N VAL A 90 5.11 -4.77 2.23
CA VAL A 90 4.15 -5.79 2.75
C VAL A 90 4.85 -6.71 3.74
N ALA A 91 6.12 -6.97 3.53
CA ALA A 91 6.86 -7.86 4.45
C ALA A 91 7.27 -7.09 5.71
N GLU A 92 7.91 -5.95 5.55
CA GLU A 92 8.34 -5.16 6.72
C GLU A 92 7.11 -4.53 7.40
N LEU A 93 6.25 -3.92 6.64
CA LEU A 93 5.04 -3.28 7.24
C LEU A 93 4.16 -4.34 7.89
N ASN A 94 4.07 -5.50 7.30
CA ASN A 94 3.23 -6.58 7.89
C ASN A 94 3.93 -7.16 9.12
N GLY A 95 3.25 -7.18 10.24
CA GLY A 95 3.88 -7.73 11.48
C GLY A 95 4.48 -6.60 12.30
N THR A 96 4.01 -5.39 12.11
CA THR A 96 4.56 -4.25 12.88
C THR A 96 3.45 -3.67 13.76
N GLN A 97 3.81 -2.93 14.78
CA GLN A 97 2.79 -2.33 15.69
C GLN A 97 3.12 -0.86 15.92
N VAL A 98 2.13 -0.09 16.31
CA VAL A 98 2.39 1.37 16.56
C VAL A 98 2.34 1.64 18.06
N GLU A 99 2.00 2.84 18.45
CA GLU A 99 1.93 3.16 19.89
C GLU A 99 0.95 2.22 20.59
N SER A 100 -0.13 1.88 19.93
CA SER A 100 -1.13 0.97 20.54
C SER A 100 -2.04 0.39 19.46
N VAL A 101 -1.56 0.32 18.25
CA VAL A 101 -2.39 -0.23 17.14
C VAL A 101 -1.53 -1.11 16.24
N GLN A 102 -2.09 -2.14 15.69
CA GLN A 102 -1.30 -3.05 14.80
C GLN A 102 -1.62 -2.72 13.34
N LEU A 103 -0.65 -2.86 12.47
CA LEU A 103 -0.90 -2.56 11.03
C LEU A 103 -0.81 -3.85 10.21
N LYS A 104 -1.75 -4.06 9.33
CA LYS A 104 -1.73 -5.30 8.50
C LYS A 104 -1.54 -4.93 7.03
N VAL A 105 -0.84 -5.73 6.28
CA VAL A 105 -0.62 -5.41 4.84
C VAL A 105 -1.02 -6.60 3.98
N ASN A 106 -1.53 -6.35 2.80
CA ASN A 106 -1.95 -7.46 1.91
C ASN A 106 -1.98 -6.97 0.46
N ILE A 107 -2.55 -7.74 -0.42
CA ILE A 107 -2.62 -7.31 -1.85
C ILE A 107 -4.06 -6.96 -2.20
N ALA A 108 -4.27 -5.89 -2.92
CA ALA A 108 -5.65 -5.50 -3.31
C ALA A 108 -5.70 -5.17 -4.80
N ARG A 109 -6.81 -5.42 -5.44
CA ARG A 109 -6.92 -5.12 -6.90
C ARG A 109 -7.69 -3.82 -7.10
N LYS A 110 -7.57 -2.90 -6.19
CA LYS A 110 -8.31 -1.61 -6.32
C LYS A 110 -7.67 -0.77 -7.44
N GLN A 111 -6.59 -1.24 -8.00
CA GLN A 111 -5.93 -0.46 -9.09
C GLN A 111 -5.92 -1.31 -10.37
N PRO A 112 -7.09 -1.45 -11.01
CA PRO A 112 -7.23 -2.22 -12.25
C PRO A 112 -6.78 -1.42 -13.48
N MET A 113 -6.74 -0.13 -13.39
CA MET A 113 -6.32 0.69 -14.56
C MET A 113 -5.11 0.04 -15.24
N LEU A 114 -4.26 -0.57 -14.48
CA LEU A 114 -3.07 -1.24 -15.07
C LEU A 114 -2.79 -2.54 -14.31
N ASP A 115 -3.79 -3.11 -13.72
CA ASP A 115 -3.59 -4.39 -12.97
C ASP A 115 -2.32 -4.25 -12.11
N ALA A 116 -2.27 -3.25 -11.27
CA ALA A 116 -1.06 -3.06 -10.42
C ALA A 116 0.16 -2.81 -11.31
N ALA A 117 0.69 -3.85 -11.89
CA ALA A 117 1.88 -3.66 -12.76
C ALA A 117 2.05 -4.89 -13.67
N THR A 118 2.67 -4.72 -14.80
CA THR A 118 2.85 -5.87 -15.73
C THR A 118 4.32 -5.95 -16.15
N GLY A 119 4.71 -7.05 -16.75
CA GLY A 119 6.12 -7.20 -17.20
C GLY A 119 6.16 -8.00 -18.50
N LYS A 120 7.32 -8.16 -19.08
CA LYS A 120 7.42 -8.94 -20.34
C LYS A 120 6.58 -8.26 -21.42
N SER A 121 6.65 -6.96 -21.51
CA SER A 121 5.85 -6.25 -22.55
C SER A 121 6.52 -4.91 -22.88
N ALA A 35 1.13 3.72 -21.63
CA ALA A 35 1.20 3.34 -20.20
C ALA A 35 2.65 3.07 -19.80
N PRO A 36 3.52 4.09 -19.96
CA PRO A 36 4.95 3.98 -19.62
C PRO A 36 5.17 3.86 -18.11
N ARG A 37 4.13 4.06 -17.33
CA ARG A 37 4.29 3.96 -15.85
C ARG A 37 3.34 2.90 -15.31
N LYS A 38 3.77 2.11 -14.36
CA LYS A 38 2.88 1.07 -13.79
C LYS A 38 2.54 1.43 -12.34
N GLY A 39 2.07 0.48 -11.58
CA GLY A 39 1.71 0.78 -10.16
C GLY A 39 1.24 -0.51 -9.47
N ASN A 40 0.94 -0.44 -8.20
CA ASN A 40 0.48 -1.66 -7.47
C ASN A 40 -0.35 -1.24 -6.26
N THR A 41 -1.63 -1.48 -6.29
CA THR A 41 -2.50 -1.08 -5.15
C THR A 41 -2.27 -2.05 -3.98
N LEU A 42 -2.17 -1.53 -2.78
CA LEU A 42 -1.95 -2.40 -1.60
C LEU A 42 -3.12 -2.22 -0.63
N TYR A 43 -3.35 -3.20 0.21
CA TYR A 43 -4.47 -3.08 1.19
C TYR A 43 -3.90 -3.02 2.61
N VAL A 44 -4.20 -1.97 3.33
CA VAL A 44 -3.67 -1.85 4.73
C VAL A 44 -4.85 -1.86 5.70
N TYR A 45 -4.73 -2.58 6.78
CA TYR A 45 -5.83 -2.63 7.77
C TYR A 45 -5.29 -2.27 9.16
N GLY A 46 -5.94 -1.37 9.85
CA GLY A 46 -5.47 -0.98 11.21
C GLY A 46 -6.45 0.02 11.83
N GLU A 47 -6.12 0.55 12.97
CA GLU A 47 -7.03 1.52 13.63
C GLU A 47 -6.36 2.89 13.70
N ASP A 48 -7.13 3.94 13.80
CA ASP A 48 -6.53 5.31 13.88
C ASP A 48 -5.41 5.42 12.85
N MET A 49 -5.68 5.09 11.61
CA MET A 49 -4.63 5.19 10.56
C MET A 49 -4.84 6.46 9.75
N THR A 50 -3.79 7.18 9.45
CA THR A 50 -3.94 8.44 8.66
C THR A 50 -3.13 8.31 7.36
N PRO A 51 -3.43 9.18 6.38
CA PRO A 51 -2.74 9.18 5.09
C PRO A 51 -1.29 9.65 5.22
N THR A 52 -1.07 10.81 5.78
CA THR A 52 0.32 11.32 5.94
C THR A 52 1.17 10.26 6.64
N LEU A 53 0.68 9.72 7.72
CA LEU A 53 1.46 8.67 8.44
C LEU A 53 1.74 7.50 7.50
N LEU A 54 0.73 7.02 6.82
CA LEU A 54 0.93 5.88 5.89
C LEU A 54 1.98 6.27 4.84
N ARG A 55 1.88 7.45 4.30
CA ARG A 55 2.88 7.89 3.28
C ARG A 55 4.29 7.65 3.82
N GLY A 56 4.50 7.93 5.09
CA GLY A 56 5.85 7.72 5.68
C GLY A 56 6.14 6.23 5.77
N ALA A 57 5.13 5.43 5.94
CA ALA A 57 5.35 3.96 6.02
C ALA A 57 5.52 3.38 4.62
N PHE A 58 5.05 4.07 3.62
CA PHE A 58 5.18 3.56 2.23
C PHE A 58 6.01 4.56 1.40
N SER A 59 6.57 5.56 2.04
CA SER A 59 7.37 6.57 1.29
C SER A 59 8.73 5.98 0.91
N PRO A 60 9.49 5.48 1.90
CA PRO A 60 10.82 4.91 1.66
C PRO A 60 10.75 3.58 0.90
N PHE A 61 9.69 2.84 1.07
CA PHE A 61 9.57 1.54 0.36
C PHE A 61 9.43 1.79 -1.15
N GLY A 62 8.88 2.91 -1.52
CA GLY A 62 8.71 3.22 -2.97
C GLY A 62 7.88 4.48 -3.14
N ASN A 63 7.61 4.88 -4.35
CA ASN A 63 6.81 6.11 -4.59
C ASN A 63 5.34 5.72 -4.77
N ILE A 64 4.45 6.48 -4.18
CA ILE A 64 2.99 6.16 -4.31
C ILE A 64 2.38 7.06 -5.38
N ILE A 65 1.57 6.51 -6.25
CA ILE A 65 0.93 7.34 -7.31
C ILE A 65 -0.52 7.62 -6.94
N ASP A 66 -1.10 6.82 -6.09
CA ASP A 66 -2.52 7.05 -5.70
C ASP A 66 -2.71 6.66 -4.23
N LEU A 67 -2.95 7.61 -3.37
CA LEU A 67 -3.16 7.30 -1.93
C LEU A 67 -4.64 7.48 -1.57
N SER A 68 -5.26 6.46 -1.06
CA SER A 68 -6.70 6.58 -0.69
C SER A 68 -6.93 5.98 0.70
N MET A 69 -7.76 6.60 1.49
CA MET A 69 -8.03 6.07 2.86
C MET A 69 -9.48 5.61 2.95
N ASP A 70 -9.75 4.64 3.79
CA ASP A 70 -11.15 4.15 3.93
C ASP A 70 -11.52 4.07 5.41
N PRO A 71 -12.26 5.07 5.91
CA PRO A 71 -12.69 5.12 7.30
C PRO A 71 -13.82 4.14 7.64
N PRO A 72 -14.69 3.77 6.67
CA PRO A 72 -15.79 2.84 6.94
C PRO A 72 -15.29 1.39 7.06
N ARG A 73 -14.27 1.04 6.32
CA ARG A 73 -13.74 -0.35 6.39
C ARG A 73 -12.48 -0.37 7.25
N ASN A 74 -12.02 0.77 7.70
CA ASN A 74 -10.79 0.81 8.55
C ASN A 74 -9.61 0.27 7.75
N CYS A 75 -9.49 0.66 6.51
CA CYS A 75 -8.34 0.17 5.69
C CYS A 75 -7.91 1.26 4.70
N ALA A 76 -6.64 1.38 4.45
CA ALA A 76 -6.16 2.42 3.51
C ALA A 76 -5.71 1.75 2.20
N PHE A 77 -5.58 2.51 1.14
CA PHE A 77 -5.15 1.92 -0.15
C PHE A 77 -3.88 2.63 -0.64
N VAL A 78 -2.88 1.88 -1.01
CA VAL A 78 -1.62 2.52 -1.50
C VAL A 78 -1.26 1.94 -2.87
N THR A 79 -0.80 2.76 -3.77
CA THR A 79 -0.43 2.25 -5.12
C THR A 79 1.07 2.42 -5.34
N TYR A 80 1.79 1.33 -5.43
CA TYR A 80 3.26 1.42 -5.65
C TYR A 80 3.56 1.35 -7.16
N GLU A 81 4.22 2.34 -7.68
CA GLU A 81 4.55 2.35 -9.14
C GLU A 81 4.92 0.94 -9.60
N LYS A 82 5.55 0.16 -8.78
CA LYS A 82 5.94 -1.22 -9.18
C LYS A 82 5.47 -2.20 -8.13
N MET A 83 5.32 -3.45 -8.50
CA MET A 83 4.86 -4.48 -7.52
C MET A 83 6.01 -4.82 -6.56
N GLU A 84 7.22 -4.56 -6.96
CA GLU A 84 8.38 -4.87 -6.08
C GLU A 84 8.37 -3.92 -4.88
N SER A 85 8.18 -2.65 -5.10
CA SER A 85 8.16 -1.69 -3.97
C SER A 85 7.11 -2.13 -2.95
N ALA A 86 6.03 -2.68 -3.41
CA ALA A 86 4.96 -3.13 -2.47
C ALA A 86 5.39 -4.42 -1.78
N ASP A 87 6.20 -5.21 -2.43
CA ASP A 87 6.66 -6.48 -1.81
C ASP A 87 7.55 -6.17 -0.60
N GLN A 88 8.38 -5.18 -0.69
CA GLN A 88 9.26 -4.84 0.45
C GLN A 88 8.44 -4.12 1.53
N ALA A 89 7.49 -3.32 1.13
CA ALA A 89 6.65 -2.60 2.14
C ALA A 89 5.62 -3.57 2.73
N VAL A 90 5.02 -4.39 1.92
CA VAL A 90 4.01 -5.35 2.44
C VAL A 90 4.68 -6.34 3.39
N ALA A 91 5.79 -6.90 2.99
CA ALA A 91 6.49 -7.89 3.86
C ALA A 91 7.16 -7.15 5.03
N GLU A 92 7.73 -6.00 4.76
CA GLU A 92 8.40 -5.24 5.85
C GLU A 92 7.34 -4.60 6.76
N LEU A 93 6.39 -3.91 6.18
CA LEU A 93 5.34 -3.26 7.01
C LEU A 93 4.51 -4.33 7.71
N ASN A 94 4.22 -5.42 7.03
CA ASN A 94 3.41 -6.49 7.66
C ASN A 94 4.21 -7.14 8.79
N GLY A 95 3.64 -7.27 9.95
CA GLY A 95 4.36 -7.89 11.09
C GLY A 95 4.94 -6.80 11.99
N THR A 96 4.44 -5.60 11.87
CA THR A 96 4.96 -4.49 12.73
C THR A 96 3.85 -3.97 13.64
N GLN A 97 4.19 -3.33 14.72
CA GLN A 97 3.15 -2.82 15.64
C GLN A 97 3.32 -1.30 15.81
N VAL A 98 2.24 -0.57 15.85
CA VAL A 98 2.35 0.91 16.01
C VAL A 98 2.53 1.24 17.49
N GLU A 99 2.20 2.44 17.88
CA GLU A 99 2.36 2.82 19.32
C GLU A 99 1.50 1.91 20.19
N SER A 100 0.32 1.56 19.74
CA SER A 100 -0.56 0.67 20.54
C SER A 100 -1.53 -0.07 19.62
N VAL A 101 -1.17 -0.23 18.37
CA VAL A 101 -2.06 -0.94 17.42
C VAL A 101 -1.23 -1.82 16.48
N GLN A 102 -1.81 -2.85 15.93
CA GLN A 102 -1.04 -3.73 15.01
C GLN A 102 -1.33 -3.34 13.56
N LEU A 103 -0.36 -3.41 12.70
CA LEU A 103 -0.58 -3.04 11.27
C LEU A 103 -0.72 -4.32 10.44
N LYS A 104 -1.59 -4.30 9.47
CA LYS A 104 -1.78 -5.51 8.62
C LYS A 104 -1.77 -5.10 7.15
N VAL A 105 -1.04 -5.82 6.33
CA VAL A 105 -0.98 -5.47 4.89
C VAL A 105 -1.54 -6.62 4.05
N ASN A 106 -2.36 -6.31 3.08
CA ASN A 106 -2.94 -7.39 2.23
C ASN A 106 -2.84 -6.97 0.75
N ILE A 107 -3.33 -7.79 -0.13
CA ILE A 107 -3.27 -7.45 -1.58
C ILE A 107 -4.67 -7.10 -2.08
N ALA A 108 -4.80 -6.03 -2.82
CA ALA A 108 -6.14 -5.64 -3.34
C ALA A 108 -6.16 -5.78 -4.87
N ARG A 109 -7.31 -5.84 -5.46
CA ARG A 109 -7.40 -5.98 -6.94
C ARG A 109 -6.42 -5.00 -7.60
N LYS A 110 -5.82 -5.38 -8.69
CA LYS A 110 -4.85 -4.47 -9.37
C LYS A 110 -5.60 -3.24 -9.89
N GLN A 111 -4.93 -2.12 -9.97
CA GLN A 111 -5.61 -0.88 -10.45
C GLN A 111 -5.88 -1.00 -11.95
N PRO A 112 -6.95 -0.36 -12.43
CA PRO A 112 -7.33 -0.39 -13.86
C PRO A 112 -6.42 0.46 -14.74
N MET A 113 -5.77 1.44 -14.18
CA MET A 113 -4.87 2.30 -15.02
C MET A 113 -3.86 1.42 -15.75
N LEU A 114 -3.59 0.26 -15.23
CA LEU A 114 -2.61 -0.64 -15.91
C LEU A 114 -2.54 -1.97 -15.16
N ASP A 115 -3.62 -2.38 -14.54
CA ASP A 115 -3.59 -3.66 -13.80
C ASP A 115 -2.35 -3.70 -12.91
N ALA A 116 -1.98 -2.57 -12.35
CA ALA A 116 -0.78 -2.52 -11.48
C ALA A 116 0.48 -2.58 -12.33
N ALA A 117 0.89 -3.74 -12.74
CA ALA A 117 2.12 -3.84 -13.57
C ALA A 117 2.23 -5.25 -14.17
N THR A 118 3.36 -5.60 -14.70
CA THR A 118 3.52 -6.96 -15.30
C THR A 118 4.69 -7.68 -14.63
N GLY A 119 4.70 -8.98 -14.67
CA GLY A 119 5.81 -9.74 -14.04
C GLY A 119 5.60 -11.24 -14.27
N LYS A 120 6.41 -12.06 -13.66
CA LYS A 120 6.25 -13.54 -13.85
C LYS A 120 4.85 -13.95 -13.42
N SER A 121 4.32 -13.34 -12.39
CA SER A 121 2.95 -13.71 -11.93
C SER A 121 2.10 -12.46 -11.82
N ALA A 35 -2.32 4.97 -18.12
CA ALA A 35 -0.90 5.35 -17.93
C ALA A 35 0.00 4.15 -18.20
N PRO A 36 1.06 4.35 -19.00
CA PRO A 36 2.01 3.29 -19.35
C PRO A 36 2.86 2.87 -18.15
N ARG A 37 3.08 3.76 -17.22
CA ARG A 37 3.90 3.43 -16.04
C ARG A 37 3.23 2.29 -15.25
N LYS A 38 4.01 1.47 -14.61
CA LYS A 38 3.41 0.33 -13.83
C LYS A 38 2.88 0.85 -12.50
N GLY A 39 2.58 -0.03 -11.59
CA GLY A 39 2.06 0.41 -10.26
C GLY A 39 1.63 -0.82 -9.46
N ASN A 40 1.11 -0.62 -8.27
CA ASN A 40 0.66 -1.78 -7.45
C ASN A 40 -0.09 -1.28 -6.22
N THR A 41 -1.37 -1.56 -6.14
CA THR A 41 -2.16 -1.10 -4.96
C THR A 41 -1.95 -2.05 -3.79
N LEU A 42 -2.10 -1.57 -2.58
CA LEU A 42 -1.91 -2.44 -1.39
C LEU A 42 -3.10 -2.28 -0.44
N TYR A 43 -3.37 -3.26 0.36
CA TYR A 43 -4.52 -3.17 1.31
C TYR A 43 -4.00 -3.13 2.74
N VAL A 44 -4.09 -2.00 3.39
CA VAL A 44 -3.61 -1.90 4.80
C VAL A 44 -4.80 -1.86 5.75
N TYR A 45 -4.67 -2.43 6.92
CA TYR A 45 -5.80 -2.42 7.88
C TYR A 45 -5.27 -2.08 9.28
N GLY A 46 -6.01 -1.29 10.02
CA GLY A 46 -5.55 -0.91 11.39
C GLY A 46 -6.52 0.11 11.98
N GLU A 47 -6.12 0.77 13.04
CA GLU A 47 -7.02 1.77 13.68
C GLU A 47 -6.42 3.16 13.54
N ASP A 48 -7.22 4.20 13.62
CA ASP A 48 -6.68 5.58 13.50
C ASP A 48 -5.69 5.64 12.34
N MET A 49 -6.03 5.07 11.22
CA MET A 49 -5.11 5.10 10.05
C MET A 49 -5.26 6.44 9.32
N THR A 50 -4.17 7.07 8.99
CA THR A 50 -4.24 8.38 8.28
C THR A 50 -3.41 8.31 7.00
N PRO A 51 -3.67 9.24 6.07
CA PRO A 51 -2.94 9.29 4.79
C PRO A 51 -1.49 9.74 4.97
N THR A 52 -1.28 10.85 5.63
CA THR A 52 0.11 11.33 5.84
C THR A 52 0.92 10.23 6.55
N LEU A 53 0.39 9.67 7.59
CA LEU A 53 1.13 8.59 8.31
C LEU A 53 1.47 7.47 7.33
N LEU A 54 0.48 6.94 6.65
CA LEU A 54 0.75 5.85 5.68
C LEU A 54 1.87 6.28 4.73
N ARG A 55 1.73 7.42 4.12
CA ARG A 55 2.79 7.90 3.19
C ARG A 55 4.17 7.67 3.82
N GLY A 56 4.28 7.91 5.10
CA GLY A 56 5.59 7.70 5.77
C GLY A 56 5.88 6.20 5.87
N ALA A 57 4.86 5.40 6.02
CA ALA A 57 5.07 3.93 6.11
C ALA A 57 5.28 3.36 4.71
N PHE A 58 4.91 4.10 3.69
CA PHE A 58 5.08 3.61 2.29
C PHE A 58 5.92 4.60 1.50
N SER A 59 6.51 5.55 2.15
CA SER A 59 7.33 6.56 1.43
C SER A 59 8.69 5.98 1.05
N PRO A 60 9.43 5.44 2.04
CA PRO A 60 10.75 4.85 1.82
C PRO A 60 10.68 3.54 1.03
N PHE A 61 9.67 2.75 1.27
CA PHE A 61 9.55 1.46 0.54
C PHE A 61 9.50 1.72 -0.97
N GLY A 62 8.90 2.81 -1.37
CA GLY A 62 8.82 3.11 -2.82
C GLY A 62 7.97 4.38 -3.03
N ASN A 63 7.83 4.81 -4.25
CA ASN A 63 7.02 6.04 -4.52
C ASN A 63 5.55 5.64 -4.69
N ILE A 64 4.65 6.47 -4.22
CA ILE A 64 3.20 6.14 -4.36
C ILE A 64 2.58 7.02 -5.44
N ILE A 65 1.80 6.45 -6.32
CA ILE A 65 1.17 7.26 -7.41
C ILE A 65 -0.29 7.54 -7.05
N ASP A 66 -0.90 6.71 -6.25
CA ASP A 66 -2.32 6.93 -5.87
C ASP A 66 -2.54 6.53 -4.41
N LEU A 67 -2.87 7.48 -3.57
CA LEU A 67 -3.09 7.17 -2.14
C LEU A 67 -4.59 7.18 -1.84
N SER A 68 -5.15 6.05 -1.47
CA SER A 68 -6.60 6.00 -1.17
C SER A 68 -6.82 5.45 0.25
N MET A 69 -7.82 5.92 0.93
CA MET A 69 -8.07 5.43 2.32
C MET A 69 -9.55 5.05 2.47
N ASP A 70 -9.84 4.11 3.33
CA ASP A 70 -11.25 3.69 3.52
C ASP A 70 -11.61 3.78 5.01
N PRO A 71 -12.36 4.82 5.39
CA PRO A 71 -12.77 5.03 6.78
C PRO A 71 -13.90 4.09 7.25
N PRO A 72 -14.77 3.60 6.34
CA PRO A 72 -15.86 2.70 6.73
C PRO A 72 -15.35 1.28 7.03
N ARG A 73 -14.25 0.91 6.46
CA ARG A 73 -13.70 -0.46 6.71
C ARG A 73 -12.39 -0.36 7.48
N ASN A 74 -11.98 0.82 7.83
CA ASN A 74 -10.71 0.98 8.58
C ASN A 74 -9.55 0.38 7.78
N CYS A 75 -9.57 0.56 6.48
CA CYS A 75 -8.47 0.00 5.64
C CYS A 75 -8.02 1.05 4.63
N ALA A 76 -6.73 1.22 4.48
CA ALA A 76 -6.22 2.22 3.51
C ALA A 76 -5.65 1.50 2.29
N PHE A 77 -5.50 2.20 1.19
CA PHE A 77 -4.94 1.54 -0.03
C PHE A 77 -3.73 2.34 -0.53
N VAL A 78 -2.63 1.67 -0.75
CA VAL A 78 -1.41 2.39 -1.24
C VAL A 78 -1.04 1.83 -2.61
N THR A 79 -0.60 2.68 -3.50
CA THR A 79 -0.23 2.20 -4.86
C THR A 79 1.29 2.37 -5.05
N TYR A 80 1.96 1.31 -5.45
CA TYR A 80 3.44 1.40 -5.66
C TYR A 80 3.75 1.28 -7.15
N GLU A 81 4.48 2.21 -7.68
CA GLU A 81 4.83 2.17 -9.13
C GLU A 81 5.15 0.74 -9.56
N LYS A 82 5.83 -0.01 -8.73
CA LYS A 82 6.18 -1.40 -9.09
C LYS A 82 5.72 -2.36 -7.99
N MET A 83 5.51 -3.60 -8.32
CA MET A 83 5.05 -4.58 -7.30
C MET A 83 6.23 -4.92 -6.37
N GLU A 84 7.44 -4.70 -6.83
CA GLU A 84 8.62 -5.01 -5.98
C GLU A 84 8.63 -4.10 -4.76
N SER A 85 8.49 -2.82 -4.96
CA SER A 85 8.49 -1.88 -3.81
C SER A 85 7.34 -2.24 -2.87
N ALA A 86 6.24 -2.69 -3.41
CA ALA A 86 5.09 -3.05 -2.55
C ALA A 86 5.37 -4.40 -1.87
N ASP A 87 6.13 -5.25 -2.53
CA ASP A 87 6.46 -6.57 -1.92
C ASP A 87 7.37 -6.35 -0.70
N GLN A 88 8.26 -5.42 -0.78
CA GLN A 88 9.17 -5.15 0.36
C GLN A 88 8.39 -4.52 1.51
N ALA A 89 7.53 -3.58 1.19
CA ALA A 89 6.72 -2.93 2.26
C ALA A 89 5.74 -3.93 2.86
N VAL A 90 5.10 -4.71 2.02
CA VAL A 90 4.12 -5.72 2.53
C VAL A 90 4.83 -6.66 3.52
N ALA A 91 6.06 -7.00 3.24
CA ALA A 91 6.80 -7.92 4.16
C ALA A 91 7.24 -7.16 5.41
N GLU A 92 7.92 -6.05 5.23
CA GLU A 92 8.38 -5.27 6.40
C GLU A 92 7.18 -4.67 7.13
N LEU A 93 6.23 -4.15 6.41
CA LEU A 93 5.03 -3.55 7.05
C LEU A 93 4.19 -4.65 7.70
N ASN A 94 4.08 -5.78 7.06
CA ASN A 94 3.27 -6.89 7.65
C ASN A 94 3.97 -7.42 8.90
N GLY A 95 3.25 -7.54 9.98
CA GLY A 95 3.88 -8.06 11.23
C GLY A 95 4.53 -6.91 11.99
N THR A 96 3.98 -5.74 11.89
CA THR A 96 4.57 -4.57 12.61
C THR A 96 3.55 -4.01 13.59
N GLN A 97 4.00 -3.26 14.57
CA GLN A 97 3.06 -2.68 15.56
C GLN A 97 3.42 -1.22 15.83
N VAL A 98 2.49 -0.45 16.33
CA VAL A 98 2.79 0.98 16.61
C VAL A 98 2.77 1.22 18.12
N GLU A 99 2.62 2.46 18.53
CA GLU A 99 2.59 2.76 20.00
C GLU A 99 1.57 1.84 20.68
N SER A 100 0.49 1.54 20.03
CA SER A 100 -0.53 0.65 20.66
C SER A 100 -1.50 0.16 19.58
N VAL A 101 -1.04 0.04 18.36
CA VAL A 101 -1.94 -0.44 17.27
C VAL A 101 -1.16 -1.38 16.35
N GLN A 102 -1.82 -2.35 15.78
CA GLN A 102 -1.11 -3.30 14.87
C GLN A 102 -1.32 -2.86 13.41
N LEU A 103 -0.35 -3.08 12.58
CA LEU A 103 -0.49 -2.68 11.14
C LEU A 103 -0.57 -3.93 10.27
N LYS A 104 -1.49 -3.95 9.33
CA LYS A 104 -1.61 -5.15 8.44
C LYS A 104 -1.44 -4.72 7.00
N VAL A 105 -0.76 -5.52 6.21
CA VAL A 105 -0.56 -5.16 4.78
C VAL A 105 -1.03 -6.31 3.89
N ASN A 106 -1.56 -6.00 2.73
CA ASN A 106 -2.04 -7.08 1.84
C ASN A 106 -2.04 -6.58 0.39
N ILE A 107 -2.67 -7.29 -0.50
CA ILE A 107 -2.71 -6.84 -1.93
C ILE A 107 -4.14 -6.46 -2.31
N ALA A 108 -4.30 -5.38 -3.01
CA ALA A 108 -5.66 -4.94 -3.41
C ALA A 108 -5.83 -5.12 -4.92
N ARG A 109 -7.04 -5.26 -5.38
CA ARG A 109 -7.26 -5.43 -6.85
C ARG A 109 -7.49 -4.07 -7.50
N LYS A 110 -7.14 -3.02 -6.80
CA LYS A 110 -7.34 -1.65 -7.38
C LYS A 110 -6.28 -1.42 -8.47
N GLN A 111 -6.19 -0.21 -8.97
CA GLN A 111 -5.18 0.08 -10.02
C GLN A 111 -5.59 -0.64 -11.33
N PRO A 112 -6.84 -0.42 -11.76
CA PRO A 112 -7.36 -1.04 -12.99
C PRO A 112 -6.75 -0.42 -14.25
N MET A 113 -6.30 0.81 -14.17
CA MET A 113 -5.69 1.47 -15.36
C MET A 113 -4.57 0.59 -15.91
N LEU A 114 -3.92 -0.16 -15.06
CA LEU A 114 -2.81 -1.03 -15.54
C LEU A 114 -2.76 -2.31 -14.70
N ASP A 115 -3.87 -2.70 -14.14
CA ASP A 115 -3.87 -3.93 -13.31
C ASP A 115 -2.67 -3.87 -12.35
N ALA A 116 -2.37 -2.69 -11.87
CA ALA A 116 -1.22 -2.54 -10.93
C ALA A 116 0.09 -2.72 -11.70
N ALA A 117 0.49 -3.92 -11.95
CA ALA A 117 1.77 -4.14 -12.68
C ALA A 117 1.81 -5.56 -13.25
N THR A 118 2.56 -5.78 -14.29
CA THR A 118 2.65 -7.14 -14.89
C THR A 118 4.11 -7.59 -14.93
N GLY A 119 4.34 -8.86 -15.12
CA GLY A 119 5.75 -9.36 -15.17
C GLY A 119 5.86 -10.46 -16.22
N LYS A 120 7.05 -10.91 -16.51
CA LYS A 120 7.22 -11.97 -17.54
C LYS A 120 6.78 -13.31 -16.95
N SER A 121 5.98 -14.05 -17.67
CA SER A 121 5.51 -15.37 -17.16
C SER A 121 6.32 -16.49 -17.82
N ALA A 35 -0.15 8.27 -20.62
CA ALA A 35 0.05 6.80 -20.76
C ALA A 35 -0.14 6.13 -19.40
N PRO A 36 -0.55 4.86 -19.40
CA PRO A 36 -0.77 4.09 -18.17
C PRO A 36 0.55 3.77 -17.46
N ARG A 37 0.53 3.80 -16.15
CA ARG A 37 1.78 3.50 -15.39
C ARG A 37 1.53 2.35 -14.41
N LYS A 38 2.56 1.67 -13.98
CA LYS A 38 2.36 0.55 -13.02
C LYS A 38 1.60 1.07 -11.79
N GLY A 39 1.51 0.28 -10.76
CA GLY A 39 0.79 0.74 -9.55
C GLY A 39 0.22 -0.47 -8.79
N ASN A 40 1.01 -1.11 -7.98
CA ASN A 40 0.50 -2.28 -7.21
C ASN A 40 -0.26 -1.78 -5.98
N THR A 41 -1.54 -2.06 -5.89
CA THR A 41 -2.33 -1.59 -4.72
C THR A 41 -2.05 -2.47 -3.51
N LEU A 42 -2.12 -1.92 -2.33
CA LEU A 42 -1.88 -2.73 -1.11
C LEU A 42 -3.06 -2.57 -0.15
N TYR A 43 -3.29 -3.54 0.69
CA TYR A 43 -4.43 -3.45 1.65
C TYR A 43 -3.89 -3.20 3.06
N VAL A 44 -4.18 -2.06 3.63
CA VAL A 44 -3.68 -1.76 5.00
C VAL A 44 -4.86 -1.80 5.99
N TYR A 45 -4.66 -2.39 7.13
CA TYR A 45 -5.76 -2.47 8.13
C TYR A 45 -5.28 -1.93 9.48
N GLY A 46 -6.06 -1.12 10.13
CA GLY A 46 -5.64 -0.58 11.45
C GLY A 46 -6.63 0.51 11.89
N GLU A 47 -6.38 1.12 13.02
CA GLU A 47 -7.31 2.19 13.50
C GLU A 47 -6.57 3.53 13.54
N ASP A 48 -7.29 4.61 13.58
CA ASP A 48 -6.63 5.95 13.63
C ASP A 48 -5.48 5.98 12.62
N MET A 49 -5.74 5.58 11.40
CA MET A 49 -4.67 5.58 10.37
C MET A 49 -4.84 6.80 9.45
N THR A 50 -3.77 7.45 9.10
CA THR A 50 -3.88 8.64 8.21
C THR A 50 -3.03 8.42 6.96
N PRO A 51 -3.28 9.21 5.91
CA PRO A 51 -2.53 9.10 4.64
C PRO A 51 -1.08 9.56 4.79
N THR A 52 -0.88 10.75 5.29
CA THR A 52 0.51 11.25 5.47
C THR A 52 1.34 10.20 6.18
N LEU A 53 0.86 9.66 7.27
CA LEU A 53 1.62 8.62 8.00
C LEU A 53 1.86 7.43 7.07
N LEU A 54 0.84 6.99 6.38
CA LEU A 54 1.02 5.84 5.46
C LEU A 54 2.11 6.16 4.44
N ARG A 55 2.06 7.34 3.87
CA ARG A 55 3.10 7.71 2.88
C ARG A 55 4.49 7.47 3.48
N GLY A 56 4.66 7.78 4.73
CA GLY A 56 5.99 7.57 5.38
C GLY A 56 6.25 6.06 5.50
N ALA A 57 5.23 5.28 5.74
CA ALA A 57 5.43 3.81 5.86
C ALA A 57 5.68 3.22 4.48
N PHE A 58 5.18 3.83 3.45
CA PHE A 58 5.40 3.30 2.07
C PHE A 58 6.30 4.27 1.30
N SER A 59 6.85 5.25 1.96
CA SER A 59 7.73 6.23 1.26
C SER A 59 9.08 5.58 0.95
N PRO A 60 9.78 5.08 1.98
CA PRO A 60 11.09 4.45 1.81
C PRO A 60 11.00 3.11 1.07
N PHE A 61 9.89 2.44 1.17
CA PHE A 61 9.74 1.13 0.47
C PHE A 61 9.67 1.37 -1.04
N GLY A 62 9.10 2.46 -1.46
CA GLY A 62 9.01 2.75 -2.92
C GLY A 62 8.20 4.03 -3.13
N ASN A 63 7.84 4.31 -4.36
CA ASN A 63 7.05 5.54 -4.64
C ASN A 63 5.58 5.16 -4.80
N ILE A 64 4.69 5.96 -4.26
CA ILE A 64 3.24 5.65 -4.38
C ILE A 64 2.62 6.52 -5.47
N ILE A 65 1.91 5.92 -6.40
CA ILE A 65 1.29 6.72 -7.49
C ILE A 65 -0.16 7.04 -7.12
N ASP A 66 -0.76 6.23 -6.27
CA ASP A 66 -2.17 6.49 -5.87
C ASP A 66 -2.34 6.17 -4.39
N LEU A 67 -2.92 7.08 -3.65
CA LEU A 67 -3.12 6.83 -2.19
C LEU A 67 -4.62 6.87 -1.88
N SER A 68 -5.17 5.78 -1.44
CA SER A 68 -6.62 5.75 -1.11
C SER A 68 -6.82 5.36 0.36
N MET A 69 -7.81 5.91 1.00
CA MET A 69 -8.05 5.58 2.43
C MET A 69 -9.47 5.03 2.60
N ASP A 70 -9.65 4.09 3.47
CA ASP A 70 -11.01 3.51 3.67
C ASP A 70 -11.39 3.62 5.16
N PRO A 71 -12.10 4.70 5.52
CA PRO A 71 -12.53 4.93 6.91
C PRO A 71 -13.70 4.03 7.35
N PRO A 72 -14.58 3.59 6.42
CA PRO A 72 -15.72 2.73 6.79
C PRO A 72 -15.28 1.29 7.08
N ARG A 73 -14.15 0.89 6.56
CA ARG A 73 -13.67 -0.51 6.81
C ARG A 73 -12.40 -0.47 7.66
N ASN A 74 -11.99 0.70 8.08
CA ASN A 74 -10.75 0.79 8.91
C ASN A 74 -9.58 0.20 8.14
N CYS A 75 -9.41 0.59 6.90
CA CYS A 75 -8.28 0.05 6.09
C CYS A 75 -7.88 1.07 5.03
N ALA A 76 -6.63 1.12 4.67
CA ALA A 76 -6.18 2.09 3.63
C ALA A 76 -5.57 1.33 2.46
N PHE A 77 -5.53 1.93 1.30
CA PHE A 77 -4.94 1.23 0.12
C PHE A 77 -3.75 2.04 -0.41
N VAL A 78 -2.70 1.37 -0.79
CA VAL A 78 -1.51 2.10 -1.33
C VAL A 78 -1.10 1.50 -2.67
N THR A 79 -0.75 2.33 -3.62
CA THR A 79 -0.34 1.80 -4.95
C THR A 79 1.18 1.94 -5.10
N TYR A 80 1.85 0.93 -5.57
CA TYR A 80 3.32 1.02 -5.74
C TYR A 80 3.68 0.98 -7.22
N GLU A 81 4.65 1.74 -7.63
CA GLU A 81 5.04 1.74 -9.07
C GLU A 81 5.57 0.36 -9.45
N LYS A 82 6.03 -0.39 -8.49
CA LYS A 82 6.56 -1.75 -8.79
C LYS A 82 6.03 -2.75 -7.76
N MET A 83 5.61 -3.90 -8.21
CA MET A 83 5.08 -4.91 -7.26
C MET A 83 6.15 -5.24 -6.21
N GLU A 84 7.40 -5.04 -6.55
CA GLU A 84 8.50 -5.33 -5.59
C GLU A 84 8.40 -4.38 -4.40
N SER A 85 8.05 -3.13 -4.65
CA SER A 85 7.94 -2.16 -3.54
C SER A 85 6.85 -2.61 -2.55
N ALA A 86 5.84 -3.27 -3.03
CA ALA A 86 4.76 -3.74 -2.13
C ALA A 86 5.25 -4.95 -1.33
N ASP A 87 6.05 -5.78 -1.93
CA ASP A 87 6.56 -6.97 -1.20
C ASP A 87 7.38 -6.53 0.02
N GLN A 88 8.25 -5.58 -0.16
CA GLN A 88 9.07 -5.10 0.98
C GLN A 88 8.18 -4.38 2.00
N ALA A 89 7.30 -3.54 1.53
CA ALA A 89 6.41 -2.81 2.47
C ALA A 89 5.37 -3.76 3.06
N VAL A 90 4.88 -4.68 2.26
CA VAL A 90 3.87 -5.65 2.77
C VAL A 90 4.53 -6.60 3.80
N ALA A 91 5.67 -7.14 3.46
CA ALA A 91 6.34 -8.07 4.41
C ALA A 91 6.95 -7.28 5.58
N GLU A 92 7.31 -6.04 5.34
CA GLU A 92 7.91 -5.23 6.43
C GLU A 92 6.80 -4.55 7.24
N LEU A 93 5.88 -3.89 6.57
CA LEU A 93 4.78 -3.21 7.30
C LEU A 93 3.87 -4.25 7.95
N ASN A 94 3.61 -5.33 7.27
CA ASN A 94 2.72 -6.38 7.85
C ASN A 94 3.43 -7.05 9.02
N GLY A 95 2.79 -7.12 10.15
CA GLY A 95 3.42 -7.76 11.34
C GLY A 95 4.10 -6.69 12.20
N THR A 96 3.71 -5.45 12.04
CA THR A 96 4.32 -4.37 12.86
C THR A 96 3.24 -3.67 13.68
N GLN A 97 3.59 -3.18 14.84
CA GLN A 97 2.57 -2.48 15.68
C GLN A 97 3.02 -1.04 15.93
N VAL A 98 2.10 -0.12 15.90
CA VAL A 98 2.46 1.31 16.13
C VAL A 98 2.58 1.56 17.64
N GLU A 99 2.57 2.80 18.05
CA GLU A 99 2.68 3.12 19.49
C GLU A 99 1.61 2.34 20.27
N SER A 100 0.44 2.21 19.70
CA SER A 100 -0.65 1.47 20.42
C SER A 100 -1.65 0.93 19.38
N VAL A 101 -1.22 0.73 18.17
CA VAL A 101 -2.15 0.20 17.13
C VAL A 101 -1.43 -0.87 16.29
N GLN A 102 -2.17 -1.64 15.55
CA GLN A 102 -1.53 -2.70 14.71
C GLN A 102 -1.84 -2.43 13.24
N LEU A 103 -0.92 -2.73 12.36
CA LEU A 103 -1.17 -2.48 10.92
C LEU A 103 -0.98 -3.79 10.14
N LYS A 104 -1.91 -4.14 9.29
CA LYS A 104 -1.78 -5.38 8.50
C LYS A 104 -1.74 -5.03 7.01
N VAL A 105 -0.74 -5.51 6.30
CA VAL A 105 -0.65 -5.20 4.86
C VAL A 105 -1.02 -6.44 4.04
N ASN A 106 -1.64 -6.24 2.90
CA ASN A 106 -2.02 -7.40 2.06
C ASN A 106 -2.20 -6.94 0.61
N ILE A 107 -2.82 -7.75 -0.21
CA ILE A 107 -3.02 -7.34 -1.64
C ILE A 107 -4.46 -6.89 -1.84
N ALA A 108 -4.67 -5.80 -2.52
CA ALA A 108 -6.06 -5.31 -2.74
C ALA A 108 -6.38 -5.38 -4.24
N ARG A 109 -7.24 -4.52 -4.71
CA ARG A 109 -7.60 -4.53 -6.16
C ARG A 109 -6.31 -4.67 -6.99
N LYS A 110 -6.41 -5.28 -8.14
CA LYS A 110 -5.19 -5.45 -8.98
C LYS A 110 -4.84 -4.11 -9.64
N GLN A 111 -5.63 -3.10 -9.39
CA GLN A 111 -5.33 -1.76 -10.00
C GLN A 111 -5.37 -1.87 -11.53
N PRO A 112 -6.52 -1.49 -12.13
CA PRO A 112 -6.70 -1.54 -13.58
C PRO A 112 -5.84 -0.49 -14.30
N MET A 113 -5.52 0.57 -13.63
CA MET A 113 -4.68 1.62 -14.26
C MET A 113 -3.53 0.95 -15.03
N LEU A 114 -3.13 -0.21 -14.59
CA LEU A 114 -2.02 -0.92 -15.29
C LEU A 114 -1.87 -2.32 -14.70
N ASP A 115 -2.94 -2.88 -14.20
CA ASP A 115 -2.84 -4.24 -13.60
C ASP A 115 -1.62 -4.29 -12.68
N ALA A 116 -1.34 -3.21 -12.01
CA ALA A 116 -0.16 -3.18 -11.10
C ALA A 116 1.12 -3.05 -11.91
N ALA A 117 1.57 -4.13 -12.50
CA ALA A 117 2.82 -4.06 -13.31
C ALA A 117 3.08 -5.43 -13.96
N THR A 118 2.05 -6.16 -14.25
CA THR A 118 2.25 -7.50 -14.87
C THR A 118 2.88 -7.33 -16.25
N GLY A 119 2.54 -6.29 -16.95
CA GLY A 119 3.12 -6.06 -18.30
C GLY A 119 4.49 -5.41 -18.17
N LYS A 120 5.19 -5.23 -19.25
CA LYS A 120 6.54 -4.59 -19.18
C LYS A 120 6.43 -3.24 -18.48
N SER A 121 5.36 -2.54 -18.70
CA SER A 121 5.20 -1.21 -18.05
C SER A 121 3.77 -0.70 -18.27
N ALA A 35 1.23 6.14 -21.03
CA ALA A 35 1.66 6.15 -19.60
C ALA A 35 2.44 4.86 -19.30
N PRO A 36 3.75 4.85 -19.61
CA PRO A 36 4.60 3.70 -19.38
C PRO A 36 4.86 3.47 -17.89
N ARG A 37 4.59 4.45 -17.08
CA ARG A 37 4.82 4.30 -15.61
C ARG A 37 3.99 3.11 -15.09
N LYS A 38 4.54 2.36 -14.18
CA LYS A 38 3.79 1.19 -13.64
C LYS A 38 3.19 1.56 -12.28
N GLY A 39 2.69 0.60 -11.56
CA GLY A 39 2.08 0.90 -10.23
C GLY A 39 1.64 -0.39 -9.55
N ASN A 40 1.29 -0.33 -8.29
CA ASN A 40 0.84 -1.56 -7.58
C ASN A 40 0.08 -1.15 -6.31
N THR A 41 -1.20 -1.40 -6.27
CA THR A 41 -2.01 -1.01 -5.08
C THR A 41 -1.79 -2.03 -3.96
N LEU A 42 -1.91 -1.60 -2.73
CA LEU A 42 -1.73 -2.54 -1.58
C LEU A 42 -2.94 -2.45 -0.67
N TYR A 43 -3.24 -3.51 0.04
CA TYR A 43 -4.43 -3.49 0.96
C TYR A 43 -3.94 -3.44 2.40
N VAL A 44 -4.15 -2.34 3.07
CA VAL A 44 -3.71 -2.24 4.50
C VAL A 44 -4.93 -2.25 5.41
N TYR A 45 -4.83 -2.89 6.55
CA TYR A 45 -5.99 -2.93 7.48
C TYR A 45 -5.55 -2.50 8.88
N GLY A 46 -6.27 -1.60 9.49
CA GLY A 46 -5.88 -1.12 10.84
C GLY A 46 -6.94 -0.15 11.36
N GLU A 47 -6.64 0.56 12.41
CA GLU A 47 -7.62 1.53 12.97
C GLU A 47 -6.93 2.88 13.21
N ASP A 48 -7.69 3.93 13.33
CA ASP A 48 -7.07 5.27 13.59
C ASP A 48 -5.86 5.45 12.68
N MET A 49 -6.01 5.22 11.40
CA MET A 49 -4.85 5.38 10.48
C MET A 49 -4.99 6.69 9.71
N THR A 50 -3.90 7.35 9.42
CA THR A 50 -3.98 8.63 8.67
C THR A 50 -3.25 8.49 7.34
N PRO A 51 -3.53 9.39 6.38
CA PRO A 51 -2.90 9.38 5.06
C PRO A 51 -1.42 9.76 5.13
N THR A 52 -1.11 10.88 5.71
CA THR A 52 0.32 11.31 5.82
C THR A 52 1.12 10.22 6.54
N LEU A 53 0.59 9.70 7.61
CA LEU A 53 1.32 8.63 8.35
C LEU A 53 1.55 7.44 7.43
N LEU A 54 0.54 7.00 6.74
CA LEU A 54 0.70 5.83 5.83
C LEU A 54 1.76 6.17 4.77
N ARG A 55 1.63 7.27 4.10
CA ARG A 55 2.63 7.65 3.07
C ARG A 55 4.04 7.42 3.63
N GLY A 56 4.25 7.76 4.87
CA GLY A 56 5.60 7.57 5.47
C GLY A 56 5.92 6.06 5.52
N ALA A 57 4.96 5.26 5.85
CA ALA A 57 5.21 3.79 5.92
C ALA A 57 5.51 3.27 4.51
N PHE A 58 5.06 3.96 3.50
CA PHE A 58 5.31 3.51 2.11
C PHE A 58 6.18 4.54 1.38
N SER A 59 6.69 5.51 2.10
CA SER A 59 7.54 6.55 1.45
C SER A 59 8.94 6.01 1.17
N PRO A 60 9.62 5.49 2.19
CA PRO A 60 10.99 4.95 2.05
C PRO A 60 11.00 3.65 1.24
N PHE A 61 9.96 2.88 1.31
CA PHE A 61 9.93 1.61 0.53
C PHE A 61 9.91 1.92 -0.97
N GLY A 62 9.21 2.94 -1.36
CA GLY A 62 9.15 3.30 -2.81
C GLY A 62 8.28 4.53 -2.99
N ASN A 63 8.07 4.95 -4.21
CA ASN A 63 7.22 6.15 -4.46
C ASN A 63 5.78 5.71 -4.68
N ILE A 64 4.84 6.46 -4.15
CA ILE A 64 3.41 6.07 -4.33
C ILE A 64 2.78 6.95 -5.41
N ILE A 65 2.06 6.36 -6.32
CA ILE A 65 1.42 7.16 -7.40
C ILE A 65 -0.03 7.47 -7.04
N ASP A 66 -0.59 6.72 -6.13
CA ASP A 66 -2.00 6.98 -5.72
C ASP A 66 -2.22 6.49 -4.29
N LEU A 67 -2.43 7.40 -3.38
CA LEU A 67 -2.65 6.99 -1.95
C LEU A 67 -4.14 7.08 -1.63
N SER A 68 -4.74 5.98 -1.29
CA SER A 68 -6.20 6.01 -0.97
C SER A 68 -6.43 5.38 0.41
N MET A 69 -7.38 5.88 1.15
CA MET A 69 -7.66 5.30 2.50
C MET A 69 -9.14 4.95 2.60
N ASP A 70 -9.48 3.96 3.40
CA ASP A 70 -10.90 3.57 3.55
C ASP A 70 -11.29 3.59 5.02
N PRO A 71 -11.92 4.68 5.47
CA PRO A 71 -12.36 4.84 6.86
C PRO A 71 -13.60 3.99 7.22
N PRO A 72 -14.49 3.67 6.25
CA PRO A 72 -15.68 2.87 6.54
C PRO A 72 -15.34 1.39 6.71
N ARG A 73 -14.27 0.93 6.11
CA ARG A 73 -13.89 -0.50 6.23
C ARG A 73 -12.61 -0.62 7.07
N ASN A 74 -12.07 0.49 7.51
CA ASN A 74 -10.82 0.43 8.32
C ASN A 74 -9.71 -0.20 7.48
N CYS A 75 -9.58 0.22 6.25
CA CYS A 75 -8.51 -0.35 5.39
C CYS A 75 -7.94 0.75 4.48
N ALA A 76 -6.65 0.80 4.32
CA ALA A 76 -6.06 1.86 3.45
C ALA A 76 -5.46 1.20 2.20
N PHE A 77 -5.38 1.94 1.13
CA PHE A 77 -4.81 1.36 -0.13
C PHE A 77 -3.60 2.18 -0.57
N VAL A 78 -2.50 1.53 -0.84
CA VAL A 78 -1.29 2.29 -1.28
C VAL A 78 -0.86 1.78 -2.66
N THR A 79 -0.47 2.67 -3.53
CA THR A 79 -0.06 2.24 -4.89
C THR A 79 1.46 2.38 -5.03
N TYR A 80 2.10 1.39 -5.61
CA TYR A 80 3.59 1.46 -5.77
C TYR A 80 3.93 1.40 -7.25
N GLU A 81 4.60 2.40 -7.77
CA GLU A 81 4.98 2.41 -9.20
C GLU A 81 5.42 1.01 -9.63
N LYS A 82 6.15 0.32 -8.80
CA LYS A 82 6.60 -1.05 -9.17
C LYS A 82 6.11 -2.05 -8.11
N MET A 83 6.12 -3.31 -8.43
CA MET A 83 5.65 -4.33 -7.43
C MET A 83 6.78 -4.61 -6.44
N GLU A 84 7.98 -4.19 -6.75
CA GLU A 84 9.11 -4.43 -5.81
C GLU A 84 8.93 -3.57 -4.55
N SER A 85 8.42 -2.38 -4.71
CA SER A 85 8.22 -1.50 -3.52
C SER A 85 7.07 -2.05 -2.66
N ALA A 86 6.10 -2.66 -3.28
CA ALA A 86 4.96 -3.20 -2.50
C ALA A 86 5.37 -4.53 -1.86
N ASP A 87 6.24 -5.27 -2.49
CA ASP A 87 6.68 -6.57 -1.91
C ASP A 87 7.55 -6.32 -0.67
N GLN A 88 8.49 -5.43 -0.77
CA GLN A 88 9.37 -5.14 0.40
C GLN A 88 8.57 -4.44 1.49
N ALA A 89 7.70 -3.53 1.13
CA ALA A 89 6.89 -2.82 2.15
C ALA A 89 5.90 -3.80 2.79
N VAL A 90 5.29 -4.65 1.99
CA VAL A 90 4.32 -5.62 2.56
C VAL A 90 5.01 -6.51 3.58
N ALA A 91 6.25 -6.85 3.34
CA ALA A 91 6.98 -7.73 4.31
C ALA A 91 7.39 -6.93 5.54
N GLU A 92 8.06 -5.83 5.35
CA GLU A 92 8.50 -5.01 6.52
C GLU A 92 7.27 -4.39 7.19
N LEU A 93 6.35 -3.85 6.42
CA LEU A 93 5.14 -3.22 7.02
C LEU A 93 4.29 -4.30 7.70
N ASN A 94 4.19 -5.45 7.10
CA ASN A 94 3.38 -6.54 7.71
C ASN A 94 4.11 -7.12 8.92
N GLY A 95 3.50 -7.05 10.08
CA GLY A 95 4.16 -7.59 11.29
C GLY A 95 4.68 -6.43 12.15
N THR A 96 4.29 -5.23 11.84
CA THR A 96 4.75 -4.06 12.62
C THR A 96 3.59 -3.52 13.47
N GLN A 97 3.89 -2.81 14.53
CA GLN A 97 2.80 -2.27 15.39
C GLN A 97 3.05 -0.78 15.62
N VAL A 98 2.00 0.00 15.72
CA VAL A 98 2.17 1.46 15.94
C VAL A 98 2.26 1.73 17.45
N GLU A 99 1.78 2.87 17.89
CA GLU A 99 1.85 3.19 19.33
C GLU A 99 1.01 2.18 20.13
N SER A 100 -0.15 1.85 19.63
CA SER A 100 -1.01 0.87 20.34
C SER A 100 -1.92 0.16 19.34
N VAL A 101 -1.53 0.11 18.10
CA VAL A 101 -2.38 -0.57 17.08
C VAL A 101 -1.48 -1.37 16.13
N GLN A 102 -1.98 -2.46 15.60
CA GLN A 102 -1.15 -3.28 14.68
C GLN A 102 -1.52 -2.94 13.24
N LEU A 103 -0.53 -2.87 12.37
CA LEU A 103 -0.82 -2.54 10.95
C LEU A 103 -0.74 -3.82 10.10
N LYS A 104 -1.65 -3.99 9.19
CA LYS A 104 -1.63 -5.21 8.33
C LYS A 104 -1.45 -4.78 6.87
N VAL A 105 -0.64 -5.49 6.13
CA VAL A 105 -0.42 -5.13 4.71
C VAL A 105 -0.77 -6.33 3.82
N ASN A 106 -1.34 -6.08 2.67
CA ASN A 106 -1.71 -7.21 1.76
C ASN A 106 -1.62 -6.74 0.31
N ILE A 107 -1.88 -7.61 -0.63
CA ILE A 107 -1.81 -7.21 -2.05
C ILE A 107 -3.21 -7.25 -2.66
N ALA A 108 -3.69 -6.13 -3.15
CA ALA A 108 -5.05 -6.09 -3.75
C ALA A 108 -5.10 -7.05 -4.95
N ARG A 109 -6.27 -7.56 -5.26
CA ARG A 109 -6.39 -8.49 -6.42
C ARG A 109 -5.66 -7.89 -7.63
N LYS A 110 -5.90 -6.64 -7.92
CA LYS A 110 -5.23 -6.01 -9.08
C LYS A 110 -5.66 -4.54 -9.19
N GLN A 111 -4.82 -3.69 -9.71
CA GLN A 111 -5.18 -2.26 -9.83
C GLN A 111 -5.25 -1.88 -11.31
N PRO A 112 -6.46 -1.87 -11.88
CA PRO A 112 -6.67 -1.54 -13.30
C PRO A 112 -6.42 -0.05 -13.57
N MET A 113 -6.65 0.78 -12.59
CA MET A 113 -6.42 2.24 -12.79
C MET A 113 -5.08 2.43 -13.51
N LEU A 114 -4.17 1.50 -13.36
CA LEU A 114 -2.85 1.63 -14.03
C LEU A 114 -2.33 0.23 -14.38
N ASP A 115 -3.21 -0.71 -14.55
CA ASP A 115 -2.77 -2.10 -14.89
C ASP A 115 -1.65 -2.52 -13.92
N ALA A 116 -1.69 -2.04 -12.71
CA ALA A 116 -0.63 -2.41 -11.73
C ALA A 116 0.75 -2.31 -12.39
N ALA A 117 1.26 -3.41 -12.89
CA ALA A 117 2.59 -3.37 -13.54
C ALA A 117 2.89 -4.72 -14.18
N THR A 118 3.24 -5.70 -13.39
CA THR A 118 3.54 -7.05 -13.95
C THR A 118 2.24 -7.71 -14.42
N GLY A 119 1.13 -7.36 -13.82
CA GLY A 119 -0.17 -7.96 -14.23
C GLY A 119 -0.30 -9.36 -13.62
N LYS A 120 -1.03 -10.23 -14.26
CA LYS A 120 -1.19 -11.61 -13.72
C LYS A 120 -0.04 -12.49 -14.19
N SER A 121 0.42 -13.38 -13.36
CA SER A 121 1.54 -14.28 -13.76
C SER A 121 1.52 -15.54 -12.91
N ALA A 35 -1.16 7.32 -22.03
CA ALA A 35 0.13 6.97 -21.40
C ALA A 35 -0.11 6.04 -20.22
N PRO A 36 0.11 4.73 -20.43
CA PRO A 36 -0.09 3.72 -19.38
C PRO A 36 0.97 3.82 -18.28
N ARG A 37 0.57 3.66 -17.05
CA ARG A 37 1.55 3.76 -15.93
C ARG A 37 1.46 2.50 -15.07
N LYS A 38 2.52 2.17 -14.39
CA LYS A 38 2.51 0.95 -13.54
C LYS A 38 1.95 1.31 -12.15
N GLY A 39 2.18 0.46 -11.17
CA GLY A 39 1.67 0.75 -9.81
C GLY A 39 1.18 -0.55 -9.16
N ASN A 40 0.91 -0.53 -7.88
CA ASN A 40 0.44 -1.77 -7.20
C ASN A 40 -0.38 -1.40 -5.96
N THR A 41 -1.67 -1.42 -6.06
CA THR A 41 -2.53 -1.07 -4.89
C THR A 41 -2.25 -2.03 -3.74
N LEU A 42 -2.21 -1.53 -2.53
CA LEU A 42 -1.95 -2.42 -1.36
C LEU A 42 -3.06 -2.25 -0.34
N TYR A 43 -3.44 -3.32 0.31
CA TYR A 43 -4.54 -3.22 1.33
C TYR A 43 -3.92 -3.07 2.72
N VAL A 44 -4.23 -2.00 3.40
CA VAL A 44 -3.66 -1.79 4.77
C VAL A 44 -4.81 -1.74 5.79
N TYR A 45 -4.63 -2.35 6.92
CA TYR A 45 -5.71 -2.32 7.96
C TYR A 45 -5.11 -1.89 9.30
N GLY A 46 -5.84 -1.11 10.05
CA GLY A 46 -5.32 -0.65 11.38
C GLY A 46 -6.31 0.35 11.99
N GLU A 47 -5.97 0.92 13.11
CA GLU A 47 -6.88 1.90 13.76
C GLU A 47 -6.26 3.29 13.70
N ASP A 48 -7.05 4.32 13.84
CA ASP A 48 -6.51 5.71 13.78
C ASP A 48 -5.51 5.81 12.64
N MET A 49 -5.82 5.21 11.52
CA MET A 49 -4.89 5.28 10.36
C MET A 49 -4.98 6.65 9.71
N THR A 50 -3.87 7.20 9.27
CA THR A 50 -3.90 8.54 8.63
C THR A 50 -3.12 8.49 7.32
N PRO A 51 -3.35 9.48 6.44
CA PRO A 51 -2.66 9.55 5.14
C PRO A 51 -1.18 9.91 5.30
N THR A 52 -0.89 10.99 5.98
CA THR A 52 0.54 11.37 6.18
C THR A 52 1.29 10.24 6.85
N LEU A 53 0.68 9.61 7.84
CA LEU A 53 1.37 8.49 8.54
C LEU A 53 1.63 7.36 7.55
N LEU A 54 0.66 7.01 6.75
CA LEU A 54 0.86 5.91 5.77
C LEU A 54 1.91 6.34 4.75
N ARG A 55 1.79 7.54 4.24
CA ARG A 55 2.78 8.03 3.24
C ARG A 55 4.20 7.74 3.74
N GLY A 56 4.44 7.94 5.01
CA GLY A 56 5.79 7.68 5.56
C GLY A 56 6.03 6.16 5.66
N ALA A 57 4.98 5.42 5.89
CA ALA A 57 5.14 3.94 6.01
C ALA A 57 5.37 3.35 4.61
N PHE A 58 4.93 4.03 3.59
CA PHE A 58 5.13 3.51 2.21
C PHE A 58 5.97 4.50 1.40
N SER A 59 6.51 5.49 2.05
CA SER A 59 7.33 6.50 1.33
C SER A 59 8.71 5.91 0.98
N PRO A 60 9.46 5.45 1.99
CA PRO A 60 10.79 4.87 1.79
C PRO A 60 10.73 3.52 1.06
N PHE A 61 9.73 2.74 1.33
CA PHE A 61 9.63 1.41 0.65
C PHE A 61 9.58 1.60 -0.86
N GLY A 62 8.98 2.67 -1.32
CA GLY A 62 8.90 2.91 -2.79
C GLY A 62 8.08 4.17 -3.07
N ASN A 63 7.82 4.47 -4.31
CA ASN A 63 7.02 5.68 -4.64
C ASN A 63 5.55 5.29 -4.81
N ILE A 64 4.66 6.17 -4.44
CA ILE A 64 3.21 5.85 -4.57
C ILE A 64 2.59 6.73 -5.67
N ILE A 65 1.94 6.13 -6.62
CA ILE A 65 1.32 6.93 -7.72
C ILE A 65 -0.11 7.29 -7.35
N ASP A 66 -0.71 6.54 -6.46
CA ASP A 66 -2.11 6.84 -6.05
C ASP A 66 -2.38 6.27 -4.66
N LEU A 67 -2.23 7.07 -3.65
CA LEU A 67 -2.47 6.58 -2.26
C LEU A 67 -3.93 6.89 -1.88
N SER A 68 -4.66 5.90 -1.44
CA SER A 68 -6.08 6.14 -1.05
C SER A 68 -6.31 5.62 0.37
N MET A 69 -7.27 6.19 1.05
CA MET A 69 -7.56 5.74 2.44
C MET A 69 -9.05 5.38 2.55
N ASP A 70 -9.38 4.46 3.42
CA ASP A 70 -10.80 4.07 3.58
C ASP A 70 -11.20 4.12 5.06
N PRO A 71 -11.85 5.21 5.47
CA PRO A 71 -12.28 5.39 6.86
C PRO A 71 -13.51 4.53 7.24
N PRO A 72 -14.39 4.17 6.27
CA PRO A 72 -15.57 3.36 6.58
C PRO A 72 -15.20 1.88 6.80
N ARG A 73 -14.13 1.44 6.20
CA ARG A 73 -13.72 0.01 6.36
C ARG A 73 -12.46 -0.06 7.23
N ASN A 74 -11.94 1.07 7.64
CA ASN A 74 -10.71 1.06 8.48
C ASN A 74 -9.56 0.43 7.70
N CYS A 75 -9.41 0.79 6.45
CA CYS A 75 -8.31 0.21 5.64
C CYS A 75 -7.82 1.26 4.64
N ALA A 76 -6.57 1.21 4.27
CA ALA A 76 -6.03 2.20 3.29
C ALA A 76 -5.60 1.48 2.02
N PHE A 77 -5.59 2.17 0.91
CA PHE A 77 -5.17 1.53 -0.37
C PHE A 77 -4.03 2.33 -1.00
N VAL A 78 -2.84 1.82 -0.95
CA VAL A 78 -1.68 2.55 -1.54
C VAL A 78 -1.19 1.82 -2.79
N THR A 79 -0.92 2.54 -3.84
CA THR A 79 -0.45 1.88 -5.10
C THR A 79 1.07 2.06 -5.23
N TYR A 80 1.78 0.97 -5.43
CA TYR A 80 3.27 1.08 -5.56
C TYR A 80 3.64 0.97 -7.05
N GLU A 81 4.38 1.92 -7.56
CA GLU A 81 4.79 1.87 -8.99
C GLU A 81 5.21 0.44 -9.36
N LYS A 82 6.01 -0.18 -8.56
CA LYS A 82 6.46 -1.56 -8.87
C LYS A 82 5.89 -2.53 -7.83
N MET A 83 5.75 -3.78 -8.18
CA MET A 83 5.21 -4.77 -7.20
C MET A 83 6.31 -5.16 -6.21
N GLU A 84 7.55 -4.93 -6.56
CA GLU A 84 8.66 -5.28 -5.63
C GLU A 84 8.63 -4.33 -4.42
N SER A 85 8.46 -3.06 -4.66
CA SER A 85 8.42 -2.09 -3.54
C SER A 85 7.23 -2.42 -2.63
N ALA A 86 6.21 -3.04 -3.16
CA ALA A 86 5.04 -3.39 -2.32
C ALA A 86 5.36 -4.65 -1.51
N ASP A 87 6.13 -5.55 -2.07
CA ASP A 87 6.48 -6.78 -1.32
C ASP A 87 7.36 -6.43 -0.12
N GLN A 88 8.19 -5.42 -0.26
CA GLN A 88 9.07 -5.03 0.88
C GLN A 88 8.26 -4.25 1.91
N ALA A 89 7.33 -3.43 1.46
CA ALA A 89 6.51 -2.65 2.41
C ALA A 89 5.45 -3.56 3.04
N VAL A 90 4.94 -4.49 2.28
CA VAL A 90 3.90 -5.41 2.83
C VAL A 90 4.55 -6.37 3.83
N ALA A 91 5.72 -6.85 3.53
CA ALA A 91 6.40 -7.78 4.47
C ALA A 91 6.99 -7.00 5.65
N GLU A 92 7.44 -5.80 5.41
CA GLU A 92 8.02 -4.99 6.51
C GLU A 92 6.89 -4.35 7.33
N LEU A 93 5.93 -3.77 6.68
CA LEU A 93 4.80 -3.14 7.43
C LEU A 93 3.94 -4.22 8.07
N ASN A 94 3.75 -5.33 7.40
CA ASN A 94 2.91 -6.42 7.99
C ASN A 94 3.66 -7.05 9.15
N GLY A 95 2.98 -7.32 10.24
CA GLY A 95 3.65 -7.94 11.41
C GLY A 95 4.35 -6.86 12.23
N THR A 96 3.87 -5.65 12.17
CA THR A 96 4.50 -4.55 12.96
C THR A 96 3.44 -3.86 13.83
N GLN A 97 3.82 -3.40 14.99
CA GLN A 97 2.84 -2.73 15.87
C GLN A 97 3.27 -1.28 16.10
N VAL A 98 2.35 -0.36 16.07
CA VAL A 98 2.71 1.08 16.28
C VAL A 98 2.86 1.34 17.78
N GLU A 99 2.65 2.56 18.20
CA GLU A 99 2.79 2.88 19.65
C GLU A 99 1.83 2.01 20.46
N SER A 100 0.65 1.77 19.94
CA SER A 100 -0.32 0.93 20.68
C SER A 100 -1.34 0.34 19.70
N VAL A 101 -0.96 0.20 18.47
CA VAL A 101 -1.91 -0.37 17.46
C VAL A 101 -1.16 -1.37 16.57
N GLN A 102 -1.89 -2.14 15.80
CA GLN A 102 -1.23 -3.14 14.92
C GLN A 102 -1.65 -2.88 13.46
N LEU A 103 -0.78 -3.13 12.53
CA LEU A 103 -1.15 -2.89 11.10
C LEU A 103 -1.03 -4.19 10.30
N LYS A 104 -1.99 -4.47 9.47
CA LYS A 104 -1.94 -5.72 8.66
C LYS A 104 -1.90 -5.34 7.17
N VAL A 105 -0.99 -5.90 6.43
CA VAL A 105 -0.91 -5.57 4.97
C VAL A 105 -1.37 -6.76 4.14
N ASN A 106 -2.22 -6.54 3.18
CA ASN A 106 -2.70 -7.66 2.33
C ASN A 106 -2.63 -7.25 0.85
N ILE A 107 -3.04 -8.10 -0.03
CA ILE A 107 -3.00 -7.75 -1.49
C ILE A 107 -4.41 -7.50 -1.99
N ALA A 108 -4.61 -6.45 -2.75
CA ALA A 108 -5.97 -6.15 -3.28
C ALA A 108 -6.01 -6.45 -4.78
N ARG A 109 -7.18 -6.54 -5.34
CA ARG A 109 -7.28 -6.82 -6.80
C ARG A 109 -6.33 -5.90 -7.57
N LYS A 110 -5.71 -6.39 -8.61
CA LYS A 110 -4.76 -5.54 -9.38
C LYS A 110 -5.51 -4.32 -9.91
N GLN A 111 -4.87 -3.17 -9.91
CA GLN A 111 -5.53 -1.94 -10.41
C GLN A 111 -5.72 -2.04 -11.93
N PRO A 112 -6.83 -1.49 -12.44
CA PRO A 112 -7.14 -1.51 -13.88
C PRO A 112 -6.25 -0.57 -14.69
N MET A 113 -5.90 0.56 -14.14
CA MET A 113 -5.04 1.52 -14.90
C MET A 113 -3.92 0.77 -15.61
N LEU A 114 -3.54 -0.36 -15.09
CA LEU A 114 -2.45 -1.15 -15.73
C LEU A 114 -2.27 -2.48 -15.01
N ASP A 115 -3.32 -2.99 -14.43
CA ASP A 115 -3.21 -4.29 -13.70
C ASP A 115 -2.04 -4.19 -12.73
N ALA A 116 -1.81 -3.03 -12.19
CA ALA A 116 -0.67 -2.86 -11.23
C ALA A 116 0.65 -2.81 -12.01
N ALA A 117 1.15 -3.94 -12.39
CA ALA A 117 2.45 -3.95 -13.14
C ALA A 117 2.66 -5.32 -13.79
N THR A 118 1.60 -6.03 -14.06
CA THR A 118 1.75 -7.36 -14.69
C THR A 118 2.34 -7.20 -16.10
N GLY A 119 2.39 -6.00 -16.59
CA GLY A 119 2.95 -5.78 -17.96
C GLY A 119 4.38 -6.32 -18.02
N LYS A 120 5.09 -6.28 -16.91
CA LYS A 120 6.48 -6.79 -16.91
C LYS A 120 6.52 -8.21 -17.47
N SER A 121 5.49 -8.98 -17.23
CA SER A 121 5.47 -10.37 -17.75
C SER A 121 4.32 -10.52 -18.76
N ALA A 35 7.42 1.64 -17.07
CA ALA A 35 6.69 2.94 -17.17
C ALA A 35 6.06 3.27 -15.81
N PRO A 36 6.01 4.57 -15.47
CA PRO A 36 5.43 5.03 -14.20
C PRO A 36 3.91 4.87 -14.17
N ARG A 37 3.29 4.80 -15.32
CA ARG A 37 1.81 4.62 -15.36
C ARG A 37 1.42 3.37 -14.56
N LYS A 38 2.18 2.32 -14.71
CA LYS A 38 1.86 1.06 -13.97
C LYS A 38 1.99 1.32 -12.46
N GLY A 39 1.96 0.29 -11.67
CA GLY A 39 2.08 0.47 -10.20
C GLY A 39 1.54 -0.77 -9.48
N ASN A 40 1.11 -0.63 -8.26
CA ASN A 40 0.58 -1.81 -7.52
C ASN A 40 -0.18 -1.32 -6.29
N THR A 41 -1.46 -1.56 -6.23
CA THR A 41 -2.26 -1.11 -5.05
C THR A 41 -2.04 -2.06 -3.88
N LEU A 42 -2.09 -1.56 -2.67
CA LEU A 42 -1.88 -2.43 -1.49
C LEU A 42 -3.09 -2.32 -0.56
N TYR A 43 -3.37 -3.35 0.20
CA TYR A 43 -4.54 -3.30 1.12
C TYR A 43 -4.03 -3.25 2.57
N VAL A 44 -4.23 -2.14 3.23
CA VAL A 44 -3.76 -2.02 4.64
C VAL A 44 -4.97 -2.05 5.58
N TYR A 45 -4.83 -2.65 6.73
CA TYR A 45 -5.97 -2.71 7.68
C TYR A 45 -5.50 -2.30 9.08
N GLY A 46 -6.24 -1.47 9.75
CA GLY A 46 -5.84 -1.04 11.12
C GLY A 46 -6.86 -0.05 11.66
N GLU A 47 -6.57 0.59 12.77
CA GLU A 47 -7.53 1.57 13.35
C GLU A 47 -6.83 2.92 13.52
N ASP A 48 -7.58 3.99 13.58
CA ASP A 48 -6.97 5.33 13.74
C ASP A 48 -5.76 5.46 12.81
N MET A 49 -5.93 5.16 11.55
CA MET A 49 -4.80 5.26 10.59
C MET A 49 -4.95 6.54 9.76
N THR A 50 -3.87 7.25 9.55
CA THR A 50 -3.95 8.50 8.74
C THR A 50 -3.12 8.35 7.47
N PRO A 51 -3.35 9.23 6.49
CA PRO A 51 -2.62 9.20 5.21
C PRO A 51 -1.16 9.60 5.37
N THR A 52 -0.90 10.72 6.00
CA THR A 52 0.50 11.17 6.19
C THR A 52 1.30 10.05 6.87
N LEU A 53 0.73 9.42 7.86
CA LEU A 53 1.46 8.33 8.56
C LEU A 53 1.74 7.19 7.56
N LEU A 54 0.76 6.81 6.78
CA LEU A 54 0.98 5.72 5.80
C LEU A 54 2.05 6.15 4.79
N ARG A 55 1.96 7.35 4.31
CA ARG A 55 2.96 7.84 3.31
C ARG A 55 4.37 7.62 3.88
N GLY A 56 4.55 7.84 5.15
CA GLY A 56 5.90 7.65 5.76
C GLY A 56 6.21 6.15 5.81
N ALA A 57 5.22 5.32 6.03
CA ALA A 57 5.46 3.86 6.10
C ALA A 57 5.67 3.31 4.68
N PHE A 58 5.14 4.00 3.69
CA PHE A 58 5.29 3.52 2.30
C PHE A 58 6.11 4.53 1.50
N SER A 59 6.66 5.51 2.15
CA SER A 59 7.47 6.54 1.43
C SER A 59 8.82 5.95 1.01
N PRO A 60 9.59 5.45 1.99
CA PRO A 60 10.91 4.87 1.73
C PRO A 60 10.82 3.53 0.98
N PHE A 61 9.79 2.77 1.22
CA PHE A 61 9.65 1.46 0.52
C PHE A 61 9.55 1.70 -0.99
N GLY A 62 8.95 2.78 -1.40
CA GLY A 62 8.82 3.07 -2.85
C GLY A 62 8.02 4.36 -3.06
N ASN A 63 7.70 4.67 -4.28
CA ASN A 63 6.93 5.92 -4.55
C ASN A 63 5.44 5.57 -4.66
N ILE A 64 4.58 6.46 -4.25
CA ILE A 64 3.12 6.17 -4.33
C ILE A 64 2.48 7.08 -5.38
N ILE A 65 1.80 6.50 -6.34
CA ILE A 65 1.16 7.33 -7.39
C ILE A 65 -0.29 7.63 -7.00
N ASP A 66 -0.89 6.77 -6.22
CA ASP A 66 -2.30 6.99 -5.80
C ASP A 66 -2.46 6.59 -4.33
N LEU A 67 -3.05 7.43 -3.54
CA LEU A 67 -3.24 7.10 -2.09
C LEU A 67 -4.73 7.14 -1.75
N SER A 68 -5.28 6.05 -1.31
CA SER A 68 -6.73 6.03 -0.95
C SER A 68 -6.90 5.46 0.45
N MET A 69 -7.81 6.02 1.21
CA MET A 69 -8.02 5.51 2.60
C MET A 69 -9.49 5.13 2.78
N ASP A 70 -9.77 4.17 3.61
CA ASP A 70 -11.19 3.75 3.82
C ASP A 70 -11.50 3.75 5.33
N PRO A 71 -12.19 4.80 5.80
CA PRO A 71 -12.55 4.93 7.21
C PRO A 71 -13.70 4.00 7.64
N PRO A 72 -14.63 3.63 6.72
CA PRO A 72 -15.75 2.75 7.08
C PRO A 72 -15.31 1.29 7.24
N ARG A 73 -14.22 0.92 6.62
CA ARG A 73 -13.74 -0.49 6.74
C ARG A 73 -12.44 -0.53 7.53
N ASN A 74 -11.95 0.61 7.94
CA ASN A 74 -10.68 0.63 8.71
C ASN A 74 -9.55 0.04 7.87
N CYS A 75 -9.47 0.43 6.62
CA CYS A 75 -8.40 -0.11 5.74
C CYS A 75 -7.94 0.97 4.76
N ALA A 76 -6.67 1.05 4.50
CA ALA A 76 -6.18 2.08 3.54
C ALA A 76 -5.61 1.41 2.30
N PHE A 77 -5.48 2.14 1.22
CA PHE A 77 -4.94 1.52 -0.02
C PHE A 77 -3.75 2.33 -0.52
N VAL A 78 -2.71 1.67 -0.94
CA VAL A 78 -1.50 2.40 -1.43
C VAL A 78 -1.09 1.83 -2.79
N THR A 79 -0.70 2.68 -3.70
CA THR A 79 -0.27 2.18 -5.05
C THR A 79 1.24 2.38 -5.21
N TYR A 80 1.96 1.32 -5.44
CA TYR A 80 3.44 1.44 -5.61
C TYR A 80 3.79 1.44 -7.10
N GLU A 81 4.70 2.29 -7.51
CA GLU A 81 5.09 2.33 -8.94
C GLU A 81 5.37 0.92 -9.46
N LYS A 82 5.74 0.02 -8.58
CA LYS A 82 6.03 -1.37 -9.03
C LYS A 82 5.57 -2.36 -7.96
N MET A 83 5.35 -3.60 -8.33
CA MET A 83 4.90 -4.60 -7.34
C MET A 83 6.06 -4.96 -6.41
N GLU A 84 7.27 -4.68 -6.81
CA GLU A 84 8.44 -5.00 -5.95
C GLU A 84 8.43 -4.10 -4.73
N SER A 85 8.31 -2.82 -4.91
CA SER A 85 8.29 -1.89 -3.75
C SER A 85 7.16 -2.29 -2.80
N ALA A 86 6.09 -2.81 -3.33
CA ALA A 86 4.95 -3.23 -2.46
C ALA A 86 5.33 -4.52 -1.73
N ASP A 87 6.19 -5.32 -2.30
CA ASP A 87 6.59 -6.59 -1.64
C ASP A 87 7.43 -6.27 -0.40
N GLN A 88 8.34 -5.35 -0.51
CA GLN A 88 9.20 -5.00 0.66
C GLN A 88 8.34 -4.29 1.72
N ALA A 89 7.41 -3.48 1.30
CA ALA A 89 6.55 -2.76 2.27
C ALA A 89 5.55 -3.75 2.88
N VAL A 90 4.94 -4.57 2.07
CA VAL A 90 3.95 -5.55 2.61
C VAL A 90 4.67 -6.58 3.48
N ALA A 91 5.85 -6.99 3.09
CA ALA A 91 6.59 -7.99 3.89
C ALA A 91 7.27 -7.31 5.08
N GLU A 92 7.62 -6.07 4.95
CA GLU A 92 8.29 -5.36 6.08
C GLU A 92 7.24 -4.65 6.94
N LEU A 93 6.31 -3.98 6.32
CA LEU A 93 5.26 -3.26 7.12
C LEU A 93 4.35 -4.29 7.78
N ASN A 94 3.95 -5.31 7.06
CA ASN A 94 3.06 -6.34 7.64
C ASN A 94 3.77 -7.05 8.80
N GLY A 95 3.16 -7.10 9.94
CA GLY A 95 3.81 -7.78 11.10
C GLY A 95 4.47 -6.73 12.00
N THR A 96 4.11 -5.48 11.85
CA THR A 96 4.72 -4.42 12.69
C THR A 96 3.62 -3.78 13.55
N GLN A 97 4.00 -3.17 14.64
CA GLN A 97 2.98 -2.51 15.52
C GLN A 97 3.26 -1.02 15.60
N VAL A 98 2.23 -0.21 15.57
CA VAL A 98 2.43 1.26 15.64
C VAL A 98 2.57 1.69 17.10
N GLU A 99 2.16 2.88 17.42
CA GLU A 99 2.26 3.35 18.83
C GLU A 99 1.45 2.43 19.74
N SER A 100 0.27 2.04 19.31
CA SER A 100 -0.57 1.14 20.15
C SER A 100 -1.57 0.41 19.26
N VAL A 101 -1.22 0.14 18.03
CA VAL A 101 -2.15 -0.56 17.11
C VAL A 101 -1.36 -1.46 16.15
N GLN A 102 -1.92 -2.56 15.75
CA GLN A 102 -1.20 -3.47 14.82
C GLN A 102 -1.45 -3.02 13.38
N LEU A 103 -0.48 -3.18 12.52
CA LEU A 103 -0.67 -2.77 11.10
C LEU A 103 -0.74 -4.02 10.21
N LYS A 104 -1.66 -4.05 9.29
CA LYS A 104 -1.78 -5.24 8.40
C LYS A 104 -1.63 -4.80 6.94
N VAL A 105 -0.85 -5.50 6.18
CA VAL A 105 -0.66 -5.12 4.75
C VAL A 105 -1.05 -6.30 3.85
N ASN A 106 -1.45 -6.02 2.64
CA ASN A 106 -1.84 -7.13 1.72
C ASN A 106 -1.74 -6.64 0.27
N ILE A 107 -2.19 -7.43 -0.66
CA ILE A 107 -2.12 -7.02 -2.10
C ILE A 107 -3.53 -6.73 -2.61
N ALA A 108 -3.75 -5.57 -3.15
CA ALA A 108 -5.11 -5.23 -3.68
C ALA A 108 -5.11 -5.35 -5.20
N ARG A 109 -6.20 -5.77 -5.77
CA ARG A 109 -6.27 -5.90 -7.25
C ARG A 109 -6.72 -4.57 -7.87
N LYS A 110 -6.64 -3.50 -7.11
CA LYS A 110 -7.06 -2.18 -7.65
C LYS A 110 -6.09 -1.73 -8.74
N GLN A 111 -6.10 -0.47 -9.08
CA GLN A 111 -5.17 0.03 -10.13
C GLN A 111 -5.62 -0.50 -11.50
N PRO A 112 -6.84 -0.14 -11.91
CA PRO A 112 -7.40 -0.58 -13.20
C PRO A 112 -6.71 0.12 -14.38
N MET A 113 -5.90 1.10 -14.11
CA MET A 113 -5.20 1.82 -15.21
C MET A 113 -4.18 0.88 -15.86
N LEU A 114 -3.95 -0.26 -15.27
CA LEU A 114 -2.97 -1.22 -15.85
C LEU A 114 -2.87 -2.44 -14.96
N ASP A 115 -3.93 -2.81 -14.31
CA ASP A 115 -3.87 -4.00 -13.42
C ASP A 115 -2.63 -3.85 -12.53
N ALA A 116 -2.40 -2.67 -12.03
CA ALA A 116 -1.20 -2.43 -11.17
C ALA A 116 0.07 -2.54 -12.02
N ALA A 117 0.56 -3.73 -12.21
CA ALA A 117 1.79 -3.88 -13.01
C ALA A 117 1.84 -5.29 -13.62
N THR A 118 2.75 -5.51 -14.54
CA THR A 118 2.84 -6.86 -15.17
C THR A 118 4.25 -7.43 -14.95
N GLY A 119 4.41 -8.71 -15.14
CA GLY A 119 5.75 -9.33 -14.95
C GLY A 119 5.67 -10.83 -15.24
N LYS A 120 6.64 -11.58 -14.81
CA LYS A 120 6.62 -13.05 -15.06
C LYS A 120 5.34 -13.64 -14.46
N SER A 121 4.87 -13.09 -13.38
CA SER A 121 3.63 -13.62 -12.75
C SER A 121 2.40 -13.08 -13.48
N ALA A 35 0.31 -0.08 -19.04
CA ALA A 35 1.66 -0.56 -19.50
C ALA A 35 2.71 0.49 -19.17
N PRO A 36 2.55 1.72 -19.71
CA PRO A 36 3.48 2.82 -19.47
C PRO A 36 3.41 3.32 -18.03
N ARG A 37 2.40 2.95 -17.31
CA ARG A 37 2.27 3.41 -15.89
C ARG A 37 2.00 2.21 -14.99
N LYS A 38 2.75 2.08 -13.93
CA LYS A 38 2.54 0.93 -13.00
C LYS A 38 1.82 1.42 -11.75
N GLY A 39 1.79 0.62 -10.72
CA GLY A 39 1.10 1.03 -9.47
C GLY A 39 0.50 -0.18 -8.76
N ASN A 40 1.26 -0.81 -7.90
CA ASN A 40 0.73 -2.00 -7.18
C ASN A 40 -0.08 -1.54 -5.97
N THR A 41 -1.33 -1.90 -5.89
CA THR A 41 -2.16 -1.46 -4.74
C THR A 41 -1.92 -2.39 -3.54
N LEU A 42 -1.87 -1.83 -2.35
CA LEU A 42 -1.65 -2.68 -1.14
C LEU A 42 -2.85 -2.56 -0.23
N TYR A 43 -3.24 -3.63 0.41
CA TYR A 43 -4.42 -3.57 1.32
C TYR A 43 -3.94 -3.45 2.77
N VAL A 44 -4.14 -2.31 3.38
CA VAL A 44 -3.69 -2.14 4.79
C VAL A 44 -4.92 -2.12 5.70
N TYR A 45 -4.81 -2.69 6.87
CA TYR A 45 -5.97 -2.70 7.81
C TYR A 45 -5.52 -2.27 9.20
N GLY A 46 -6.26 -1.42 9.85
CA GLY A 46 -5.87 -0.96 11.21
C GLY A 46 -6.89 0.06 11.72
N GLU A 47 -6.64 0.64 12.86
CA GLU A 47 -7.58 1.65 13.41
C GLU A 47 -6.90 3.02 13.46
N ASP A 48 -7.67 4.07 13.50
CA ASP A 48 -7.06 5.44 13.55
C ASP A 48 -5.91 5.51 12.55
N MET A 49 -6.14 5.12 11.33
CA MET A 49 -5.06 5.17 10.30
C MET A 49 -5.24 6.41 9.43
N THR A 50 -4.18 7.12 9.16
CA THR A 50 -4.31 8.34 8.31
C THR A 50 -3.37 8.20 7.09
N PRO A 51 -3.57 9.07 6.09
CA PRO A 51 -2.75 9.05 4.87
C PRO A 51 -1.32 9.53 5.14
N THR A 52 -1.17 10.66 5.76
CA THR A 52 0.20 11.18 6.05
C THR A 52 1.03 10.07 6.69
N LEU A 53 0.49 9.42 7.70
CA LEU A 53 1.24 8.33 8.37
C LEU A 53 1.59 7.25 7.35
N LEU A 54 0.62 6.83 6.57
CA LEU A 54 0.88 5.78 5.56
C LEU A 54 2.02 6.24 4.64
N ARG A 55 1.98 7.45 4.19
CA ARG A 55 3.07 7.96 3.30
C ARG A 55 4.42 7.70 3.95
N GLY A 56 4.53 7.92 5.23
CA GLY A 56 5.83 7.67 5.92
C GLY A 56 6.08 6.16 6.01
N ALA A 57 5.04 5.38 6.05
CA ALA A 57 5.21 3.90 6.13
C ALA A 57 5.53 3.35 4.75
N PHE A 58 5.15 4.07 3.72
CA PHE A 58 5.43 3.58 2.33
C PHE A 58 6.31 4.60 1.60
N SER A 59 6.80 5.58 2.31
CA SER A 59 7.67 6.61 1.66
C SER A 59 9.04 6.01 1.36
N PRO A 60 9.72 5.49 2.39
CA PRO A 60 11.05 4.89 2.25
C PRO A 60 11.00 3.56 1.48
N PHE A 61 9.91 2.85 1.60
CA PHE A 61 9.81 1.55 0.88
C PHE A 61 9.83 1.80 -0.63
N GLY A 62 9.27 2.89 -1.06
CA GLY A 62 9.26 3.20 -2.52
C GLY A 62 8.40 4.45 -2.77
N ASN A 63 8.18 4.78 -4.01
CA ASN A 63 7.36 5.98 -4.32
C ASN A 63 5.90 5.56 -4.57
N ILE A 64 4.97 6.32 -4.08
CA ILE A 64 3.53 5.97 -4.28
C ILE A 64 2.95 6.85 -5.39
N ILE A 65 2.22 6.26 -6.29
CA ILE A 65 1.62 7.06 -7.40
C ILE A 65 0.17 7.41 -7.05
N ASP A 66 -0.45 6.64 -6.20
CA ASP A 66 -1.87 6.93 -5.83
C ASP A 66 -2.12 6.49 -4.39
N LEU A 67 -2.62 7.37 -3.56
CA LEU A 67 -2.89 7.00 -2.15
C LEU A 67 -4.40 6.98 -1.90
N SER A 68 -4.95 5.85 -1.58
CA SER A 68 -6.42 5.77 -1.33
C SER A 68 -6.67 5.22 0.08
N MET A 69 -7.71 5.68 0.73
CA MET A 69 -8.00 5.18 2.10
C MET A 69 -9.48 4.81 2.20
N ASP A 70 -9.80 3.84 3.02
CA ASP A 70 -11.22 3.43 3.16
C ASP A 70 -11.65 3.55 4.63
N PRO A 71 -12.43 4.58 4.96
CA PRO A 71 -12.91 4.82 6.32
C PRO A 71 -14.04 3.86 6.75
N PRO A 72 -14.86 3.34 5.82
CA PRO A 72 -15.95 2.43 6.18
C PRO A 72 -15.43 1.03 6.51
N ARG A 73 -14.38 0.60 5.88
CA ARG A 73 -13.83 -0.76 6.17
C ARG A 73 -12.58 -0.62 7.03
N ASN A 74 -12.16 0.58 7.32
CA ASN A 74 -10.94 0.76 8.16
C ASN A 74 -9.74 0.16 7.43
N CYS A 75 -9.65 0.35 6.14
CA CYS A 75 -8.50 -0.22 5.38
C CYS A 75 -7.98 0.84 4.40
N ALA A 76 -6.68 0.98 4.29
CA ALA A 76 -6.11 1.99 3.36
C ALA A 76 -5.50 1.28 2.14
N PHE A 77 -5.37 1.95 1.04
CA PHE A 77 -4.79 1.31 -0.17
C PHE A 77 -3.58 2.12 -0.64
N VAL A 78 -2.47 1.47 -0.89
CA VAL A 78 -1.27 2.21 -1.36
C VAL A 78 -0.84 1.69 -2.72
N THR A 79 -0.54 2.57 -3.64
CA THR A 79 -0.11 2.12 -5.00
C THR A 79 1.41 2.26 -5.13
N TYR A 80 2.09 1.23 -5.55
CA TYR A 80 3.57 1.32 -5.70
C TYR A 80 3.93 1.26 -7.18
N GLU A 81 4.85 2.08 -7.62
CA GLU A 81 5.26 2.07 -9.05
C GLU A 81 5.76 0.67 -9.42
N LYS A 82 6.26 -0.06 -8.48
CA LYS A 82 6.77 -1.44 -8.79
C LYS A 82 6.23 -2.42 -7.74
N MET A 83 5.98 -3.63 -8.14
CA MET A 83 5.45 -4.64 -7.17
C MET A 83 6.51 -4.91 -6.10
N GLU A 84 7.75 -4.61 -6.39
CA GLU A 84 8.82 -4.86 -5.39
C GLU A 84 8.65 -3.90 -4.21
N SER A 85 8.24 -2.69 -4.47
CA SER A 85 8.05 -1.72 -3.36
C SER A 85 6.98 -2.25 -2.39
N ALA A 86 6.00 -2.93 -2.90
CA ALA A 86 4.92 -3.47 -2.02
C ALA A 86 5.46 -4.70 -1.28
N ASP A 87 6.35 -5.43 -1.88
CA ASP A 87 6.90 -6.64 -1.22
C ASP A 87 7.66 -6.23 0.04
N GLN A 88 8.54 -5.27 -0.07
CA GLN A 88 9.30 -4.82 1.13
C GLN A 88 8.36 -4.16 2.14
N ALA A 89 7.39 -3.41 1.66
CA ALA A 89 6.44 -2.74 2.58
C ALA A 89 5.46 -3.78 3.14
N VAL A 90 4.87 -4.57 2.29
CA VAL A 90 3.91 -5.59 2.77
C VAL A 90 4.63 -6.60 3.67
N ALA A 91 5.85 -6.94 3.35
CA ALA A 91 6.60 -7.91 4.18
C ALA A 91 7.18 -7.20 5.41
N GLU A 92 7.62 -5.99 5.26
CA GLU A 92 8.20 -5.26 6.43
C GLU A 92 7.07 -4.62 7.24
N LEU A 93 6.17 -3.93 6.59
CA LEU A 93 5.05 -3.27 7.33
C LEU A 93 4.17 -4.35 7.99
N ASN A 94 3.92 -5.42 7.29
CA ASN A 94 3.07 -6.50 7.88
C ASN A 94 3.76 -7.09 9.11
N GLY A 95 3.10 -7.08 10.23
CA GLY A 95 3.72 -7.64 11.47
C GLY A 95 4.43 -6.52 12.24
N THR A 96 3.95 -5.31 12.12
CA THR A 96 4.59 -4.18 12.85
C THR A 96 3.58 -3.52 13.78
N GLN A 97 4.05 -2.83 14.79
CA GLN A 97 3.11 -2.16 15.73
C GLN A 97 3.40 -0.66 15.77
N VAL A 98 2.39 0.14 15.99
CA VAL A 98 2.61 1.62 16.03
C VAL A 98 2.69 2.07 17.50
N GLU A 99 2.26 3.27 17.78
CA GLU A 99 2.30 3.77 19.18
C GLU A 99 1.43 2.88 20.06
N SER A 100 0.29 2.48 19.58
CA SER A 100 -0.60 1.60 20.39
C SER A 100 -1.58 0.87 19.48
N VAL A 101 -1.16 0.56 18.28
CA VAL A 101 -2.07 -0.15 17.34
C VAL A 101 -1.24 -1.04 16.41
N GLN A 102 -1.83 -2.08 15.89
CA GLN A 102 -1.08 -2.98 14.97
C GLN A 102 -1.44 -2.67 13.52
N LEU A 103 -0.48 -2.65 12.64
CA LEU A 103 -0.78 -2.35 11.21
C LEU A 103 -0.69 -3.63 10.39
N LYS A 104 -1.62 -3.84 9.50
CA LYS A 104 -1.59 -5.07 8.66
C LYS A 104 -1.47 -4.67 7.18
N VAL A 105 -0.76 -5.44 6.40
CA VAL A 105 -0.60 -5.09 4.96
C VAL A 105 -0.94 -6.32 4.11
N ASN A 106 -1.43 -6.10 2.91
CA ASN A 106 -1.77 -7.24 2.03
C ASN A 106 -1.77 -6.77 0.57
N ILE A 107 -2.29 -7.56 -0.33
CA ILE A 107 -2.30 -7.15 -1.76
C ILE A 107 -3.75 -6.89 -2.20
N ALA A 108 -3.97 -5.84 -2.95
CA ALA A 108 -5.36 -5.53 -3.40
C ALA A 108 -5.34 -5.21 -4.89
N ARG A 109 -6.44 -5.44 -5.57
CA ARG A 109 -6.48 -5.14 -7.03
C ARG A 109 -7.18 -3.79 -7.25
N LYS A 110 -7.03 -2.88 -6.34
CA LYS A 110 -7.69 -1.55 -6.51
C LYS A 110 -7.02 -0.78 -7.65
N GLN A 111 -5.93 -1.29 -8.16
CA GLN A 111 -5.24 -0.58 -9.28
C GLN A 111 -5.10 -1.54 -10.47
N PRO A 112 -6.22 -1.83 -11.15
CA PRO A 112 -6.23 -2.72 -12.31
C PRO A 112 -5.82 -2.00 -13.60
N MET A 113 -5.87 -0.70 -13.60
CA MET A 113 -5.48 0.05 -14.83
C MET A 113 -4.21 -0.56 -15.44
N LEU A 114 -3.38 -1.14 -14.62
CA LEU A 114 -2.12 -1.76 -15.16
C LEU A 114 -1.75 -2.96 -14.30
N ASP A 115 -2.70 -3.52 -13.61
CA ASP A 115 -2.42 -4.70 -12.74
C ASP A 115 -1.11 -4.46 -11.98
N ALA A 116 -0.87 -3.25 -11.56
CA ALA A 116 0.39 -2.95 -10.81
C ALA A 116 1.55 -2.88 -11.78
N ALA A 117 1.97 -4.00 -12.30
CA ALA A 117 3.12 -4.00 -13.25
C ALA A 117 3.24 -5.37 -13.90
N THR A 118 2.30 -5.75 -14.72
CA THR A 118 2.38 -7.07 -15.39
C THR A 118 2.29 -6.90 -16.90
N GLY A 119 3.12 -7.59 -17.65
CA GLY A 119 3.08 -7.45 -19.13
C GLY A 119 1.96 -8.34 -19.69
N LYS A 120 1.78 -8.34 -20.98
CA LYS A 120 0.70 -9.18 -21.59
C LYS A 120 0.91 -10.63 -21.18
N SER A 121 2.14 -11.07 -21.09
CA SER A 121 2.40 -12.49 -20.69
C SER A 121 3.85 -12.62 -20.23
N ALA A 35 -2.13 1.09 -20.18
CA ALA A 35 -0.99 0.74 -19.29
C ALA A 35 0.11 1.79 -19.44
N PRO A 36 -0.27 3.07 -19.38
CA PRO A 36 0.68 4.19 -19.51
C PRO A 36 1.60 4.29 -18.28
N ARG A 37 1.17 3.76 -17.16
CA ARG A 37 2.01 3.83 -15.94
C ARG A 37 1.70 2.64 -15.03
N LYS A 38 2.60 2.31 -14.15
CA LYS A 38 2.35 1.16 -13.23
C LYS A 38 1.67 1.66 -11.95
N GLY A 39 1.65 0.85 -10.92
CA GLY A 39 1.01 1.27 -9.65
C GLY A 39 0.33 0.08 -8.99
N ASN A 40 0.99 -0.57 -8.08
CA ASN A 40 0.38 -1.75 -7.40
C ASN A 40 -0.36 -1.30 -6.13
N THR A 41 -1.64 -1.55 -6.06
CA THR A 41 -2.42 -1.14 -4.85
C THR A 41 -2.16 -2.14 -3.71
N LEU A 42 -1.93 -1.65 -2.53
CA LEU A 42 -1.67 -2.57 -1.38
C LEU A 42 -2.83 -2.50 -0.39
N TYR A 43 -3.16 -3.60 0.22
CA TYR A 43 -4.28 -3.60 1.21
C TYR A 43 -3.71 -3.40 2.62
N VAL A 44 -4.07 -2.34 3.27
CA VAL A 44 -3.54 -2.10 4.65
C VAL A 44 -4.72 -2.09 5.63
N TYR A 45 -4.58 -2.75 6.74
CA TYR A 45 -5.69 -2.79 7.73
C TYR A 45 -5.19 -2.27 9.09
N GLY A 46 -6.02 -1.55 9.80
CA GLY A 46 -5.59 -1.03 11.13
C GLY A 46 -6.57 0.06 11.58
N GLU A 47 -6.41 0.56 12.77
CA GLU A 47 -7.33 1.62 13.27
C GLU A 47 -6.59 2.95 13.31
N ASP A 48 -7.30 4.04 13.38
CA ASP A 48 -6.63 5.38 13.42
C ASP A 48 -5.50 5.41 12.40
N MET A 49 -5.81 5.19 11.15
CA MET A 49 -4.75 5.22 10.10
C MET A 49 -4.95 6.43 9.20
N THR A 50 -3.89 7.12 8.88
CA THR A 50 -4.02 8.32 7.99
C THR A 50 -3.13 8.14 6.77
N PRO A 51 -3.31 8.99 5.74
CA PRO A 51 -2.52 8.92 4.51
C PRO A 51 -1.08 9.41 4.73
N THR A 52 -0.93 10.60 5.24
CA THR A 52 0.45 11.12 5.47
C THR A 52 1.26 10.07 6.23
N LEU A 53 0.73 9.55 7.30
CA LEU A 53 1.47 8.51 8.06
C LEU A 53 1.77 7.32 7.15
N LEU A 54 0.77 6.81 6.48
CA LEU A 54 0.98 5.66 5.57
C LEU A 54 2.07 6.03 4.56
N ARG A 55 1.95 7.16 3.92
CA ARG A 55 2.98 7.57 2.92
C ARG A 55 4.37 7.37 3.53
N GLY A 56 4.52 7.65 4.80
CA GLY A 56 5.85 7.48 5.44
C GLY A 56 6.16 5.99 5.58
N ALA A 57 5.14 5.18 5.77
CA ALA A 57 5.38 3.71 5.91
C ALA A 57 5.65 3.11 4.53
N PHE A 58 5.19 3.75 3.50
CA PHE A 58 5.43 3.21 2.13
C PHE A 58 6.28 4.22 1.33
N SER A 59 6.77 5.24 1.98
CA SER A 59 7.59 6.26 1.27
C SER A 59 8.99 5.69 0.97
N PRO A 60 9.70 5.22 2.00
CA PRO A 60 11.05 4.67 1.84
C PRO A 60 11.05 3.34 1.08
N PHE A 61 10.00 2.58 1.19
CA PHE A 61 9.95 1.28 0.47
C PHE A 61 9.92 1.54 -1.05
N GLY A 62 9.35 2.64 -1.45
CA GLY A 62 9.28 2.95 -2.91
C GLY A 62 8.46 4.24 -3.12
N ASN A 63 8.07 4.50 -4.32
CA ASN A 63 7.27 5.74 -4.59
C ASN A 63 5.80 5.37 -4.78
N ILE A 64 4.91 6.10 -4.16
CA ILE A 64 3.46 5.79 -4.30
C ILE A 64 2.85 6.67 -5.40
N ILE A 65 1.99 6.11 -6.20
CA ILE A 65 1.36 6.92 -7.29
C ILE A 65 -0.04 7.35 -6.86
N ASP A 66 -0.64 6.63 -5.97
CA ASP A 66 -2.02 7.00 -5.51
C ASP A 66 -2.20 6.56 -4.05
N LEU A 67 -2.87 7.37 -3.27
CA LEU A 67 -3.09 7.01 -1.83
C LEU A 67 -4.59 6.91 -1.58
N SER A 68 -5.10 5.72 -1.46
CA SER A 68 -6.56 5.56 -1.21
C SER A 68 -6.79 5.09 0.22
N MET A 69 -7.80 5.60 0.88
CA MET A 69 -8.08 5.17 2.28
C MET A 69 -9.57 4.86 2.44
N ASP A 70 -9.89 3.85 3.19
CA ASP A 70 -11.33 3.50 3.38
C ASP A 70 -11.65 3.47 4.88
N PRO A 71 -12.38 4.49 5.36
CA PRO A 71 -12.76 4.59 6.78
C PRO A 71 -13.87 3.61 7.19
N PRO A 72 -14.78 3.20 6.26
CA PRO A 72 -15.86 2.28 6.62
C PRO A 72 -15.35 0.84 6.78
N ARG A 73 -14.26 0.51 6.14
CA ARG A 73 -13.72 -0.87 6.27
C ARG A 73 -12.41 -0.85 7.06
N ASN A 74 -12.00 0.32 7.50
CA ASN A 74 -10.73 0.40 8.28
C ASN A 74 -9.58 -0.18 7.46
N CYS A 75 -9.46 0.22 6.22
CA CYS A 75 -8.36 -0.32 5.38
C CYS A 75 -7.92 0.74 4.37
N ALA A 76 -6.64 0.91 4.19
CA ALA A 76 -6.15 1.94 3.24
C ALA A 76 -5.52 1.27 2.02
N PHE A 77 -5.86 1.70 0.85
CA PHE A 77 -5.28 1.08 -0.38
C PHE A 77 -4.21 2.00 -0.96
N VAL A 78 -2.96 1.63 -0.85
CA VAL A 78 -1.88 2.50 -1.39
C VAL A 78 -1.33 1.86 -2.68
N THR A 79 -1.01 2.67 -3.66
CA THR A 79 -0.48 2.11 -4.93
C THR A 79 1.06 2.19 -4.93
N TYR A 80 1.69 1.35 -5.69
CA TYR A 80 3.19 1.37 -5.73
C TYR A 80 3.65 1.38 -7.20
N GLU A 81 4.51 2.29 -7.54
CA GLU A 81 5.00 2.36 -8.94
C GLU A 81 5.33 0.96 -9.44
N LYS A 82 5.82 0.10 -8.57
CA LYS A 82 6.17 -1.28 -8.99
C LYS A 82 5.78 -2.26 -7.88
N MET A 83 5.49 -3.49 -8.24
CA MET A 83 5.11 -4.49 -7.21
C MET A 83 6.28 -4.74 -6.27
N GLU A 84 7.48 -4.53 -6.75
CA GLU A 84 8.68 -4.76 -5.89
C GLU A 84 8.56 -3.90 -4.62
N SER A 85 8.26 -2.65 -4.77
CA SER A 85 8.13 -1.77 -3.58
C SER A 85 7.02 -2.29 -2.69
N ALA A 86 6.00 -2.87 -3.27
CA ALA A 86 4.87 -3.40 -2.46
C ALA A 86 5.28 -4.71 -1.78
N ASP A 87 6.11 -5.48 -2.41
CA ASP A 87 6.55 -6.77 -1.80
C ASP A 87 7.47 -6.49 -0.61
N GLN A 88 8.38 -5.57 -0.76
CA GLN A 88 9.32 -5.26 0.37
C GLN A 88 8.56 -4.53 1.47
N ALA A 89 7.67 -3.64 1.12
CA ALA A 89 6.91 -2.89 2.16
C ALA A 89 5.87 -3.81 2.81
N VAL A 90 5.18 -4.59 2.02
CA VAL A 90 4.15 -5.51 2.60
C VAL A 90 4.82 -6.50 3.56
N ALA A 91 6.05 -6.86 3.29
CA ALA A 91 6.76 -7.82 4.18
C ALA A 91 7.26 -7.10 5.43
N GLU A 92 7.99 -6.04 5.25
CA GLU A 92 8.53 -5.29 6.42
C GLU A 92 7.39 -4.58 7.15
N LEU A 93 6.48 -4.00 6.42
CA LEU A 93 5.34 -3.29 7.09
C LEU A 93 4.42 -4.31 7.75
N ASN A 94 4.17 -5.42 7.11
CA ASN A 94 3.28 -6.45 7.72
C ASN A 94 3.99 -7.12 8.89
N GLY A 95 3.39 -7.14 10.05
CA GLY A 95 4.02 -7.78 11.22
C GLY A 95 4.67 -6.71 12.10
N THR A 96 4.26 -5.48 11.95
CA THR A 96 4.85 -4.39 12.78
C THR A 96 3.74 -3.71 13.59
N GLN A 97 4.09 -3.02 14.64
CA GLN A 97 3.06 -2.33 15.46
C GLN A 97 3.42 -0.85 15.59
N VAL A 98 2.45 0.01 15.70
CA VAL A 98 2.73 1.46 15.83
C VAL A 98 2.79 1.84 17.31
N GLU A 99 2.40 3.05 17.64
CA GLU A 99 2.44 3.47 19.06
C GLU A 99 1.60 2.51 19.90
N SER A 100 0.43 2.16 19.43
CA SER A 100 -0.44 1.23 20.20
C SER A 100 -1.43 0.56 19.25
N VAL A 101 -1.12 0.53 17.97
CA VAL A 101 -2.04 -0.11 17.01
C VAL A 101 -1.26 -1.10 16.14
N GLN A 102 -1.83 -2.25 15.85
CA GLN A 102 -1.12 -3.25 15.02
C GLN A 102 -1.39 -2.96 13.53
N LEU A 103 -0.38 -3.03 12.72
CA LEU A 103 -0.57 -2.76 11.27
C LEU A 103 -0.65 -4.08 10.50
N LYS A 104 -1.47 -4.15 9.48
CA LYS A 104 -1.59 -5.40 8.70
C LYS A 104 -1.57 -5.07 7.21
N VAL A 105 -0.94 -5.89 6.41
CA VAL A 105 -0.89 -5.60 4.95
C VAL A 105 -1.38 -6.82 4.16
N ASN A 106 -2.16 -6.60 3.15
CA ASN A 106 -2.69 -7.74 2.34
C ASN A 106 -2.64 -7.38 0.85
N ILE A 107 -3.38 -8.07 0.04
CA ILE A 107 -3.37 -7.76 -1.42
C ILE A 107 -4.68 -7.08 -1.81
N ALA A 108 -4.62 -6.02 -2.55
CA ALA A 108 -5.87 -5.32 -2.96
C ALA A 108 -5.83 -5.05 -4.48
N ARG A 109 -6.97 -4.87 -5.09
CA ARG A 109 -7.01 -4.61 -6.55
C ARG A 109 -7.91 -3.41 -6.84
N LYS A 110 -7.37 -2.39 -7.44
CA LYS A 110 -8.19 -1.18 -7.75
C LYS A 110 -7.38 -0.22 -8.61
N GLN A 111 -6.54 -0.74 -9.47
CA GLN A 111 -5.71 0.15 -10.33
C GLN A 111 -5.82 -0.32 -11.79
N PRO A 112 -6.89 0.11 -12.48
CA PRO A 112 -7.13 -0.26 -13.87
C PRO A 112 -6.15 0.43 -14.84
N MET A 113 -5.69 1.60 -14.50
CA MET A 113 -4.73 2.30 -15.40
C MET A 113 -3.70 1.30 -15.94
N LEU A 114 -3.43 0.27 -15.19
CA LEU A 114 -2.44 -0.75 -15.65
C LEU A 114 -2.65 -2.04 -14.87
N ASP A 115 -3.85 -2.29 -14.42
CA ASP A 115 -4.10 -3.54 -13.65
C ASP A 115 -3.09 -3.62 -12.50
N ALA A 116 -2.92 -2.55 -11.78
CA ALA A 116 -1.95 -2.56 -10.65
C ALA A 116 -0.53 -2.46 -11.21
N ALA A 117 -0.04 -3.53 -11.76
CA ALA A 117 1.34 -3.50 -12.32
C ALA A 117 1.59 -4.77 -13.13
N THR A 118 2.65 -4.81 -13.88
CA THR A 118 2.95 -6.02 -14.69
C THR A 118 4.25 -6.66 -14.20
N GLY A 119 4.49 -7.89 -14.54
CA GLY A 119 5.74 -8.56 -14.10
C GLY A 119 5.80 -9.97 -14.69
N LYS A 120 6.85 -10.70 -14.41
CA LYS A 120 6.96 -12.08 -14.96
C LYS A 120 6.95 -13.10 -13.81
N SER A 121 6.33 -14.23 -14.01
CA SER A 121 6.29 -15.26 -12.93
C SER A 121 5.69 -16.55 -13.49
N ALA A 35 1.20 9.96 -20.18
CA ALA A 35 1.45 8.50 -20.42
C ALA A 35 1.06 7.71 -19.18
N PRO A 36 0.47 6.52 -19.38
CA PRO A 36 0.05 5.65 -18.28
C PRO A 36 1.23 5.05 -17.53
N ARG A 37 1.17 4.99 -16.23
CA ARG A 37 2.29 4.42 -15.45
C ARG A 37 1.82 3.17 -14.70
N LYS A 38 2.69 2.22 -14.48
CA LYS A 38 2.29 0.98 -13.76
C LYS A 38 2.18 1.27 -12.26
N GLY A 39 2.13 0.24 -11.45
CA GLY A 39 2.04 0.45 -9.99
C GLY A 39 1.41 -0.78 -9.34
N ASN A 40 1.02 -0.69 -8.09
CA ASN A 40 0.39 -1.86 -7.41
C ASN A 40 -0.42 -1.38 -6.21
N THR A 41 -1.68 -1.69 -6.17
CA THR A 41 -2.53 -1.25 -5.01
C THR A 41 -2.32 -2.19 -3.84
N LEU A 42 -2.22 -1.66 -2.65
CA LEU A 42 -2.02 -2.54 -1.46
C LEU A 42 -3.18 -2.37 -0.48
N TYR A 43 -3.49 -3.39 0.28
CA TYR A 43 -4.62 -3.28 1.25
C TYR A 43 -4.05 -3.18 2.67
N VAL A 44 -4.41 -2.15 3.39
CA VAL A 44 -3.90 -2.00 4.78
C VAL A 44 -5.07 -1.94 5.76
N TYR A 45 -4.95 -2.62 6.88
CA TYR A 45 -6.06 -2.60 7.88
C TYR A 45 -5.53 -2.05 9.20
N GLY A 46 -6.26 -1.15 9.80
CA GLY A 46 -5.80 -0.58 11.10
C GLY A 46 -6.87 0.37 11.65
N GLU A 47 -6.59 1.04 12.75
CA GLU A 47 -7.59 1.97 13.33
C GLU A 47 -6.99 3.37 13.40
N ASP A 48 -7.80 4.39 13.22
CA ASP A 48 -7.26 5.78 13.29
C ASP A 48 -6.00 5.89 12.44
N MET A 49 -6.07 5.48 11.19
CA MET A 49 -4.87 5.56 10.32
C MET A 49 -4.93 6.86 9.50
N THR A 50 -3.81 7.52 9.36
CA THR A 50 -3.80 8.78 8.57
C THR A 50 -3.01 8.57 7.28
N PRO A 51 -3.22 9.46 6.29
CA PRO A 51 -2.54 9.38 4.99
C PRO A 51 -1.05 9.71 5.11
N THR A 52 -0.72 10.82 5.71
CA THR A 52 0.71 11.19 5.86
C THR A 52 1.45 10.07 6.59
N LEU A 53 0.88 9.56 7.64
CA LEU A 53 1.55 8.46 8.40
C LEU A 53 1.76 7.26 7.48
N LEU A 54 0.75 6.88 6.73
CA LEU A 54 0.89 5.72 5.82
C LEU A 54 1.96 6.03 4.76
N ARG A 55 1.88 7.18 4.16
CA ARG A 55 2.89 7.55 3.12
C ARG A 55 4.29 7.28 3.67
N GLY A 56 4.52 7.57 4.92
CA GLY A 56 5.86 7.33 5.50
C GLY A 56 6.10 5.82 5.62
N ALA A 57 5.08 5.07 5.90
CA ALA A 57 5.24 3.60 6.03
C ALA A 57 5.50 3.00 4.64
N PHE A 58 5.05 3.65 3.61
CA PHE A 58 5.26 3.12 2.23
C PHE A 58 6.14 4.10 1.44
N SER A 59 6.71 5.06 2.10
CA SER A 59 7.58 6.05 1.39
C SER A 59 8.94 5.44 1.06
N PRO A 60 9.63 4.90 2.08
CA PRO A 60 10.96 4.30 1.89
C PRO A 60 10.91 3.00 1.08
N PHE A 61 9.87 2.23 1.23
CA PHE A 61 9.77 0.96 0.46
C PHE A 61 9.71 1.27 -1.04
N GLY A 62 9.05 2.33 -1.42
CA GLY A 62 8.96 2.68 -2.86
C GLY A 62 8.16 3.97 -3.02
N ASN A 63 7.87 4.34 -4.24
CA ASN A 63 7.09 5.59 -4.47
C ASN A 63 5.61 5.25 -4.65
N ILE A 64 4.74 6.00 -4.05
CA ILE A 64 3.28 5.72 -4.19
C ILE A 64 2.68 6.64 -5.26
N ILE A 65 1.93 6.08 -6.17
CA ILE A 65 1.32 6.93 -7.24
C ILE A 65 -0.11 7.30 -6.84
N ASP A 66 -0.69 6.58 -5.92
CA ASP A 66 -2.07 6.89 -5.49
C ASP A 66 -2.29 6.44 -4.05
N LEU A 67 -2.33 7.35 -3.13
CA LEU A 67 -2.54 6.98 -1.70
C LEU A 67 -4.02 7.17 -1.34
N SER A 68 -4.68 6.13 -0.93
CA SER A 68 -6.12 6.26 -0.56
C SER A 68 -6.37 5.58 0.80
N MET A 69 -7.33 6.05 1.53
CA MET A 69 -7.64 5.45 2.86
C MET A 69 -9.13 5.17 2.96
N ASP A 70 -9.51 4.10 3.61
CA ASP A 70 -10.96 3.78 3.74
C ASP A 70 -11.35 3.77 5.23
N PRO A 71 -12.01 4.84 5.69
CA PRO A 71 -12.44 4.95 7.08
C PRO A 71 -13.66 4.07 7.42
N PRO A 72 -14.55 3.76 6.45
CA PRO A 72 -15.73 2.94 6.73
C PRO A 72 -15.37 1.45 6.89
N ARG A 73 -14.28 1.03 6.30
CA ARG A 73 -13.87 -0.39 6.42
C ARG A 73 -12.60 -0.50 7.26
N ASN A 74 -12.20 0.58 7.88
CA ASN A 74 -10.96 0.54 8.70
C ASN A 74 -9.80 -0.01 7.86
N CYS A 75 -9.75 0.32 6.60
CA CYS A 75 -8.66 -0.18 5.74
C CYS A 75 -8.25 0.91 4.75
N ALA A 76 -6.98 0.96 4.40
CA ALA A 76 -6.52 2.00 3.43
C ALA A 76 -6.06 1.33 2.15
N PHE A 77 -5.95 2.08 1.08
CA PHE A 77 -5.50 1.48 -0.21
C PHE A 77 -4.34 2.31 -0.76
N VAL A 78 -3.15 1.77 -0.74
CA VAL A 78 -1.98 2.52 -1.26
C VAL A 78 -1.50 1.88 -2.57
N THR A 79 -1.21 2.68 -3.56
CA THR A 79 -0.73 2.12 -4.85
C THR A 79 0.77 2.39 -5.00
N TYR A 80 1.53 1.38 -5.29
CA TYR A 80 2.99 1.57 -5.45
C TYR A 80 3.33 1.79 -6.92
N GLU A 81 4.56 2.09 -7.21
CA GLU A 81 4.96 2.31 -8.63
C GLU A 81 5.32 0.96 -9.27
N LYS A 82 5.46 -0.05 -8.46
CA LYS A 82 5.82 -1.40 -9.00
C LYS A 82 5.39 -2.47 -8.00
N MET A 83 5.23 -3.68 -8.45
CA MET A 83 4.81 -4.77 -7.52
C MET A 83 5.98 -5.13 -6.60
N GLU A 84 7.16 -4.65 -6.91
CA GLU A 84 8.34 -4.95 -6.06
C GLU A 84 8.29 -4.10 -4.78
N SER A 85 7.91 -2.86 -4.91
CA SER A 85 7.83 -1.98 -3.70
C SER A 85 6.76 -2.51 -2.75
N ALA A 86 5.70 -3.03 -3.29
CA ALA A 86 4.60 -3.56 -2.41
C ALA A 86 5.06 -4.85 -1.74
N ASP A 87 5.83 -5.65 -2.44
CA ASP A 87 6.30 -6.94 -1.83
C ASP A 87 7.22 -6.64 -0.65
N GLN A 88 8.12 -5.69 -0.80
CA GLN A 88 9.05 -5.37 0.32
C GLN A 88 8.29 -4.64 1.42
N ALA A 89 7.40 -3.76 1.06
CA ALA A 89 6.64 -3.01 2.10
C ALA A 89 5.61 -3.93 2.76
N VAL A 90 4.94 -4.74 1.98
CA VAL A 90 3.92 -5.66 2.57
C VAL A 90 4.59 -6.63 3.54
N ALA A 91 5.80 -7.02 3.26
CA ALA A 91 6.51 -7.97 4.16
C ALA A 91 7.00 -7.24 5.41
N GLU A 92 7.74 -6.17 5.23
CA GLU A 92 8.25 -5.41 6.41
C GLU A 92 7.10 -4.72 7.13
N LEU A 93 6.21 -4.09 6.39
CA LEU A 93 5.06 -3.40 7.04
C LEU A 93 4.17 -4.42 7.73
N ASN A 94 3.99 -5.58 7.15
CA ASN A 94 3.12 -6.60 7.78
C ASN A 94 3.83 -7.19 8.99
N GLY A 95 3.20 -7.17 10.13
CA GLY A 95 3.83 -7.73 11.36
C GLY A 95 4.52 -6.62 12.13
N THR A 96 4.05 -5.41 12.00
CA THR A 96 4.69 -4.28 12.73
C THR A 96 3.65 -3.59 13.62
N GLN A 97 4.08 -2.95 14.67
CA GLN A 97 3.11 -2.26 15.57
C GLN A 97 3.54 -0.82 15.79
N VAL A 98 2.61 0.05 16.07
CA VAL A 98 2.97 1.49 16.29
C VAL A 98 3.08 1.76 17.79
N GLU A 99 2.84 2.97 18.20
CA GLU A 99 2.92 3.31 19.65
C GLU A 99 1.92 2.44 20.43
N SER A 100 0.76 2.23 19.88
CA SER A 100 -0.27 1.41 20.58
C SER A 100 -1.27 0.86 19.57
N VAL A 101 -0.87 0.73 18.33
CA VAL A 101 -1.80 0.19 17.30
C VAL A 101 -1.04 -0.79 16.40
N GLN A 102 -1.74 -1.74 15.83
CA GLN A 102 -1.07 -2.73 14.95
C GLN A 102 -1.46 -2.46 13.49
N LEU A 103 -0.56 -2.67 12.57
CA LEU A 103 -0.88 -2.43 11.13
C LEU A 103 -0.92 -3.76 10.39
N LYS A 104 -1.79 -3.89 9.42
CA LYS A 104 -1.86 -5.16 8.65
C LYS A 104 -1.75 -4.85 7.15
N VAL A 105 -0.94 -5.58 6.45
CA VAL A 105 -0.80 -5.33 4.98
C VAL A 105 -1.26 -6.57 4.20
N ASN A 106 -2.05 -6.36 3.19
CA ASN A 106 -2.54 -7.52 2.38
C ASN A 106 -2.49 -7.17 0.90
N ILE A 107 -3.02 -8.02 0.06
CA ILE A 107 -3.00 -7.73 -1.40
C ILE A 107 -4.40 -7.30 -1.85
N ALA A 108 -4.50 -6.17 -2.50
CA ALA A 108 -5.84 -5.70 -2.96
C ALA A 108 -5.94 -5.88 -4.48
N ARG A 109 -7.13 -5.77 -5.02
CA ARG A 109 -7.29 -5.92 -6.49
C ARG A 109 -6.29 -5.02 -7.21
N LYS A 110 -5.83 -5.42 -8.37
CA LYS A 110 -4.86 -4.58 -9.12
C LYS A 110 -5.57 -3.35 -9.68
N GLN A 111 -4.91 -2.22 -9.69
CA GLN A 111 -5.55 -0.99 -10.22
C GLN A 111 -5.88 -1.17 -11.70
N PRO A 112 -6.99 -0.58 -12.16
CA PRO A 112 -7.44 -0.68 -13.56
C PRO A 112 -6.61 0.19 -14.52
N MET A 113 -5.84 1.11 -14.00
CA MET A 113 -5.03 1.96 -14.92
C MET A 113 -4.03 1.09 -15.67
N LEU A 114 -3.81 -0.11 -15.22
CA LEU A 114 -2.85 -1.02 -15.90
C LEU A 114 -2.75 -2.34 -15.14
N ASP A 115 -3.81 -2.75 -14.52
CA ASP A 115 -3.76 -4.03 -13.74
C ASP A 115 -2.54 -3.99 -12.82
N ALA A 116 -2.28 -2.86 -12.23
CA ALA A 116 -1.10 -2.74 -11.31
C ALA A 116 0.17 -2.60 -12.14
N ALA A 117 0.66 -3.70 -12.66
CA ALA A 117 1.91 -3.62 -13.48
C ALA A 117 2.08 -4.91 -14.27
N THR A 118 2.75 -4.84 -15.39
CA THR A 118 2.96 -6.06 -16.23
C THR A 118 4.41 -6.13 -16.66
N GLY A 119 4.82 -7.24 -17.22
CA GLY A 119 6.24 -7.37 -17.67
C GLY A 119 7.08 -7.98 -16.55
N LYS A 120 6.45 -8.44 -15.51
CA LYS A 120 7.22 -9.04 -14.38
C LYS A 120 7.75 -10.41 -14.80
N SER A 121 9.00 -10.69 -14.55
CA SER A 121 9.57 -12.01 -14.93
C SER A 121 10.05 -12.74 -13.68
N ALA A 35 5.18 9.98 -17.00
CA ALA A 35 4.05 9.45 -16.19
C ALA A 35 3.96 7.92 -16.36
N PRO A 36 4.37 7.18 -15.32
CA PRO A 36 4.36 5.71 -15.35
C PRO A 36 2.93 5.16 -15.32
N ARG A 37 2.71 4.02 -15.92
CA ARG A 37 1.34 3.44 -15.93
C ARG A 37 1.26 2.31 -14.89
N LYS A 38 2.37 1.95 -14.30
CA LYS A 38 2.35 0.87 -13.28
C LYS A 38 1.64 1.37 -12.01
N GLY A 39 1.64 0.59 -10.97
CA GLY A 39 0.97 1.03 -9.71
C GLY A 39 0.41 -0.20 -8.99
N ASN A 40 1.10 -0.67 -7.99
CA ASN A 40 0.61 -1.86 -7.23
C ASN A 40 -0.15 -1.40 -5.98
N THR A 41 -1.45 -1.41 -6.03
CA THR A 41 -2.24 -0.97 -4.84
C THR A 41 -2.13 -2.03 -3.74
N LEU A 42 -1.77 -1.63 -2.56
CA LEU A 42 -1.65 -2.61 -1.43
C LEU A 42 -2.82 -2.43 -0.47
N TYR A 43 -3.28 -3.49 0.12
CA TYR A 43 -4.43 -3.37 1.08
C TYR A 43 -3.90 -3.30 2.50
N VAL A 44 -4.13 -2.22 3.19
CA VAL A 44 -3.63 -2.10 4.58
C VAL A 44 -4.82 -2.05 5.55
N TYR A 45 -4.72 -2.73 6.66
CA TYR A 45 -5.84 -2.73 7.64
C TYR A 45 -5.33 -2.26 9.01
N GLY A 46 -6.06 -1.39 9.65
CA GLY A 46 -5.61 -0.90 10.99
C GLY A 46 -6.67 0.06 11.56
N GLU A 47 -6.39 0.66 12.68
CA GLU A 47 -7.38 1.61 13.28
C GLU A 47 -6.72 2.97 13.49
N ASP A 48 -7.51 4.01 13.57
CA ASP A 48 -6.93 5.37 13.76
C ASP A 48 -5.76 5.56 12.80
N MET A 49 -5.93 5.22 11.56
CA MET A 49 -4.82 5.39 10.57
C MET A 49 -4.99 6.73 9.84
N THR A 50 -3.90 7.38 9.55
CA THR A 50 -3.98 8.69 8.84
C THR A 50 -3.23 8.61 7.51
N PRO A 51 -3.48 9.56 6.61
CA PRO A 51 -2.83 9.62 5.29
C PRO A 51 -1.34 9.95 5.41
N THR A 52 -1.02 11.02 6.09
CA THR A 52 0.41 11.39 6.22
C THR A 52 1.18 10.24 6.87
N LEU A 53 0.65 9.68 7.93
CA LEU A 53 1.35 8.55 8.61
C LEU A 53 1.55 7.41 7.61
N LEU A 54 0.48 6.95 7.01
CA LEU A 54 0.61 5.84 6.02
C LEU A 54 1.65 6.23 4.95
N ARG A 55 1.60 7.44 4.49
CA ARG A 55 2.57 7.89 3.45
C ARG A 55 3.99 7.56 3.92
N GLY A 56 4.26 7.75 5.19
CA GLY A 56 5.62 7.45 5.72
C GLY A 56 5.84 5.94 5.71
N ALA A 57 4.81 5.17 5.91
CA ALA A 57 4.96 3.69 5.93
C ALA A 57 5.20 3.20 4.50
N PHE A 58 4.91 4.00 3.51
CA PHE A 58 5.12 3.58 2.11
C PHE A 58 5.97 4.63 1.39
N SER A 59 6.44 5.62 2.10
CA SER A 59 7.27 6.67 1.45
C SER A 59 8.67 6.13 1.14
N PRO A 60 9.37 5.61 2.17
CA PRO A 60 10.72 5.07 2.00
C PRO A 60 10.72 3.76 1.21
N PHE A 61 9.70 2.96 1.37
CA PHE A 61 9.64 1.67 0.62
C PHE A 61 9.70 1.94 -0.89
N GLY A 62 8.98 2.93 -1.34
CA GLY A 62 9.00 3.25 -2.79
C GLY A 62 8.10 4.46 -3.07
N ASN A 63 8.01 4.87 -4.30
CA ASN A 63 7.14 6.04 -4.62
C ASN A 63 5.70 5.58 -4.82
N ILE A 64 4.75 6.35 -4.36
CA ILE A 64 3.32 5.95 -4.52
C ILE A 64 2.69 6.79 -5.62
N ILE A 65 1.95 6.16 -6.52
CA ILE A 65 1.32 6.92 -7.62
C ILE A 65 -0.14 7.22 -7.26
N ASP A 66 -0.70 6.48 -6.33
CA ASP A 66 -2.11 6.72 -5.94
C ASP A 66 -2.38 6.09 -4.57
N LEU A 67 -2.48 6.90 -3.55
CA LEU A 67 -2.75 6.34 -2.19
C LEU A 67 -4.15 6.74 -1.74
N SER A 68 -5.00 5.78 -1.46
CA SER A 68 -6.38 6.11 -1.02
C SER A 68 -6.61 5.56 0.39
N MET A 69 -7.49 6.18 1.14
CA MET A 69 -7.75 5.69 2.51
C MET A 69 -9.24 5.33 2.64
N ASP A 70 -9.55 4.27 3.34
CA ASP A 70 -10.98 3.88 3.50
C ASP A 70 -11.34 3.88 4.99
N PRO A 71 -12.10 4.90 5.42
CA PRO A 71 -12.52 5.02 6.81
C PRO A 71 -13.64 4.04 7.21
N PRO A 72 -14.50 3.60 6.28
CA PRO A 72 -15.59 2.66 6.60
C PRO A 72 -15.06 1.24 6.80
N ARG A 73 -14.13 0.82 5.99
CA ARG A 73 -13.58 -0.56 6.14
C ARG A 73 -12.33 -0.53 7.03
N ASN A 74 -11.90 0.65 7.43
CA ASN A 74 -10.70 0.74 8.29
C ASN A 74 -9.49 0.14 7.54
N CYS A 75 -9.32 0.51 6.31
CA CYS A 75 -8.17 -0.04 5.52
C CYS A 75 -7.67 1.03 4.54
N ALA A 76 -6.38 1.10 4.33
CA ALA A 76 -5.83 2.12 3.39
C ALA A 76 -5.28 1.42 2.15
N PHE A 77 -5.20 2.12 1.05
CA PHE A 77 -4.67 1.50 -0.20
C PHE A 77 -3.42 2.26 -0.65
N VAL A 78 -2.37 1.55 -0.97
CA VAL A 78 -1.13 2.24 -1.42
C VAL A 78 -0.69 1.67 -2.77
N THR A 79 -0.60 2.50 -3.77
CA THR A 79 -0.18 2.01 -5.11
C THR A 79 1.33 2.22 -5.29
N TYR A 80 2.03 1.22 -5.75
CA TYR A 80 3.50 1.37 -5.93
C TYR A 80 3.84 1.29 -7.42
N GLU A 81 4.77 2.09 -7.87
CA GLU A 81 5.14 2.07 -9.31
C GLU A 81 5.66 0.69 -9.68
N LYS A 82 6.26 -0.01 -8.75
CA LYS A 82 6.79 -1.37 -9.06
C LYS A 82 6.35 -2.35 -7.97
N MET A 83 6.18 -3.60 -8.32
CA MET A 83 5.75 -4.60 -7.30
C MET A 83 6.86 -4.79 -6.26
N GLU A 84 8.06 -4.39 -6.57
CA GLU A 84 9.17 -4.55 -5.60
C GLU A 84 8.90 -3.67 -4.37
N SER A 85 8.48 -2.46 -4.57
CA SER A 85 8.21 -1.55 -3.42
C SER A 85 7.09 -2.16 -2.56
N ALA A 86 6.18 -2.87 -3.17
CA ALA A 86 5.08 -3.48 -2.38
C ALA A 86 5.60 -4.67 -1.59
N ASP A 87 6.59 -5.36 -2.10
CA ASP A 87 7.14 -6.53 -1.37
C ASP A 87 7.84 -6.07 -0.10
N GLN A 88 8.71 -5.09 -0.21
CA GLN A 88 9.43 -4.59 0.98
C GLN A 88 8.44 -3.90 1.93
N ALA A 89 7.47 -3.20 1.39
CA ALA A 89 6.48 -2.50 2.25
C ALA A 89 5.49 -3.53 2.83
N VAL A 90 4.92 -4.34 1.98
CA VAL A 90 3.95 -5.36 2.48
C VAL A 90 4.67 -6.37 3.38
N ALA A 91 5.90 -6.66 3.08
CA ALA A 91 6.67 -7.63 3.91
C ALA A 91 7.18 -6.93 5.17
N GLU A 92 7.73 -5.77 5.04
CA GLU A 92 8.25 -5.03 6.22
C GLU A 92 7.09 -4.46 7.03
N LEU A 93 6.15 -3.82 6.37
CA LEU A 93 4.99 -3.23 7.10
C LEU A 93 4.17 -4.35 7.75
N ASN A 94 3.97 -5.43 7.04
CA ASN A 94 3.17 -6.54 7.61
C ASN A 94 3.90 -7.14 8.82
N GLY A 95 3.23 -7.23 9.93
CA GLY A 95 3.89 -7.79 11.15
C GLY A 95 4.52 -6.66 11.96
N THR A 96 4.00 -5.47 11.84
CA THR A 96 4.58 -4.32 12.61
C THR A 96 3.50 -3.71 13.50
N GLN A 97 3.89 -2.98 14.50
CA GLN A 97 2.88 -2.36 15.40
C GLN A 97 3.19 -0.87 15.58
N VAL A 98 2.19 -0.07 15.79
CA VAL A 98 2.43 1.39 15.97
C VAL A 98 2.46 1.72 17.47
N GLU A 99 2.10 2.93 17.83
CA GLU A 99 2.12 3.30 19.27
C GLU A 99 1.31 2.29 20.08
N SER A 100 0.22 1.83 19.54
CA SER A 100 -0.61 0.84 20.28
C SER A 100 -1.58 0.16 19.31
N VAL A 101 -1.21 0.03 18.07
CA VAL A 101 -2.11 -0.62 17.08
C VAL A 101 -1.29 -1.42 16.08
N GLN A 102 -1.80 -2.55 15.64
CA GLN A 102 -1.03 -3.37 14.66
C GLN A 102 -1.48 -3.02 13.24
N LEU A 103 -0.61 -3.15 12.29
CA LEU A 103 -0.99 -2.82 10.88
C LEU A 103 -0.90 -4.08 10.02
N LYS A 104 -1.87 -4.32 9.19
CA LYS A 104 -1.84 -5.53 8.32
C LYS A 104 -1.72 -5.10 6.86
N VAL A 105 -0.87 -5.74 6.11
CA VAL A 105 -0.70 -5.36 4.68
C VAL A 105 -1.06 -6.55 3.79
N ASN A 106 -1.75 -6.31 2.71
CA ASN A 106 -2.13 -7.43 1.81
C ASN A 106 -2.06 -6.95 0.35
N ILE A 107 -2.44 -7.79 -0.58
CA ILE A 107 -2.41 -7.37 -2.00
C ILE A 107 -3.81 -6.97 -2.47
N ALA A 108 -3.91 -5.88 -3.18
CA ALA A 108 -5.25 -5.43 -3.65
C ALA A 108 -5.29 -5.46 -5.18
N ARG A 109 -6.41 -5.80 -5.75
CA ARG A 109 -6.51 -5.85 -7.23
C ARG A 109 -7.39 -4.71 -7.73
N LYS A 110 -7.47 -3.64 -6.98
CA LYS A 110 -8.31 -2.48 -7.41
C LYS A 110 -7.47 -1.56 -8.32
N GLN A 111 -6.35 -2.03 -8.79
CA GLN A 111 -5.51 -1.17 -9.66
C GLN A 111 -5.33 -1.85 -11.03
N PRO A 112 -6.39 -1.89 -11.82
CA PRO A 112 -6.36 -2.51 -13.16
C PRO A 112 -5.59 -1.64 -14.13
N MET A 113 -5.40 -0.39 -13.79
CA MET A 113 -4.66 0.54 -14.68
C MET A 113 -3.42 -0.18 -15.24
N LEU A 114 -2.90 -1.14 -14.52
CA LEU A 114 -1.69 -1.86 -15.03
C LEU A 114 -1.41 -3.08 -14.16
N ASP A 115 -2.40 -3.61 -13.50
CA ASP A 115 -2.17 -4.81 -12.64
C ASP A 115 -0.85 -4.62 -11.87
N ALA A 116 -0.63 -3.44 -11.36
CA ALA A 116 0.63 -3.19 -10.59
C ALA A 116 1.80 -2.98 -11.55
N ALA A 117 2.24 -4.02 -12.19
CA ALA A 117 3.39 -3.87 -13.12
C ALA A 117 3.55 -5.12 -14.00
N THR A 118 4.15 -6.16 -13.47
CA THR A 118 4.34 -7.39 -14.28
C THR A 118 2.99 -7.87 -14.83
N GLY A 119 1.91 -7.40 -14.26
CA GLY A 119 0.57 -7.82 -14.76
C GLY A 119 0.50 -7.61 -16.28
N LYS A 120 -0.11 -8.52 -16.99
CA LYS A 120 -0.20 -8.36 -18.47
C LYS A 120 1.20 -8.34 -19.07
N SER A 121 2.05 -9.24 -18.65
CA SER A 121 3.44 -9.27 -19.20
C SER A 121 4.22 -10.41 -18.54
N ALA A 35 3.57 1.62 -21.83
CA ALA A 35 3.54 1.15 -20.42
C ALA A 35 4.94 1.27 -19.82
N PRO A 36 5.55 2.46 -19.96
CA PRO A 36 6.90 2.72 -19.43
C PRO A 36 6.91 2.78 -17.90
N ARG A 37 5.76 2.91 -17.30
CA ARG A 37 5.71 2.98 -15.81
C ARG A 37 4.77 1.89 -15.29
N LYS A 38 5.14 1.23 -14.22
CA LYS A 38 4.27 0.16 -13.65
C LYS A 38 3.65 0.64 -12.36
N GLY A 39 3.07 -0.25 -11.59
CA GLY A 39 2.44 0.17 -10.31
C GLY A 39 1.96 -1.06 -9.53
N ASN A 40 1.36 -0.87 -8.39
CA ASN A 40 0.88 -2.03 -7.59
C ASN A 40 -0.13 -1.55 -6.56
N THR A 41 -0.66 -2.43 -5.75
CA THR A 41 -1.65 -2.01 -4.73
C THR A 41 -1.38 -2.75 -3.41
N LEU A 42 -1.86 -2.22 -2.32
CA LEU A 42 -1.65 -2.88 -1.01
C LEU A 42 -2.88 -2.69 -0.12
N TYR A 43 -3.21 -3.66 0.66
CA TYR A 43 -4.41 -3.54 1.55
C TYR A 43 -3.94 -3.31 2.99
N VAL A 44 -4.15 -2.13 3.51
CA VAL A 44 -3.72 -1.85 4.91
C VAL A 44 -4.94 -1.90 5.83
N TYR A 45 -4.77 -2.39 7.03
CA TYR A 45 -5.92 -2.47 7.97
C TYR A 45 -5.48 -1.99 9.36
N GLY A 46 -6.28 -1.17 9.99
CA GLY A 46 -5.91 -0.67 11.34
C GLY A 46 -6.96 0.35 11.81
N GLU A 47 -6.66 1.09 12.84
CA GLU A 47 -7.64 2.09 13.35
C GLU A 47 -6.99 3.47 13.40
N ASP A 48 -7.76 4.52 13.39
CA ASP A 48 -7.18 5.88 13.45
C ASP A 48 -5.98 5.96 12.49
N MET A 49 -6.15 5.53 11.27
CA MET A 49 -5.04 5.58 10.29
C MET A 49 -5.23 6.78 9.35
N THR A 50 -4.18 7.45 9.01
CA THR A 50 -4.30 8.62 8.10
C THR A 50 -3.44 8.40 6.86
N PRO A 51 -3.64 9.23 5.83
CA PRO A 51 -2.87 9.13 4.57
C PRO A 51 -1.41 9.57 4.76
N THR A 52 -1.19 10.75 5.26
CA THR A 52 0.20 11.22 5.46
C THR A 52 0.98 10.18 6.26
N LEU A 53 0.40 9.68 7.32
CA LEU A 53 1.10 8.65 8.14
C LEU A 53 1.40 7.44 7.25
N LEU A 54 0.41 6.94 6.56
CA LEU A 54 0.64 5.76 5.69
C LEU A 54 1.78 6.08 4.70
N ARG A 55 1.71 7.20 4.06
CA ARG A 55 2.79 7.57 3.09
C ARG A 55 4.15 7.37 3.76
N GLY A 56 4.25 7.67 5.03
CA GLY A 56 5.56 7.50 5.73
C GLY A 56 5.86 6.00 5.87
N ALA A 57 4.86 5.18 6.06
CA ALA A 57 5.10 3.72 6.20
C ALA A 57 5.38 3.13 4.82
N PHE A 58 4.95 3.78 3.78
CA PHE A 58 5.20 3.26 2.40
C PHE A 58 6.08 4.25 1.63
N SER A 59 6.61 5.23 2.31
CA SER A 59 7.47 6.24 1.62
C SER A 59 8.87 5.66 1.35
N PRO A 60 9.53 5.12 2.40
CA PRO A 60 10.88 4.56 2.26
C PRO A 60 10.90 3.25 1.47
N PHE A 61 9.86 2.46 1.57
CA PHE A 61 9.83 1.17 0.82
C PHE A 61 9.85 1.45 -0.69
N GLY A 62 9.18 2.50 -1.11
CA GLY A 62 9.15 2.83 -2.56
C GLY A 62 8.29 4.07 -2.78
N ASN A 63 8.12 4.46 -4.02
CA ASN A 63 7.29 5.66 -4.31
C ASN A 63 5.85 5.24 -4.57
N ILE A 64 4.90 5.97 -4.06
CA ILE A 64 3.46 5.62 -4.28
C ILE A 64 2.89 6.48 -5.41
N ILE A 65 2.09 5.91 -6.26
CA ILE A 65 1.51 6.71 -7.38
C ILE A 65 0.05 7.03 -7.07
N ASP A 66 -0.56 6.31 -6.18
CA ASP A 66 -1.98 6.58 -5.83
C ASP A 66 -2.24 6.15 -4.39
N LEU A 67 -2.77 7.03 -3.58
CA LEU A 67 -3.05 6.67 -2.16
C LEU A 67 -4.57 6.62 -1.94
N SER A 68 -5.07 5.50 -1.50
CA SER A 68 -6.54 5.39 -1.27
C SER A 68 -6.79 4.91 0.16
N MET A 69 -7.77 5.46 0.81
CA MET A 69 -8.06 5.03 2.21
C MET A 69 -9.55 4.67 2.33
N ASP A 70 -9.88 3.78 3.22
CA ASP A 70 -11.30 3.38 3.39
C ASP A 70 -11.69 3.46 4.86
N PRO A 71 -12.40 4.54 5.25
CA PRO A 71 -12.82 4.76 6.63
C PRO A 71 -14.00 3.86 7.06
N PRO A 72 -14.89 3.43 6.12
CA PRO A 72 -16.04 2.60 6.47
C PRO A 72 -15.61 1.15 6.75
N ARG A 73 -14.47 0.75 6.26
CA ARG A 73 -14.01 -0.65 6.49
C ARG A 73 -12.76 -0.64 7.39
N ASN A 74 -12.32 0.52 7.79
CA ASN A 74 -11.11 0.59 8.66
C ASN A 74 -9.92 0.00 7.92
N CYS A 75 -9.77 0.30 6.65
CA CYS A 75 -8.62 -0.23 5.87
C CYS A 75 -8.15 0.80 4.86
N ALA A 76 -6.88 0.83 4.57
CA ALA A 76 -6.36 1.82 3.60
C ALA A 76 -5.68 1.09 2.44
N PHE A 77 -5.71 1.67 1.27
CA PHE A 77 -5.06 1.00 0.10
C PHE A 77 -3.88 1.85 -0.37
N VAL A 78 -2.78 1.23 -0.70
CA VAL A 78 -1.60 2.00 -1.16
C VAL A 78 -1.16 1.51 -2.55
N THR A 79 -0.69 2.39 -3.38
CA THR A 79 -0.25 1.97 -4.74
C THR A 79 1.27 2.17 -4.86
N TYR A 80 1.98 1.17 -5.32
CA TYR A 80 3.46 1.31 -5.44
C TYR A 80 3.86 1.32 -6.91
N GLU A 81 4.68 2.25 -7.31
CA GLU A 81 5.11 2.31 -8.74
C GLU A 81 5.43 0.91 -9.24
N LYS A 82 5.80 0.01 -8.37
CA LYS A 82 6.11 -1.37 -8.81
C LYS A 82 5.61 -2.37 -7.76
N MET A 83 5.52 -3.62 -8.12
CA MET A 83 5.05 -4.64 -7.15
C MET A 83 6.20 -5.04 -6.22
N GLU A 84 7.40 -4.67 -6.56
CA GLU A 84 8.57 -5.02 -5.70
C GLU A 84 8.55 -4.14 -4.45
N SER A 85 8.24 -2.88 -4.60
CA SER A 85 8.19 -1.98 -3.41
C SER A 85 7.04 -2.40 -2.49
N ALA A 86 5.93 -2.78 -3.07
CA ALA A 86 4.77 -3.20 -2.23
C ALA A 86 5.07 -4.56 -1.61
N ASP A 87 5.94 -5.33 -2.21
CA ASP A 87 6.28 -6.66 -1.65
C ASP A 87 7.14 -6.49 -0.39
N GLN A 88 8.17 -5.68 -0.47
CA GLN A 88 9.04 -5.46 0.72
C GLN A 88 8.26 -4.71 1.80
N ALA A 89 7.44 -3.77 1.42
CA ALA A 89 6.65 -3.00 2.43
C ALA A 89 5.62 -3.92 3.07
N VAL A 90 4.97 -4.74 2.29
CA VAL A 90 3.94 -5.66 2.86
C VAL A 90 4.60 -6.61 3.87
N ALA A 91 5.82 -6.98 3.63
CA ALA A 91 6.52 -7.91 4.57
C ALA A 91 7.02 -7.13 5.79
N GLU A 92 7.68 -6.03 5.57
CA GLU A 92 8.20 -5.24 6.73
C GLU A 92 7.04 -4.51 7.44
N LEU A 93 6.14 -3.94 6.69
CA LEU A 93 5.00 -3.23 7.34
C LEU A 93 4.07 -4.23 8.01
N ASN A 94 3.84 -5.36 7.39
CA ASN A 94 2.94 -6.38 8.00
C ASN A 94 3.64 -7.04 9.19
N GLY A 95 3.07 -6.93 10.35
CA GLY A 95 3.71 -7.55 11.55
C GLY A 95 4.42 -6.47 12.37
N THR A 96 3.96 -5.25 12.28
CA THR A 96 4.62 -4.15 13.06
C THR A 96 3.56 -3.43 13.89
N GLN A 97 3.97 -2.83 14.97
CA GLN A 97 2.99 -2.10 15.84
C GLN A 97 3.48 -0.68 16.10
N VAL A 98 2.61 0.29 16.05
CA VAL A 98 3.03 1.69 16.29
C VAL A 98 3.15 1.94 17.80
N GLU A 99 2.90 3.14 18.24
CA GLU A 99 3.00 3.43 19.70
C GLU A 99 1.98 2.59 20.47
N SER A 100 0.81 2.43 19.92
CA SER A 100 -0.24 1.62 20.61
C SER A 100 -1.24 1.09 19.59
N VAL A 101 -0.83 0.95 18.36
CA VAL A 101 -1.76 0.43 17.32
C VAL A 101 -1.01 -0.54 16.40
N GLN A 102 -1.67 -1.56 15.94
CA GLN A 102 -0.99 -2.54 15.05
C GLN A 102 -1.42 -2.29 13.59
N LEU A 103 -0.49 -2.38 12.68
CA LEU A 103 -0.83 -2.16 11.24
C LEU A 103 -0.74 -3.48 10.48
N LYS A 104 -1.61 -3.70 9.54
CA LYS A 104 -1.57 -4.97 8.76
C LYS A 104 -1.52 -4.65 7.27
N VAL A 105 -0.52 -5.15 6.59
CA VAL A 105 -0.41 -4.87 5.12
C VAL A 105 -0.76 -6.14 4.33
N ASN A 106 -1.29 -5.99 3.16
CA ASN A 106 -1.63 -7.18 2.34
C ASN A 106 -1.70 -6.79 0.86
N ILE A 107 -2.25 -7.62 0.03
CA ILE A 107 -2.34 -7.29 -1.42
C ILE A 107 -3.78 -6.96 -1.78
N ALA A 108 -4.01 -5.82 -2.38
CA ALA A 108 -5.40 -5.44 -2.76
C ALA A 108 -5.60 -5.69 -4.25
N ARG A 109 -6.81 -5.62 -4.72
CA ARG A 109 -7.08 -5.86 -6.17
C ARG A 109 -6.06 -5.07 -7.01
N LYS A 110 -5.73 -5.55 -8.17
CA LYS A 110 -4.74 -4.83 -9.02
C LYS A 110 -5.42 -3.61 -9.66
N GLN A 111 -5.00 -2.43 -9.29
CA GLN A 111 -5.60 -1.21 -9.87
C GLN A 111 -5.51 -1.26 -11.39
N PRO A 112 -6.66 -1.12 -12.08
CA PRO A 112 -6.72 -1.15 -13.54
C PRO A 112 -6.10 0.12 -14.17
N MET A 113 -6.19 1.22 -13.49
CA MET A 113 -5.61 2.48 -14.03
C MET A 113 -4.21 2.21 -14.58
N LEU A 114 -3.55 1.18 -14.09
CA LEU A 114 -2.19 0.88 -14.60
C LEU A 114 -1.96 -0.63 -14.60
N ASP A 115 -3.01 -1.40 -14.65
CA ASP A 115 -2.85 -2.88 -14.66
C ASP A 115 -1.79 -3.30 -13.63
N ALA A 116 -1.66 -2.56 -12.56
CA ALA A 116 -0.66 -2.92 -11.53
C ALA A 116 0.74 -2.97 -12.15
N ALA A 117 1.14 -4.10 -12.66
CA ALA A 117 2.50 -4.20 -13.27
C ALA A 117 2.70 -5.59 -13.85
N THR A 118 1.66 -6.24 -14.29
CA THR A 118 1.82 -7.59 -14.85
C THR A 118 1.53 -7.57 -16.35
N GLY A 119 1.97 -8.58 -17.07
CA GLY A 119 1.71 -8.61 -18.53
C GLY A 119 2.94 -8.08 -19.28
N LYS A 120 2.99 -8.28 -20.57
CA LYS A 120 4.16 -7.79 -21.35
C LYS A 120 4.29 -6.27 -21.18
N SER A 121 3.18 -5.58 -21.13
CA SER A 121 3.25 -4.09 -20.95
C SER A 121 1.83 -3.51 -21.01
N ALA A 35 -0.73 2.43 -18.75
CA ALA A 35 0.20 3.54 -18.40
C ALA A 35 1.64 3.12 -18.69
N PRO A 36 2.50 4.08 -19.05
CA PRO A 36 3.90 3.82 -19.36
C PRO A 36 4.70 3.43 -18.11
N ARG A 37 4.08 3.46 -16.96
CA ARG A 37 4.80 3.09 -15.71
C ARG A 37 4.02 1.99 -14.97
N LYS A 38 4.71 1.10 -14.32
CA LYS A 38 4.01 0.00 -13.59
C LYS A 38 3.49 0.54 -12.25
N GLY A 39 3.16 -0.35 -11.34
CA GLY A 39 2.64 0.11 -10.02
C GLY A 39 2.29 -1.10 -9.17
N ASN A 40 1.49 -0.93 -8.16
CA ASN A 40 1.11 -2.07 -7.28
C ASN A 40 0.19 -1.59 -6.16
N THR A 41 -1.03 -2.01 -6.16
CA THR A 41 -1.98 -1.57 -5.09
C THR A 41 -1.74 -2.41 -3.83
N LEU A 42 -1.72 -1.78 -2.68
CA LEU A 42 -1.50 -2.55 -1.43
C LEU A 42 -2.70 -2.38 -0.49
N TYR A 43 -2.89 -3.30 0.42
CA TYR A 43 -4.04 -3.19 1.36
C TYR A 43 -3.50 -3.05 2.79
N VAL A 44 -3.86 -1.98 3.45
CA VAL A 44 -3.37 -1.79 4.85
C VAL A 44 -4.56 -1.81 5.82
N TYR A 45 -4.45 -2.51 6.90
CA TYR A 45 -5.56 -2.58 7.87
C TYR A 45 -5.07 -2.08 9.25
N GLY A 46 -5.90 -1.37 9.96
CA GLY A 46 -5.48 -0.86 11.29
C GLY A 46 -6.57 0.06 11.85
N GLU A 47 -6.34 0.62 13.02
CA GLU A 47 -7.36 1.53 13.62
C GLU A 47 -6.82 2.95 13.64
N ASP A 48 -7.69 3.93 13.65
CA ASP A 48 -7.22 5.34 13.67
C ASP A 48 -6.07 5.52 12.67
N MET A 49 -6.25 5.10 11.46
CA MET A 49 -5.16 5.24 10.45
C MET A 49 -5.43 6.47 9.58
N THR A 50 -4.41 7.18 9.22
CA THR A 50 -4.60 8.40 8.38
C THR A 50 -3.73 8.29 7.12
N PRO A 51 -3.99 9.16 6.13
CA PRO A 51 -3.24 9.17 4.87
C PRO A 51 -1.80 9.66 5.07
N THR A 52 -1.63 10.77 5.76
CA THR A 52 -0.26 11.30 5.98
C THR A 52 0.59 10.23 6.68
N LEU A 53 0.05 9.61 7.69
CA LEU A 53 0.83 8.56 8.42
C LEU A 53 1.20 7.45 7.44
N LEU A 54 0.25 6.94 6.71
CA LEU A 54 0.55 5.85 5.75
C LEU A 54 1.64 6.33 4.77
N ARG A 55 1.47 7.48 4.19
CA ARG A 55 2.49 7.99 3.24
C ARG A 55 3.89 7.81 3.86
N GLY A 56 4.02 8.08 5.12
CA GLY A 56 5.35 7.92 5.78
C GLY A 56 5.70 6.44 5.85
N ALA A 57 4.74 5.59 6.11
CA ALA A 57 5.01 4.14 6.19
C ALA A 57 5.29 3.59 4.79
N PHE A 58 4.84 4.28 3.77
CA PHE A 58 5.07 3.81 2.38
C PHE A 58 5.92 4.83 1.63
N SER A 59 6.43 5.82 2.32
CA SER A 59 7.26 6.87 1.65
C SER A 59 8.66 6.31 1.34
N PRO A 60 9.35 5.78 2.35
CA PRO A 60 10.71 5.24 2.17
C PRO A 60 10.72 3.94 1.34
N PHE A 61 9.66 3.17 1.41
CA PHE A 61 9.62 1.91 0.63
C PHE A 61 9.58 2.24 -0.87
N GLY A 62 8.99 3.34 -1.23
CA GLY A 62 8.92 3.72 -2.67
C GLY A 62 7.95 4.88 -2.85
N ASN A 63 7.79 5.34 -4.07
CA ASN A 63 6.86 6.47 -4.32
C ASN A 63 5.45 5.93 -4.56
N ILE A 64 4.46 6.53 -3.95
CA ILE A 64 3.06 6.04 -4.15
C ILE A 64 2.41 6.85 -5.27
N ILE A 65 1.74 6.19 -6.18
CA ILE A 65 1.08 6.92 -7.29
C ILE A 65 -0.40 7.12 -6.95
N ASP A 66 -0.93 6.34 -6.05
CA ASP A 66 -2.37 6.50 -5.67
C ASP A 66 -2.51 6.35 -4.16
N LEU A 67 -3.11 7.32 -3.51
CA LEU A 67 -3.29 7.23 -2.04
C LEU A 67 -4.78 7.30 -1.70
N SER A 68 -5.36 6.20 -1.29
CA SER A 68 -6.81 6.20 -0.94
C SER A 68 -6.98 5.74 0.51
N MET A 69 -7.99 6.22 1.17
CA MET A 69 -8.23 5.81 2.58
C MET A 69 -9.64 5.23 2.71
N ASP A 70 -9.81 4.28 3.59
CA ASP A 70 -11.17 3.67 3.77
C ASP A 70 -11.52 3.63 5.26
N PRO A 71 -12.22 4.65 5.75
CA PRO A 71 -12.63 4.72 7.16
C PRO A 71 -13.78 3.77 7.52
N PRO A 72 -14.67 3.42 6.58
CA PRO A 72 -15.79 2.51 6.87
C PRO A 72 -15.33 1.07 7.00
N ARG A 73 -14.21 0.73 6.43
CA ARG A 73 -13.71 -0.68 6.53
C ARG A 73 -12.45 -0.72 7.37
N ASN A 74 -12.00 0.41 7.86
CA ASN A 74 -10.77 0.43 8.70
C ASN A 74 -9.59 -0.08 7.88
N CYS A 75 -9.46 0.37 6.66
CA CYS A 75 -8.32 -0.10 5.81
C CYS A 75 -7.97 0.98 4.80
N ALA A 76 -6.71 1.13 4.50
CA ALA A 76 -6.29 2.17 3.51
C ALA A 76 -5.75 1.49 2.25
N PHE A 77 -5.78 2.17 1.15
CA PHE A 77 -5.25 1.56 -0.12
C PHE A 77 -4.07 2.39 -0.63
N VAL A 78 -2.95 1.76 -0.85
CA VAL A 78 -1.77 2.50 -1.35
C VAL A 78 -1.22 1.83 -2.61
N THR A 79 -1.06 2.57 -3.67
CA THR A 79 -0.53 1.98 -4.93
C THR A 79 0.92 2.41 -5.13
N TYR A 80 1.81 1.48 -5.32
CA TYR A 80 3.24 1.85 -5.52
C TYR A 80 3.51 1.98 -7.03
N GLU A 81 4.68 2.42 -7.38
CA GLU A 81 5.01 2.59 -8.83
C GLU A 81 5.62 1.29 -9.37
N LYS A 82 6.00 0.40 -8.50
CA LYS A 82 6.61 -0.88 -8.98
C LYS A 82 6.30 -2.00 -7.98
N MET A 83 5.78 -3.09 -8.47
CA MET A 83 5.45 -4.24 -7.57
C MET A 83 6.63 -4.51 -6.63
N GLU A 84 7.81 -4.14 -7.02
CA GLU A 84 9.00 -4.38 -6.15
C GLU A 84 8.89 -3.50 -4.90
N SER A 85 8.90 -2.21 -5.06
CA SER A 85 8.81 -1.31 -3.89
C SER A 85 7.69 -1.78 -2.95
N ALA A 86 6.60 -2.25 -3.50
CA ALA A 86 5.47 -2.72 -2.64
C ALA A 86 5.89 -4.01 -1.92
N ASP A 87 6.58 -4.88 -2.59
CA ASP A 87 6.99 -6.16 -1.95
C ASP A 87 7.80 -5.86 -0.67
N GLN A 88 8.62 -4.84 -0.71
CA GLN A 88 9.43 -4.49 0.49
C GLN A 88 8.53 -3.84 1.54
N ALA A 89 7.61 -3.01 1.12
CA ALA A 89 6.72 -2.34 2.10
C ALA A 89 5.67 -3.33 2.61
N VAL A 90 5.13 -4.13 1.74
CA VAL A 90 4.11 -5.12 2.17
C VAL A 90 4.73 -6.13 3.13
N ALA A 91 5.87 -6.69 2.77
CA ALA A 91 6.53 -7.68 3.65
C ALA A 91 7.12 -6.98 4.86
N GLU A 92 7.69 -5.81 4.67
CA GLU A 92 8.29 -5.08 5.81
C GLU A 92 7.18 -4.48 6.68
N LEU A 93 6.19 -3.87 6.08
CA LEU A 93 5.09 -3.27 6.88
C LEU A 93 4.24 -4.38 7.49
N ASN A 94 4.03 -5.45 6.77
CA ASN A 94 3.22 -6.58 7.32
C ASN A 94 3.93 -7.19 8.52
N GLY A 95 3.23 -7.36 9.61
CA GLY A 95 3.87 -7.94 10.82
C GLY A 95 4.58 -6.85 11.61
N THR A 96 4.09 -5.64 11.54
CA THR A 96 4.75 -4.53 12.29
C THR A 96 3.75 -3.91 13.27
N GLN A 97 4.22 -3.37 14.35
CA GLN A 97 3.29 -2.75 15.34
C GLN A 97 3.59 -1.25 15.45
N VAL A 98 2.58 -0.44 15.62
CA VAL A 98 2.80 1.03 15.73
C VAL A 98 3.00 1.39 17.20
N GLU A 99 2.80 2.64 17.54
CA GLU A 99 2.99 3.05 18.97
C GLU A 99 2.11 2.18 19.87
N SER A 100 0.94 1.83 19.43
CA SER A 100 0.05 0.98 20.26
C SER A 100 -1.01 0.31 19.38
N VAL A 101 -0.70 0.13 18.12
CA VAL A 101 -1.68 -0.52 17.20
C VAL A 101 -0.96 -1.52 16.29
N GLN A 102 -1.70 -2.34 15.59
CA GLN A 102 -1.05 -3.33 14.69
C GLN A 102 -1.43 -3.02 13.24
N LEU A 103 -0.56 -3.27 12.31
CA LEU A 103 -0.90 -2.98 10.88
C LEU A 103 -0.77 -4.26 10.06
N LYS A 104 -1.75 -4.56 9.27
CA LYS A 104 -1.70 -5.80 8.43
C LYS A 104 -1.69 -5.40 6.95
N VAL A 105 -0.75 -5.91 6.21
CA VAL A 105 -0.68 -5.56 4.75
C VAL A 105 -1.21 -6.74 3.93
N ASN A 106 -2.01 -6.47 2.94
CA ASN A 106 -2.54 -7.57 2.08
C ASN A 106 -2.48 -7.15 0.61
N ILE A 107 -3.12 -7.88 -0.25
CA ILE A 107 -3.08 -7.53 -1.70
C ILE A 107 -4.45 -6.98 -2.12
N ALA A 108 -4.48 -5.80 -2.66
CA ALA A 108 -5.78 -5.20 -3.10
C ALA A 108 -5.91 -5.32 -4.61
N ARG A 109 -7.08 -5.09 -5.14
CA ARG A 109 -7.27 -5.19 -6.61
C ARG A 109 -6.20 -4.36 -7.32
N LYS A 110 -5.67 -4.85 -8.40
CA LYS A 110 -4.63 -4.09 -9.14
C LYS A 110 -5.28 -2.90 -9.85
N GLN A 111 -4.58 -1.81 -9.98
CA GLN A 111 -5.17 -0.62 -10.67
C GLN A 111 -4.99 -0.77 -12.18
N PRO A 112 -5.85 -0.09 -12.96
CA PRO A 112 -5.80 -0.15 -14.43
C PRO A 112 -4.58 0.57 -14.99
N MET A 113 -4.06 1.52 -14.27
CA MET A 113 -2.86 2.26 -14.76
C MET A 113 -1.86 1.23 -15.33
N LEU A 114 -1.90 0.03 -14.85
CA LEU A 114 -0.96 -1.01 -15.35
C LEU A 114 -1.22 -2.33 -14.65
N ASP A 115 -2.45 -2.58 -14.27
CA ASP A 115 -2.75 -3.85 -13.56
C ASP A 115 -1.71 -4.05 -12.46
N ALA A 116 -1.48 -3.04 -11.67
CA ALA A 116 -0.47 -3.14 -10.59
C ALA A 116 0.93 -3.21 -11.22
N ALA A 117 1.36 -4.39 -11.57
CA ALA A 117 2.70 -4.52 -12.20
C ALA A 117 2.91 -5.97 -12.68
N THR A 118 2.38 -6.92 -11.96
CA THR A 118 2.54 -8.34 -12.38
C THR A 118 1.19 -8.92 -12.78
N GLY A 119 1.16 -9.70 -13.83
CA GLY A 119 -0.13 -10.29 -14.28
C GLY A 119 -0.10 -10.49 -15.80
N LYS A 120 0.58 -11.51 -16.26
CA LYS A 120 0.65 -11.76 -17.73
C LYS A 120 -0.77 -11.90 -18.29
N SER A 121 -1.64 -12.54 -17.56
CA SER A 121 -3.03 -12.72 -18.06
C SER A 121 -3.04 -13.68 -19.25
N ALA A 35 0.68 8.74 -11.33
CA ALA A 35 1.32 9.35 -12.53
C ALA A 35 1.66 8.26 -13.54
N PRO A 36 2.52 7.31 -13.16
CA PRO A 36 2.93 6.20 -14.03
C PRO A 36 1.79 5.21 -14.26
N ARG A 37 1.77 4.56 -15.39
CA ARG A 37 0.68 3.58 -15.68
C ARG A 37 0.73 2.45 -14.64
N LYS A 38 1.89 2.05 -14.22
CA LYS A 38 2.00 0.97 -13.21
C LYS A 38 1.36 1.43 -11.90
N GLY A 39 1.48 0.66 -10.86
CA GLY A 39 0.89 1.06 -9.56
C GLY A 39 0.35 -0.18 -8.83
N ASN A 40 1.11 -0.71 -7.91
CA ASN A 40 0.63 -1.92 -7.17
C ASN A 40 -0.19 -1.47 -5.96
N THR A 41 -1.49 -1.54 -6.06
CA THR A 41 -2.35 -1.12 -4.92
C THR A 41 -2.13 -2.07 -3.73
N LEU A 42 -1.90 -1.52 -2.57
CA LEU A 42 -1.68 -2.40 -1.38
C LEU A 42 -2.87 -2.25 -0.41
N TYR A 43 -3.22 -3.31 0.26
CA TYR A 43 -4.37 -3.23 1.22
C TYR A 43 -3.83 -3.19 2.65
N VAL A 44 -4.18 -2.18 3.40
CA VAL A 44 -3.69 -2.08 4.80
C VAL A 44 -4.88 -2.01 5.75
N TYR A 45 -4.82 -2.71 6.85
CA TYR A 45 -5.96 -2.69 7.82
C TYR A 45 -5.47 -2.13 9.16
N GLY A 46 -6.25 -1.30 9.79
CA GLY A 46 -5.85 -0.73 11.10
C GLY A 46 -6.90 0.28 11.57
N GLU A 47 -6.68 0.89 12.69
CA GLU A 47 -7.67 1.88 13.20
C GLU A 47 -6.98 3.23 13.45
N ASP A 48 -7.71 4.30 13.44
CA ASP A 48 -7.09 5.64 13.67
C ASP A 48 -5.84 5.77 12.81
N MET A 49 -5.94 5.48 11.54
CA MET A 49 -4.75 5.60 10.65
C MET A 49 -4.88 6.85 9.78
N THR A 50 -3.79 7.50 9.48
CA THR A 50 -3.85 8.71 8.63
C THR A 50 -3.02 8.50 7.36
N PRO A 51 -3.26 9.31 6.33
CA PRO A 51 -2.55 9.22 5.05
C PRO A 51 -1.09 9.66 5.18
N THR A 52 -0.86 10.85 5.66
CA THR A 52 0.54 11.33 5.81
C THR A 52 1.36 10.27 6.56
N LEU A 53 0.83 9.76 7.64
CA LEU A 53 1.58 8.73 8.42
C LEU A 53 1.87 7.53 7.51
N LEU A 54 0.85 6.96 6.92
CA LEU A 54 1.07 5.80 6.02
C LEU A 54 2.10 6.19 4.95
N ARG A 55 1.98 7.37 4.40
CA ARG A 55 2.95 7.81 3.36
C ARG A 55 4.37 7.55 3.86
N GLY A 56 4.63 7.84 5.11
CA GLY A 56 5.99 7.61 5.65
C GLY A 56 6.27 6.10 5.70
N ALA A 57 5.27 5.32 5.99
CA ALA A 57 5.47 3.84 6.06
C ALA A 57 5.69 3.30 4.65
N PHE A 58 5.26 4.01 3.65
CA PHE A 58 5.45 3.54 2.25
C PHE A 58 6.32 4.53 1.48
N SER A 59 6.81 5.54 2.15
CA SER A 59 7.66 6.55 1.45
C SER A 59 9.04 5.96 1.14
N PRO A 60 9.75 5.49 2.18
CA PRO A 60 11.09 4.91 2.04
C PRO A 60 11.06 3.56 1.28
N PHE A 61 9.94 2.88 1.32
CA PHE A 61 9.85 1.57 0.61
C PHE A 61 9.79 1.82 -0.89
N GLY A 62 9.32 2.96 -1.29
CA GLY A 62 9.23 3.26 -2.75
C GLY A 62 8.35 4.49 -2.98
N ASN A 63 8.15 4.86 -4.21
CA ASN A 63 7.30 6.06 -4.49
C ASN A 63 5.84 5.63 -4.69
N ILE A 64 4.91 6.38 -4.17
CA ILE A 64 3.48 6.00 -4.34
C ILE A 64 2.86 6.83 -5.46
N ILE A 65 2.12 6.21 -6.34
CA ILE A 65 1.50 6.96 -7.46
C ILE A 65 0.05 7.32 -7.10
N ASP A 66 -0.54 6.56 -6.21
CA ASP A 66 -1.95 6.86 -5.82
C ASP A 66 -2.15 6.51 -4.34
N LEU A 67 -2.53 7.47 -3.54
CA LEU A 67 -2.76 7.19 -2.09
C LEU A 67 -4.26 7.25 -1.78
N SER A 68 -4.81 6.19 -1.28
CA SER A 68 -6.27 6.19 -0.96
C SER A 68 -6.48 5.58 0.43
N MET A 69 -7.43 6.07 1.17
CA MET A 69 -7.68 5.51 2.52
C MET A 69 -9.17 5.20 2.67
N ASP A 70 -9.52 4.23 3.48
CA ASP A 70 -10.95 3.88 3.68
C ASP A 70 -11.28 3.88 5.17
N PRO A 71 -11.88 4.99 5.66
CA PRO A 71 -12.25 5.12 7.08
C PRO A 71 -13.48 4.28 7.47
N PRO A 72 -14.42 4.00 6.53
CA PRO A 72 -15.62 3.22 6.87
C PRO A 72 -15.30 1.73 7.02
N ARG A 73 -14.25 1.27 6.38
CA ARG A 73 -13.90 -0.18 6.48
C ARG A 73 -12.60 -0.33 7.28
N ASN A 74 -12.04 0.76 7.73
CA ASN A 74 -10.79 0.68 8.52
C ASN A 74 -9.69 0.04 7.67
N CYS A 75 -9.53 0.48 6.45
CA CYS A 75 -8.49 -0.09 5.56
C CYS A 75 -7.95 0.99 4.63
N ALA A 76 -6.65 1.09 4.49
CA ALA A 76 -6.07 2.12 3.60
C ALA A 76 -5.54 1.46 2.33
N PHE A 77 -5.33 2.21 1.29
CA PHE A 77 -4.82 1.62 0.02
C PHE A 77 -3.59 2.40 -0.44
N VAL A 78 -2.54 1.70 -0.79
CA VAL A 78 -1.30 2.40 -1.24
C VAL A 78 -0.85 1.82 -2.59
N THR A 79 -0.55 2.65 -3.54
CA THR A 79 -0.10 2.14 -4.87
C THR A 79 1.40 2.33 -5.01
N TYR A 80 2.08 1.36 -5.56
CA TYR A 80 3.56 1.48 -5.73
C TYR A 80 3.91 1.45 -7.22
N GLU A 81 4.76 2.33 -7.66
CA GLU A 81 5.15 2.35 -9.09
C GLU A 81 5.60 0.95 -9.51
N LYS A 82 6.24 0.24 -8.62
CA LYS A 82 6.71 -1.14 -8.97
C LYS A 82 6.23 -2.12 -7.89
N MET A 83 5.86 -3.31 -8.30
CA MET A 83 5.38 -4.31 -7.30
C MET A 83 6.51 -4.65 -6.33
N GLU A 84 7.74 -4.48 -6.75
CA GLU A 84 8.88 -4.79 -5.84
C GLU A 84 8.84 -3.87 -4.62
N SER A 85 8.50 -2.62 -4.82
CA SER A 85 8.43 -1.68 -3.66
C SER A 85 7.34 -2.13 -2.69
N ALA A 86 6.27 -2.69 -3.20
CA ALA A 86 5.17 -3.14 -2.31
C ALA A 86 5.61 -4.39 -1.55
N ASP A 87 6.42 -5.22 -2.17
CA ASP A 87 6.87 -6.46 -1.48
C ASP A 87 7.74 -6.09 -0.28
N GLN A 88 8.62 -5.12 -0.43
CA GLN A 88 9.49 -4.72 0.70
C GLN A 88 8.64 -4.06 1.79
N ALA A 89 7.64 -3.31 1.41
CA ALA A 89 6.77 -2.63 2.42
C ALA A 89 5.81 -3.66 3.03
N VAL A 90 5.15 -4.42 2.21
CA VAL A 90 4.19 -5.44 2.74
C VAL A 90 4.94 -6.41 3.66
N ALA A 91 6.20 -6.62 3.41
CA ALA A 91 6.98 -7.55 4.27
C ALA A 91 7.41 -6.84 5.56
N GLU A 92 8.05 -5.71 5.45
CA GLU A 92 8.49 -4.98 6.66
C GLU A 92 7.28 -4.38 7.38
N LEU A 93 6.35 -3.83 6.63
CA LEU A 93 5.14 -3.23 7.27
C LEU A 93 4.29 -4.33 7.90
N ASN A 94 4.12 -5.44 7.22
CA ASN A 94 3.30 -6.54 7.79
C ASN A 94 3.96 -7.08 9.06
N GLY A 95 3.21 -7.22 10.11
CA GLY A 95 3.80 -7.74 11.38
C GLY A 95 4.39 -6.57 12.18
N THR A 96 3.77 -5.43 12.13
CA THR A 96 4.30 -4.25 12.89
C THR A 96 3.21 -3.71 13.81
N GLN A 97 3.57 -2.97 14.82
CA GLN A 97 2.56 -2.41 15.75
C GLN A 97 2.77 -0.91 15.89
N VAL A 98 1.72 -0.19 16.24
CA VAL A 98 1.86 1.29 16.39
C VAL A 98 1.84 1.65 17.87
N GLU A 99 1.46 2.85 18.19
CA GLU A 99 1.42 3.26 19.63
C GLU A 99 0.52 2.29 20.40
N SER A 100 -0.55 1.85 19.81
CA SER A 100 -1.47 0.90 20.52
C SER A 100 -2.34 0.18 19.50
N VAL A 101 -1.90 0.08 18.28
CA VAL A 101 -2.70 -0.62 17.25
C VAL A 101 -1.79 -1.48 16.36
N GLN A 102 -2.31 -2.52 15.79
CA GLN A 102 -1.47 -3.39 14.91
C GLN A 102 -1.70 -3.01 13.45
N LEU A 103 -0.71 -3.16 12.62
CA LEU A 103 -0.87 -2.81 11.18
C LEU A 103 -0.88 -4.09 10.34
N LYS A 104 -1.76 -4.19 9.38
CA LYS A 104 -1.82 -5.41 8.54
C LYS A 104 -1.66 -5.01 7.07
N VAL A 105 -0.92 -5.76 6.31
CA VAL A 105 -0.72 -5.43 4.88
C VAL A 105 -1.19 -6.59 4.01
N ASN A 106 -1.90 -6.31 2.95
CA ASN A 106 -2.39 -7.39 2.06
C ASN A 106 -2.31 -6.93 0.60
N ILE A 107 -2.73 -7.76 -0.32
CA ILE A 107 -2.68 -7.37 -1.75
C ILE A 107 -4.07 -6.96 -2.22
N ALA A 108 -4.17 -5.90 -2.99
CA ALA A 108 -5.50 -5.45 -3.48
C ALA A 108 -5.46 -5.35 -5.00
N ARG A 109 -6.54 -5.72 -5.65
CA ARG A 109 -6.57 -5.63 -7.14
C ARG A 109 -7.55 -4.55 -7.57
N LYS A 110 -7.57 -3.44 -6.88
CA LYS A 110 -8.51 -2.35 -7.25
C LYS A 110 -7.91 -1.53 -8.39
N GLN A 111 -6.66 -1.73 -8.69
CA GLN A 111 -6.03 -0.96 -9.81
C GLN A 111 -5.67 -1.92 -10.95
N PRO A 112 -6.67 -2.66 -11.45
CA PRO A 112 -6.47 -3.62 -12.54
C PRO A 112 -6.08 -2.94 -13.85
N MET A 113 -6.03 -1.63 -13.87
CA MET A 113 -5.64 -0.91 -15.12
C MET A 113 -4.27 -1.42 -15.58
N LEU A 114 -3.49 -1.95 -14.67
CA LEU A 114 -2.14 -2.45 -15.06
C LEU A 114 -1.71 -3.55 -14.10
N ASP A 115 -2.64 -4.12 -13.38
CA ASP A 115 -2.28 -5.20 -12.42
C ASP A 115 -0.98 -4.84 -11.70
N ALA A 116 -0.85 -3.59 -11.30
CA ALA A 116 0.40 -3.15 -10.62
C ALA A 116 1.49 -2.89 -11.66
N ALA A 117 2.05 -3.93 -12.20
CA ALA A 117 3.12 -3.75 -13.23
C ALA A 117 3.41 -5.08 -13.91
N THR A 118 2.43 -5.67 -14.53
CA THR A 118 2.67 -6.98 -15.22
C THR A 118 2.40 -6.82 -16.72
N GLY A 119 3.10 -7.56 -17.53
CA GLY A 119 2.89 -7.45 -19.00
C GLY A 119 3.12 -8.82 -19.65
N LYS A 120 2.96 -8.91 -20.94
CA LYS A 120 3.18 -10.21 -21.62
C LYS A 120 4.67 -10.41 -21.89
N SER A 121 5.14 -11.63 -21.81
CA SER A 121 6.59 -11.88 -22.05
C SER A 121 6.80 -12.24 -23.52
N ALA A 35 5.12 0.49 -21.03
CA ALA A 35 4.73 1.52 -20.03
C ALA A 35 5.86 1.69 -19.01
N PRO A 36 6.57 2.82 -19.07
CA PRO A 36 7.68 3.12 -18.16
C PRO A 36 7.18 3.38 -16.74
N ARG A 37 5.90 3.40 -16.54
CA ARG A 37 5.35 3.65 -15.17
C ARG A 37 4.35 2.54 -14.81
N LYS A 38 4.43 2.02 -13.62
CA LYS A 38 3.47 0.95 -13.20
C LYS A 38 2.94 1.26 -11.80
N GLY A 39 2.42 0.28 -11.12
CA GLY A 39 1.89 0.53 -9.75
C GLY A 39 1.52 -0.81 -9.09
N ASN A 40 1.24 -0.79 -7.82
CA ASN A 40 0.87 -2.04 -7.11
C ASN A 40 -0.04 -1.70 -5.92
N THR A 41 -1.32 -1.83 -6.09
CA THR A 41 -2.26 -1.50 -4.98
C THR A 41 -2.03 -2.46 -3.80
N LEU A 42 -1.97 -1.92 -2.61
CA LEU A 42 -1.75 -2.79 -1.42
C LEU A 42 -2.93 -2.62 -0.46
N TYR A 43 -3.18 -3.61 0.37
CA TYR A 43 -4.31 -3.51 1.33
C TYR A 43 -3.77 -3.36 2.75
N VAL A 44 -4.20 -2.36 3.45
CA VAL A 44 -3.72 -2.15 4.84
C VAL A 44 -4.91 -2.06 5.80
N TYR A 45 -4.83 -2.71 6.92
CA TYR A 45 -5.96 -2.66 7.89
C TYR A 45 -5.43 -2.25 9.27
N GLY A 46 -6.12 -1.37 9.94
CA GLY A 46 -5.65 -0.94 11.29
C GLY A 46 -6.71 -0.03 11.92
N GLU A 47 -6.36 0.69 12.94
CA GLU A 47 -7.34 1.60 13.61
C GLU A 47 -6.84 3.04 13.55
N ASP A 48 -7.73 3.99 13.44
CA ASP A 48 -7.29 5.42 13.38
C ASP A 48 -6.09 5.54 12.44
N MET A 49 -6.22 5.07 11.24
CA MET A 49 -5.09 5.17 10.28
C MET A 49 -5.28 6.39 9.38
N THR A 50 -4.23 7.14 9.15
CA THR A 50 -4.35 8.34 8.28
C THR A 50 -3.43 8.19 7.07
N PRO A 51 -3.67 8.99 6.01
CA PRO A 51 -2.87 8.94 4.78
C PRO A 51 -1.47 9.49 5.00
N THR A 52 -1.36 10.66 5.59
CA THR A 52 -0.02 11.25 5.83
C THR A 52 0.86 10.24 6.58
N LEU A 53 0.33 9.64 7.61
CA LEU A 53 1.12 8.64 8.38
C LEU A 53 1.48 7.48 7.45
N LEU A 54 0.50 6.83 6.87
CA LEU A 54 0.78 5.69 5.97
C LEU A 54 1.77 6.14 4.89
N ARG A 55 1.50 7.25 4.25
CA ARG A 55 2.43 7.73 3.19
C ARG A 55 3.87 7.59 3.68
N GLY A 56 4.13 7.98 4.90
CA GLY A 56 5.52 7.86 5.45
C GLY A 56 5.87 6.38 5.61
N ALA A 57 4.89 5.57 5.94
CA ALA A 57 5.17 4.12 6.13
C ALA A 57 5.41 3.47 4.76
N PHE A 58 4.96 4.10 3.70
CA PHE A 58 5.16 3.54 2.35
C PHE A 58 6.02 4.49 1.51
N SER A 59 6.55 5.52 2.13
CA SER A 59 7.38 6.49 1.39
C SER A 59 8.79 5.92 1.12
N PRO A 60 9.45 5.38 2.16
CA PRO A 60 10.80 4.83 2.02
C PRO A 60 10.81 3.50 1.23
N PHE A 61 9.78 2.71 1.37
CA PHE A 61 9.74 1.42 0.63
C PHE A 61 9.77 1.70 -0.88
N GLY A 62 9.00 2.65 -1.33
CA GLY A 62 8.98 2.97 -2.79
C GLY A 62 8.11 4.20 -3.03
N ASN A 63 7.80 4.49 -4.27
CA ASN A 63 6.96 5.68 -4.57
C ASN A 63 5.50 5.24 -4.74
N ILE A 64 4.57 6.05 -4.31
CA ILE A 64 3.14 5.68 -4.45
C ILE A 64 2.50 6.50 -5.57
N ILE A 65 1.82 5.87 -6.48
CA ILE A 65 1.19 6.61 -7.60
C ILE A 65 -0.29 6.87 -7.27
N ASP A 66 -0.84 6.10 -6.38
CA ASP A 66 -2.28 6.30 -6.03
C ASP A 66 -2.48 6.00 -4.54
N LEU A 67 -2.73 7.01 -3.75
CA LEU A 67 -2.94 6.77 -2.29
C LEU A 67 -4.41 6.97 -1.95
N SER A 68 -5.05 5.96 -1.41
CA SER A 68 -6.49 6.09 -1.06
C SER A 68 -6.71 5.60 0.38
N MET A 69 -7.52 6.28 1.13
CA MET A 69 -7.77 5.85 2.54
C MET A 69 -9.24 5.44 2.69
N ASP A 70 -9.51 4.53 3.59
CA ASP A 70 -10.92 4.08 3.78
C ASP A 70 -11.26 4.08 5.28
N PRO A 71 -11.88 5.17 5.76
CA PRO A 71 -12.26 5.30 7.17
C PRO A 71 -13.48 4.45 7.56
N PRO A 72 -14.41 4.16 6.63
CA PRO A 72 -15.59 3.36 6.95
C PRO A 72 -15.25 1.88 7.11
N ARG A 73 -14.22 1.41 6.47
CA ARG A 73 -13.83 -0.02 6.57
C ARG A 73 -12.55 -0.15 7.39
N ASN A 74 -11.98 0.95 7.80
CA ASN A 74 -10.72 0.88 8.61
C ASN A 74 -9.62 0.23 7.76
N CYS A 75 -9.51 0.61 6.52
CA CYS A 75 -8.46 0.02 5.65
C CYS A 75 -7.97 1.06 4.64
N ALA A 76 -6.70 1.09 4.36
CA ALA A 76 -6.18 2.09 3.39
C ALA A 76 -5.65 1.37 2.14
N PHE A 77 -5.49 2.08 1.06
CA PHE A 77 -4.99 1.44 -0.19
C PHE A 77 -3.73 2.17 -0.67
N VAL A 78 -2.69 1.44 -0.97
CA VAL A 78 -1.43 2.11 -1.43
C VAL A 78 -0.97 1.45 -2.73
N THR A 79 -0.65 2.24 -3.73
CA THR A 79 -0.18 1.66 -5.02
C THR A 79 1.33 1.88 -5.17
N TYR A 80 2.08 0.82 -5.35
CA TYR A 80 3.55 0.96 -5.51
C TYR A 80 3.92 0.85 -6.98
N GLU A 81 4.63 1.81 -7.50
CA GLU A 81 5.01 1.76 -8.95
C GLU A 81 5.47 0.34 -9.30
N LYS A 82 6.32 -0.23 -8.51
CA LYS A 82 6.80 -1.62 -8.81
C LYS A 82 6.25 -2.58 -7.77
N MET A 83 6.10 -3.84 -8.13
CA MET A 83 5.57 -4.83 -7.16
C MET A 83 6.64 -5.13 -6.10
N GLU A 84 7.86 -4.80 -6.38
CA GLU A 84 8.95 -5.08 -5.40
C GLU A 84 8.81 -4.12 -4.21
N SER A 85 8.50 -2.88 -4.46
CA SER A 85 8.35 -1.91 -3.35
C SER A 85 7.26 -2.39 -2.40
N ALA A 86 6.19 -2.93 -2.92
CA ALA A 86 5.10 -3.43 -2.05
C ALA A 86 5.58 -4.64 -1.25
N ASP A 87 6.37 -5.48 -1.87
CA ASP A 87 6.87 -6.69 -1.15
C ASP A 87 7.69 -6.25 0.07
N GLN A 88 8.50 -5.23 -0.07
CA GLN A 88 9.31 -4.77 1.09
C GLN A 88 8.40 -4.02 2.08
N ALA A 89 7.52 -3.20 1.59
CA ALA A 89 6.61 -2.45 2.50
C ALA A 89 5.62 -3.42 3.15
N VAL A 90 5.02 -4.27 2.37
CA VAL A 90 4.03 -5.24 2.94
C VAL A 90 4.76 -6.19 3.89
N ALA A 91 5.79 -6.85 3.43
CA ALA A 91 6.53 -7.80 4.30
C ALA A 91 7.13 -7.05 5.50
N GLU A 92 7.64 -5.88 5.28
CA GLU A 92 8.24 -5.11 6.41
C GLU A 92 7.13 -4.47 7.24
N LEU A 93 6.17 -3.85 6.62
CA LEU A 93 5.06 -3.21 7.38
C LEU A 93 4.22 -4.28 8.06
N ASN A 94 4.01 -5.39 7.41
CA ASN A 94 3.19 -6.47 8.02
C ASN A 94 3.87 -6.96 9.31
N GLY A 95 3.10 -7.22 10.32
CA GLY A 95 3.70 -7.71 11.60
C GLY A 95 4.40 -6.55 12.30
N THR A 96 3.92 -5.35 12.12
CA THR A 96 4.56 -4.18 12.78
C THR A 96 3.54 -3.47 13.67
N GLN A 97 3.98 -2.91 14.78
CA GLN A 97 3.02 -2.22 15.68
C GLN A 97 3.39 -0.72 15.76
N VAL A 98 2.41 0.13 15.71
CA VAL A 98 2.71 1.60 15.78
C VAL A 98 2.87 2.01 17.24
N GLU A 99 2.51 3.23 17.56
CA GLU A 99 2.64 3.68 18.97
C GLU A 99 1.82 2.78 19.90
N SER A 100 0.68 2.33 19.43
CA SER A 100 -0.17 1.45 20.26
C SER A 100 -1.16 0.70 19.37
N VAL A 101 -0.86 0.54 18.12
CA VAL A 101 -1.78 -0.18 17.20
C VAL A 101 -0.98 -1.17 16.34
N GLN A 102 -1.63 -2.17 15.82
CA GLN A 102 -0.90 -3.16 14.98
C GLN A 102 -1.19 -2.88 13.50
N LEU A 103 -0.36 -3.38 12.62
CA LEU A 103 -0.60 -3.14 11.16
C LEU A 103 -0.93 -4.46 10.47
N LYS A 104 -1.93 -4.46 9.63
CA LYS A 104 -2.30 -5.71 8.91
C LYS A 104 -2.35 -5.41 7.41
N VAL A 105 -1.28 -5.65 6.72
CA VAL A 105 -1.26 -5.37 5.25
C VAL A 105 -1.58 -6.65 4.47
N ASN A 106 -2.34 -6.54 3.42
CA ASN A 106 -2.69 -7.73 2.60
C ASN A 106 -2.69 -7.34 1.12
N ILE A 107 -3.25 -8.17 0.28
CA ILE A 107 -3.27 -7.84 -1.18
C ILE A 107 -4.62 -7.21 -1.53
N ALA A 108 -4.61 -6.11 -2.24
CA ALA A 108 -5.89 -5.45 -2.62
C ALA A 108 -6.11 -5.58 -4.12
N ARG A 109 -7.27 -5.23 -4.61
CA ARG A 109 -7.55 -5.33 -6.06
C ARG A 109 -6.35 -4.78 -6.84
N LYS A 110 -6.09 -5.32 -8.00
CA LYS A 110 -4.94 -4.82 -8.81
C LYS A 110 -5.39 -3.66 -9.68
N GLN A 111 -4.96 -2.47 -9.35
CA GLN A 111 -5.36 -1.28 -10.16
C GLN A 111 -5.30 -1.61 -11.65
N PRO A 112 -6.36 -1.23 -12.39
CA PRO A 112 -6.45 -1.50 -13.83
C PRO A 112 -5.60 -0.51 -14.64
N MET A 113 -5.35 0.65 -14.10
CA MET A 113 -4.53 1.66 -14.83
C MET A 113 -3.32 0.97 -15.49
N LEU A 114 -2.88 -0.14 -14.94
CA LEU A 114 -1.72 -0.84 -15.55
C LEU A 114 -1.63 -2.25 -14.98
N ASP A 115 -2.73 -2.81 -14.57
CA ASP A 115 -2.70 -4.19 -14.01
C ASP A 115 -1.53 -4.31 -13.04
N ALA A 116 -1.32 -3.32 -12.22
CA ALA A 116 -0.19 -3.36 -11.24
C ALA A 116 1.13 -3.16 -11.99
N ALA A 117 1.68 -4.20 -12.54
CA ALA A 117 2.97 -4.06 -13.28
C ALA A 117 3.29 -5.36 -14.01
N THR A 118 2.30 -6.11 -14.38
CA THR A 118 2.56 -7.39 -15.09
C THR A 118 1.89 -7.36 -16.48
N GLY A 119 1.31 -6.25 -16.84
CA GLY A 119 0.64 -6.17 -18.17
C GLY A 119 1.59 -6.68 -19.25
N LYS A 120 2.86 -6.40 -19.12
CA LYS A 120 3.83 -6.85 -20.15
C LYS A 120 3.71 -8.37 -20.32
N SER A 121 3.40 -9.07 -19.27
CA SER A 121 3.27 -10.56 -19.37
C SER A 121 1.93 -10.91 -20.02
N ALA A 35 0.76 10.83 -16.68
CA ALA A 35 1.34 9.64 -17.35
C ALA A 35 1.84 8.64 -16.31
N PRO A 36 0.94 8.16 -15.45
CA PRO A 36 1.27 7.20 -14.39
C PRO A 36 1.61 5.82 -14.96
N ARG A 37 2.56 5.14 -14.39
CA ARG A 37 2.94 3.79 -14.89
C ARG A 37 2.82 2.78 -13.76
N LYS A 38 2.56 1.54 -14.09
CA LYS A 38 2.42 0.51 -13.03
C LYS A 38 1.55 1.04 -11.89
N GLY A 39 1.52 0.37 -10.78
CA GLY A 39 0.68 0.85 -9.64
C GLY A 39 0.09 -0.33 -8.90
N ASN A 40 0.86 -1.01 -8.10
CA ASN A 40 0.33 -2.17 -7.35
C ASN A 40 -0.40 -1.67 -6.10
N THR A 41 -1.68 -1.91 -6.01
CA THR A 41 -2.45 -1.43 -4.83
C THR A 41 -2.15 -2.31 -3.61
N LEU A 42 -2.23 -1.76 -2.44
CA LEU A 42 -1.94 -2.56 -1.21
C LEU A 42 -3.12 -2.44 -0.24
N TYR A 43 -3.40 -3.47 0.50
CA TYR A 43 -4.53 -3.41 1.46
C TYR A 43 -3.98 -3.19 2.88
N VAL A 44 -4.30 -2.07 3.48
CA VAL A 44 -3.80 -1.80 4.86
C VAL A 44 -4.98 -1.76 5.83
N TYR A 45 -4.80 -2.26 7.03
CA TYR A 45 -5.92 -2.25 8.01
C TYR A 45 -5.39 -1.79 9.37
N GLY A 46 -6.19 -1.04 10.10
CA GLY A 46 -5.73 -0.57 11.44
C GLY A 46 -6.68 0.52 11.95
N GLU A 47 -6.37 1.11 13.07
CA GLU A 47 -7.25 2.19 13.61
C GLU A 47 -6.56 3.54 13.44
N ASP A 48 -7.33 4.61 13.46
CA ASP A 48 -6.72 5.96 13.30
C ASP A 48 -5.68 5.93 12.18
N MET A 49 -6.01 5.33 11.06
CA MET A 49 -5.04 5.26 9.94
C MET A 49 -5.14 6.54 9.10
N THR A 50 -4.03 7.14 8.79
CA THR A 50 -4.07 8.40 7.97
C THR A 50 -3.25 8.18 6.69
N PRO A 51 -3.50 9.01 5.67
CA PRO A 51 -2.80 8.93 4.39
C PRO A 51 -1.33 9.37 4.52
N THR A 52 -1.09 10.44 5.24
CA THR A 52 0.30 10.91 5.41
C THR A 52 1.10 9.87 6.18
N LEU A 53 0.56 9.38 7.27
CA LEU A 53 1.29 8.36 8.06
C LEU A 53 1.61 7.16 7.17
N LEU A 54 0.62 6.62 6.50
CA LEU A 54 0.87 5.45 5.61
C LEU A 54 1.93 5.84 4.57
N ARG A 55 1.79 6.98 3.97
CA ARG A 55 2.79 7.41 2.94
C ARG A 55 4.20 7.23 3.50
N GLY A 56 4.37 7.47 4.78
CA GLY A 56 5.73 7.31 5.39
C GLY A 56 6.05 5.82 5.50
N ALA A 57 5.07 5.01 5.79
CA ALA A 57 5.32 3.54 5.92
C ALA A 57 5.58 2.95 4.53
N PHE A 58 5.05 3.56 3.51
CA PHE A 58 5.27 3.04 2.13
C PHE A 58 6.10 4.04 1.34
N SER A 59 6.62 5.05 1.98
CA SER A 59 7.43 6.07 1.26
C SER A 59 8.81 5.50 0.92
N PRO A 60 9.57 5.07 1.94
CA PRO A 60 10.91 4.50 1.76
C PRO A 60 10.87 3.14 1.07
N PHE A 61 9.80 2.41 1.23
CA PHE A 61 9.70 1.08 0.58
C PHE A 61 9.64 1.24 -0.94
N GLY A 62 9.03 2.30 -1.41
CA GLY A 62 8.94 2.51 -2.88
C GLY A 62 8.15 3.79 -3.16
N ASN A 63 7.90 4.09 -4.41
CA ASN A 63 7.13 5.31 -4.74
C ASN A 63 5.65 4.98 -4.88
N ILE A 64 4.79 5.83 -4.39
CA ILE A 64 3.32 5.56 -4.49
C ILE A 64 2.73 6.40 -5.61
N ILE A 65 1.98 5.80 -6.49
CA ILE A 65 1.36 6.57 -7.61
C ILE A 65 -0.06 6.96 -7.23
N ASP A 66 -0.64 6.30 -6.26
CA ASP A 66 -2.03 6.64 -5.85
C ASP A 66 -2.18 6.42 -4.34
N LEU A 67 -2.96 7.26 -3.70
CA LEU A 67 -3.15 7.11 -2.22
C LEU A 67 -4.65 7.03 -1.92
N SER A 68 -5.12 5.89 -1.50
CA SER A 68 -6.57 5.76 -1.20
C SER A 68 -6.75 5.40 0.28
N MET A 69 -7.67 6.04 0.95
CA MET A 69 -7.89 5.74 2.39
C MET A 69 -9.33 5.27 2.59
N ASP A 70 -9.57 4.38 3.51
CA ASP A 70 -10.96 3.89 3.74
C ASP A 70 -11.28 3.99 5.25
N PRO A 71 -11.90 5.10 5.66
CA PRO A 71 -12.27 5.32 7.06
C PRO A 71 -13.50 4.50 7.52
N PRO A 72 -14.42 4.14 6.60
CA PRO A 72 -15.61 3.37 6.99
C PRO A 72 -15.27 1.90 7.24
N ARG A 73 -14.17 1.43 6.70
CA ARG A 73 -13.80 0.01 6.92
C ARG A 73 -12.49 -0.06 7.71
N ASN A 74 -11.98 1.06 8.14
CA ASN A 74 -10.72 1.06 8.91
C ASN A 74 -9.60 0.43 8.08
N CYS A 75 -9.46 0.84 6.86
CA CYS A 75 -8.39 0.27 5.98
C CYS A 75 -7.96 1.30 4.95
N ALA A 76 -6.76 1.22 4.47
CA ALA A 76 -6.27 2.18 3.46
C ALA A 76 -5.72 1.43 2.24
N PHE A 77 -5.63 2.08 1.12
CA PHE A 77 -5.10 1.38 -0.09
C PHE A 77 -3.93 2.19 -0.66
N VAL A 78 -2.81 1.56 -0.86
CA VAL A 78 -1.64 2.28 -1.42
C VAL A 78 -1.23 1.65 -2.76
N THR A 79 -0.84 2.45 -3.70
CA THR A 79 -0.43 1.88 -5.03
C THR A 79 1.08 2.03 -5.20
N TYR A 80 1.75 0.95 -5.52
CA TYR A 80 3.23 1.02 -5.70
C TYR A 80 3.57 1.01 -7.18
N GLU A 81 4.64 1.66 -7.56
CA GLU A 81 5.02 1.67 -9.01
C GLU A 81 5.62 0.33 -9.39
N LYS A 82 6.12 -0.41 -8.43
CA LYS A 82 6.71 -1.74 -8.73
C LYS A 82 6.14 -2.78 -7.76
N MET A 83 5.79 -3.94 -8.25
CA MET A 83 5.23 -4.99 -7.36
C MET A 83 6.28 -5.36 -6.30
N GLU A 84 7.52 -5.02 -6.53
CA GLU A 84 8.57 -5.36 -5.55
C GLU A 84 8.41 -4.49 -4.30
N SER A 85 8.13 -3.23 -4.48
CA SER A 85 7.95 -2.33 -3.31
C SER A 85 6.80 -2.84 -2.44
N ALA A 86 5.75 -3.30 -3.06
CA ALA A 86 4.58 -3.81 -2.26
C ALA A 86 5.02 -5.04 -1.46
N ASP A 87 5.78 -5.92 -2.05
CA ASP A 87 6.23 -7.13 -1.33
C ASP A 87 7.16 -6.73 -0.17
N GLN A 88 8.02 -5.77 -0.40
CA GLN A 88 8.94 -5.33 0.68
C GLN A 88 8.15 -4.62 1.78
N ALA A 89 7.21 -3.79 1.41
CA ALA A 89 6.41 -3.07 2.44
C ALA A 89 5.42 -4.04 3.08
N VAL A 90 4.78 -4.86 2.31
CA VAL A 90 3.80 -5.83 2.88
C VAL A 90 4.51 -6.75 3.88
N ALA A 91 5.75 -7.07 3.64
CA ALA A 91 6.49 -7.97 4.57
C ALA A 91 6.98 -7.18 5.79
N GLU A 92 7.64 -6.08 5.57
CA GLU A 92 8.17 -5.27 6.71
C GLU A 92 7.01 -4.56 7.41
N LEU A 93 6.11 -3.99 6.67
CA LEU A 93 4.96 -3.26 7.30
C LEU A 93 4.03 -4.26 8.00
N ASN A 94 3.87 -5.42 7.43
CA ASN A 94 2.97 -6.43 8.05
C ASN A 94 3.69 -7.09 9.24
N GLY A 95 3.05 -7.15 10.38
CA GLY A 95 3.70 -7.78 11.56
C GLY A 95 4.36 -6.70 12.41
N THR A 96 3.94 -5.47 12.26
CA THR A 96 4.54 -4.38 13.07
C THR A 96 3.47 -3.73 13.94
N GLN A 97 3.86 -3.10 15.02
CA GLN A 97 2.86 -2.45 15.91
C GLN A 97 3.24 -0.99 16.12
N VAL A 98 2.28 -0.14 16.38
CA VAL A 98 2.59 1.30 16.59
C VAL A 98 2.60 1.59 18.10
N GLU A 99 2.42 2.83 18.47
CA GLU A 99 2.41 3.19 19.91
C GLU A 99 1.37 2.34 20.64
N SER A 100 0.24 2.12 20.04
CA SER A 100 -0.82 1.31 20.70
C SER A 100 -1.80 0.78 19.64
N VAL A 101 -1.34 0.60 18.44
CA VAL A 101 -2.23 0.09 17.36
C VAL A 101 -1.48 -0.91 16.49
N GLN A 102 -2.16 -1.89 15.96
CA GLN A 102 -1.47 -2.90 15.11
C GLN A 102 -1.62 -2.51 13.63
N LEU A 103 -0.61 -2.74 12.84
CA LEU A 103 -0.68 -2.38 11.40
C LEU A 103 -0.76 -3.65 10.56
N LYS A 104 -1.61 -3.68 9.58
CA LYS A 104 -1.73 -4.89 8.72
C LYS A 104 -1.57 -4.51 7.26
N VAL A 105 -0.70 -5.19 6.55
CA VAL A 105 -0.48 -4.86 5.12
C VAL A 105 -0.79 -6.09 4.26
N ASN A 106 -1.33 -5.90 3.09
CA ASN A 106 -1.65 -7.07 2.22
C ASN A 106 -1.76 -6.60 0.77
N ILE A 107 -2.31 -7.41 -0.08
CA ILE A 107 -2.45 -7.02 -1.51
C ILE A 107 -3.91 -6.68 -1.81
N ALA A 108 -4.17 -5.50 -2.30
CA ALA A 108 -5.58 -5.11 -2.60
C ALA A 108 -5.88 -5.44 -4.07
N ARG A 109 -6.85 -4.78 -4.65
CA ARG A 109 -7.20 -5.06 -6.06
C ARG A 109 -5.93 -5.08 -6.90
N LYS A 110 -6.01 -5.60 -8.10
CA LYS A 110 -4.79 -5.66 -8.97
C LYS A 110 -4.58 -4.31 -9.65
N GLN A 111 -5.34 -3.32 -9.28
CA GLN A 111 -5.19 -1.98 -9.91
C GLN A 111 -5.32 -2.11 -11.44
N PRO A 112 -6.50 -1.77 -11.96
CA PRO A 112 -6.77 -1.85 -13.41
C PRO A 112 -6.01 -0.76 -14.18
N MET A 113 -5.72 0.34 -13.54
CA MET A 113 -4.99 1.44 -14.23
C MET A 113 -3.84 0.83 -15.03
N LEU A 114 -3.34 -0.30 -14.60
CA LEU A 114 -2.21 -0.96 -15.34
C LEU A 114 -2.01 -2.37 -14.78
N ASP A 115 -3.05 -2.97 -14.25
CA ASP A 115 -2.91 -4.34 -13.70
C ASP A 115 -1.74 -4.36 -12.72
N ALA A 116 -1.57 -3.30 -11.97
CA ALA A 116 -0.44 -3.25 -10.99
C ALA A 116 0.86 -2.96 -11.73
N ALA A 117 1.42 -3.95 -12.37
CA ALA A 117 2.69 -3.74 -13.11
C ALA A 117 2.98 -4.94 -14.01
N THR A 118 2.16 -5.16 -14.99
CA THR A 118 2.40 -6.31 -15.90
C THR A 118 2.54 -5.81 -17.34
N GLY A 119 3.11 -6.60 -18.20
CA GLY A 119 3.29 -6.17 -19.61
C GLY A 119 4.52 -5.28 -19.72
N LYS A 120 5.39 -5.34 -18.74
CA LYS A 120 6.62 -4.49 -18.79
C LYS A 120 7.35 -4.71 -20.12
N SER A 121 7.29 -5.91 -20.64
CA SER A 121 7.98 -6.19 -21.94
C SER A 121 6.96 -6.68 -22.96
#